data_3SQ6
#
_entry.id   3SQ6
#
_cell.length_a   81.237
_cell.length_b   141.069
_cell.length_c   130.207
_cell.angle_alpha   90.00
_cell.angle_beta   99.65
_cell.angle_gamma   90.00
#
_symmetry.space_group_name_H-M   'P 1 21 1'
#
loop_
_entity.id
_entity.type
_entity.pdbx_description
1 polymer 'Neuronal acetylcholine receptor subunit alpha-7, Acetylcholine-binding protein'
2 branched 2-acetamido-2-deoxy-beta-D-glucopyranose-(1-4)-2-acetamido-2-deoxy-beta-D-glucopyranose
3 non-polymer EPIBATIDINE
4 non-polymer 2-acetamido-2-deoxy-beta-D-glucopyranose
5 water water
#
_entity_poly.entity_id   1
_entity_poly.type   'polypeptide(L)'
_entity_poly.pdbx_seq_one_letter_code
;EFQRKLYKELVKNYNPDVIPTQRDRPVTVYFSLSLLQIMDVDEKNQVVDVVFWLQMSWTDHYLQWNVSEYPGVKQVSVPI
SSLWVPDLAAYNAISKPEVLTPQLALVNSSGHVQYLPSIRQRFSCDVSGVDTESGATCKLKFGSWTHHSRELDLQMQEAD
ISGYIPYSRFELVGVTQKRSERFYECCKEPYPDVTFTVTFRKKG
;
_entity_poly.pdbx_strand_id   A,B,C,D,E,F,G,H,I,J
#
# COMPACT_ATOMS: atom_id res chain seq x y z
N GLU A 1 11.05 3.83 -19.11
CA GLU A 1 10.52 2.79 -18.23
C GLU A 1 10.82 3.10 -16.77
N PHE A 2 9.84 2.85 -15.91
CA PHE A 2 8.56 2.31 -16.33
C PHE A 2 7.61 3.42 -16.77
N GLN A 3 7.03 4.10 -15.80
CA GLN A 3 6.09 5.19 -16.08
C GLN A 3 4.86 4.68 -16.83
N ARG A 4 4.24 3.64 -16.29
CA ARG A 4 3.05 3.05 -16.91
C ARG A 4 1.78 3.66 -16.34
N LYS A 5 1.74 4.99 -16.28
CA LYS A 5 0.60 5.69 -15.75
C LYS A 5 -0.02 5.98 -17.11
N LEU A 6 0.64 5.43 -18.13
CA LEU A 6 0.22 5.55 -19.52
C LEU A 6 -0.92 4.54 -19.75
N TYR A 7 -0.85 3.38 -19.10
CA TYR A 7 -1.91 2.41 -19.24
C TYR A 7 -3.13 3.03 -18.58
N LYS A 8 -2.96 3.65 -17.43
CA LYS A 8 -4.08 4.28 -16.73
C LYS A 8 -4.76 5.27 -17.67
N GLU A 9 -3.95 5.96 -18.46
CA GLU A 9 -4.46 6.95 -19.41
C GLU A 9 -5.09 6.32 -20.65
N LEU A 10 -4.34 5.43 -21.31
CA LEU A 10 -4.80 4.75 -22.51
C LEU A 10 -6.14 4.02 -22.35
N VAL A 11 -6.51 3.70 -21.13
CA VAL A 11 -7.77 2.99 -20.92
C VAL A 11 -8.81 3.79 -20.16
N LYS A 12 -8.53 5.08 -19.93
CA LYS A 12 -9.46 5.93 -19.20
C LYS A 12 -10.83 6.02 -19.88
N ASN A 13 -10.97 6.94 -20.83
CA ASN A 13 -12.23 7.07 -21.55
C ASN A 13 -12.14 6.23 -22.82
N TYR A 14 -11.88 4.95 -22.63
CA TYR A 14 -11.74 4.05 -23.77
C TYR A 14 -12.69 2.88 -23.72
N ASN A 15 -13.49 2.75 -24.78
CA ASN A 15 -14.47 1.68 -24.94
C ASN A 15 -13.98 0.83 -26.11
N PRO A 16 -13.55 -0.42 -25.82
CA PRO A 16 -13.04 -1.33 -26.85
C PRO A 16 -14.10 -1.81 -27.84
N ASP A 17 -15.37 -1.49 -27.57
CA ASP A 17 -16.45 -1.88 -28.47
C ASP A 17 -16.67 -0.84 -29.57
N VAL A 18 -15.91 0.25 -29.51
CA VAL A 18 -16.03 1.33 -30.48
C VAL A 18 -14.95 1.36 -31.55
N ILE A 19 -15.33 1.10 -32.80
CA ILE A 19 -14.38 1.14 -33.90
C ILE A 19 -13.91 2.60 -33.98
N PRO A 20 -12.58 2.83 -33.87
CA PRO A 20 -11.99 4.17 -33.92
C PRO A 20 -12.04 4.87 -35.27
N THR A 21 -13.21 4.91 -35.89
CA THR A 21 -13.34 5.58 -37.18
C THR A 21 -13.44 7.06 -36.90
N GLN A 22 -13.73 7.84 -37.93
CA GLN A 22 -13.85 9.27 -37.75
C GLN A 22 -14.31 9.98 -39.00
N ARG A 23 -15.59 10.38 -38.97
CA ARG A 23 -16.22 11.12 -40.05
C ARG A 23 -15.60 10.94 -41.42
N ASP A 24 -16.20 10.06 -42.21
CA ASP A 24 -15.71 9.82 -43.56
C ASP A 24 -14.29 9.26 -43.62
N ARG A 25 -13.84 8.67 -42.54
CA ARG A 25 -12.50 8.09 -42.53
C ARG A 25 -12.60 6.69 -41.98
N PRO A 26 -12.77 5.68 -42.85
CA PRO A 26 -12.86 4.35 -42.29
C PRO A 26 -11.50 3.95 -41.68
N VAL A 27 -11.51 3.11 -40.66
CA VAL A 27 -10.27 2.63 -40.06
C VAL A 27 -9.72 1.63 -41.06
N THR A 28 -8.48 1.81 -41.51
CA THR A 28 -7.96 0.85 -42.46
C THR A 28 -7.04 -0.14 -41.73
N VAL A 29 -7.37 -1.43 -41.85
CA VAL A 29 -6.58 -2.47 -41.21
C VAL A 29 -5.85 -3.28 -42.28
N TYR A 30 -4.55 -3.49 -42.06
CA TYR A 30 -3.73 -4.24 -43.00
C TYR A 30 -3.71 -5.69 -42.55
N PHE A 31 -4.08 -6.57 -43.45
CA PHE A 31 -4.18 -7.99 -43.15
C PHE A 31 -3.29 -8.82 -44.03
N SER A 32 -2.67 -9.84 -43.43
CA SER A 32 -1.80 -10.76 -44.16
C SER A 32 -1.73 -12.11 -43.46
N LEU A 33 -1.75 -13.19 -44.24
CA LEU A 33 -1.69 -14.52 -43.66
C LEU A 33 -0.41 -15.29 -43.99
N SER A 34 0.28 -15.76 -42.96
CA SER A 34 1.50 -16.52 -43.14
C SER A 34 1.17 -17.99 -42.87
N LEU A 35 1.04 -18.78 -43.93
CA LEU A 35 0.71 -20.20 -43.80
C LEU A 35 1.90 -20.91 -43.16
N LEU A 36 1.67 -21.61 -42.05
CA LEU A 36 2.74 -22.34 -41.38
C LEU A 36 2.66 -23.84 -41.61
N GLN A 37 1.45 -24.38 -41.64
CA GLN A 37 1.30 -25.81 -41.86
C GLN A 37 -0.11 -26.24 -42.20
N ILE A 38 -0.20 -27.29 -43.00
CA ILE A 38 -1.48 -27.86 -43.36
C ILE A 38 -1.50 -29.18 -42.59
N MET A 39 -2.10 -29.14 -41.40
CA MET A 39 -2.17 -30.27 -40.51
C MET A 39 -2.80 -31.51 -41.09
N ASP A 40 -4.03 -31.40 -41.54
CA ASP A 40 -4.73 -32.54 -42.10
C ASP A 40 -5.68 -32.13 -43.18
N VAL A 41 -6.25 -33.12 -43.85
CA VAL A 41 -7.22 -32.93 -44.91
C VAL A 41 -8.24 -34.06 -44.78
N ASP A 42 -9.49 -33.70 -44.55
CA ASP A 42 -10.55 -34.70 -44.42
C ASP A 42 -11.18 -34.78 -45.79
N GLU A 43 -10.90 -35.85 -46.51
CA GLU A 43 -11.43 -36.01 -47.86
C GLU A 43 -12.90 -36.42 -47.85
N LYS A 44 -13.32 -37.00 -46.74
CA LYS A 44 -14.69 -37.45 -46.58
C LYS A 44 -15.63 -36.31 -46.27
N ASN A 45 -15.15 -35.36 -45.47
CA ASN A 45 -15.97 -34.21 -45.06
C ASN A 45 -15.57 -32.89 -45.68
N GLN A 46 -14.51 -32.91 -46.47
CA GLN A 46 -14.04 -31.72 -47.16
C GLN A 46 -13.63 -30.57 -46.25
N VAL A 47 -12.56 -30.78 -45.47
CA VAL A 47 -12.05 -29.75 -44.56
C VAL A 47 -10.53 -29.82 -44.52
N VAL A 48 -9.89 -28.72 -44.13
CA VAL A 48 -8.44 -28.66 -43.97
C VAL A 48 -8.16 -28.09 -42.60
N ASP A 49 -7.18 -28.65 -41.92
CA ASP A 49 -6.80 -28.16 -40.62
C ASP A 49 -5.58 -27.32 -40.99
N VAL A 50 -5.57 -26.06 -40.58
CA VAL A 50 -4.48 -25.17 -40.92
C VAL A 50 -3.94 -24.39 -39.73
N VAL A 51 -2.63 -24.15 -39.73
CA VAL A 51 -2.01 -23.36 -38.67
C VAL A 51 -1.39 -22.14 -39.37
N PHE A 52 -1.73 -20.94 -38.92
CA PHE A 52 -1.20 -19.73 -39.55
C PHE A 52 -0.95 -18.52 -38.62
N TRP A 53 -0.16 -17.56 -39.08
CA TRP A 53 0.15 -16.33 -38.34
C TRP A 53 -0.78 -15.34 -39.04
N LEU A 54 -1.57 -14.56 -38.30
CA LEU A 54 -2.39 -13.54 -38.93
C LEU A 54 -1.68 -12.27 -38.56
N GLN A 55 -1.33 -11.47 -39.56
CA GLN A 55 -0.66 -10.21 -39.30
C GLN A 55 -1.63 -9.06 -39.52
N MET A 56 -2.06 -8.44 -38.44
CA MET A 56 -2.98 -7.30 -38.51
C MET A 56 -2.41 -6.04 -37.89
N SER A 57 -2.65 -4.91 -38.53
CA SER A 57 -2.19 -3.62 -38.04
C SER A 57 -3.18 -2.55 -38.49
N TRP A 58 -3.35 -1.54 -37.67
CA TRP A 58 -4.27 -0.45 -37.95
C TRP A 58 -3.91 0.73 -37.04
N THR A 59 -4.66 1.82 -37.13
CA THR A 59 -4.38 2.97 -36.29
C THR A 59 -5.56 3.37 -35.43
N ASP A 60 -5.31 3.45 -34.13
CA ASP A 60 -6.35 3.82 -33.19
C ASP A 60 -5.97 5.23 -32.71
N HIS A 61 -6.61 6.28 -33.21
CA HIS A 61 -6.26 7.62 -32.78
C HIS A 61 -6.43 7.85 -31.28
N TYR A 62 -7.34 7.13 -30.64
CA TYR A 62 -7.53 7.28 -29.20
C TYR A 62 -6.29 6.78 -28.44
N LEU A 63 -5.45 6.01 -29.11
CA LEU A 63 -4.29 5.44 -28.46
C LEU A 63 -2.92 6.05 -28.71
N GLN A 64 -2.84 7.36 -28.84
CA GLN A 64 -1.52 7.97 -29.03
C GLN A 64 -1.19 8.84 -27.83
N TRP A 65 0.09 9.15 -27.66
CA TRP A 65 0.51 9.96 -26.54
C TRP A 65 1.70 10.84 -26.86
N ASN A 66 1.89 11.88 -26.07
CA ASN A 66 3.00 12.82 -26.24
C ASN A 66 4.25 12.10 -25.69
N VAL A 67 5.13 11.66 -26.58
CA VAL A 67 6.32 10.91 -26.16
C VAL A 67 7.14 11.62 -25.08
N SER A 68 6.84 12.91 -24.87
CA SER A 68 7.52 13.72 -23.86
C SER A 68 6.99 13.33 -22.48
N GLU A 69 5.71 13.63 -22.26
CA GLU A 69 5.03 13.33 -21.00
C GLU A 69 5.28 11.94 -20.44
N TYR A 70 5.76 11.02 -21.27
CA TYR A 70 6.06 9.64 -20.86
C TYR A 70 7.44 9.31 -21.44
N PRO A 71 8.51 9.73 -20.74
CA PRO A 71 9.94 9.58 -21.04
C PRO A 71 10.39 8.46 -21.98
N GLY A 72 10.80 7.33 -21.40
CA GLY A 72 11.27 6.24 -22.24
C GLY A 72 10.23 5.38 -22.94
N VAL A 73 8.96 5.56 -22.62
CA VAL A 73 7.89 4.75 -23.22
C VAL A 73 7.73 4.88 -24.75
N LYS A 74 8.29 3.91 -25.48
CA LYS A 74 8.23 3.90 -26.94
C LYS A 74 7.02 3.14 -27.45
N GLN A 75 6.71 2.02 -26.81
CA GLN A 75 5.58 1.19 -27.18
C GLN A 75 5.06 0.47 -25.95
N VAL A 76 3.84 -0.06 -26.04
CA VAL A 76 3.27 -0.81 -24.93
C VAL A 76 2.62 -2.10 -25.41
N SER A 77 2.68 -3.12 -24.57
CA SER A 77 2.11 -4.41 -24.88
C SER A 77 0.80 -4.48 -24.08
N VAL A 78 -0.31 -4.35 -24.80
CA VAL A 78 -1.64 -4.35 -24.21
C VAL A 78 -2.47 -5.61 -24.54
N PRO A 79 -3.37 -6.04 -23.63
CA PRO A 79 -4.22 -7.22 -23.84
C PRO A 79 -5.31 -6.84 -24.87
N ILE A 80 -5.52 -7.66 -25.89
CA ILE A 80 -6.52 -7.27 -26.88
C ILE A 80 -7.91 -7.06 -26.29
N SER A 81 -8.12 -7.55 -25.07
CA SER A 81 -9.41 -7.38 -24.43
C SER A 81 -9.57 -5.94 -23.95
N SER A 82 -8.44 -5.24 -23.90
CA SER A 82 -8.39 -3.87 -23.42
C SER A 82 -8.58 -2.78 -24.48
N LEU A 83 -8.49 -3.15 -25.76
CA LEU A 83 -8.67 -2.18 -26.84
C LEU A 83 -9.51 -2.76 -28.00
N TRP A 84 -9.87 -1.90 -28.95
CA TRP A 84 -10.67 -2.33 -30.10
C TRP A 84 -9.80 -3.14 -31.06
N VAL A 85 -10.36 -4.24 -31.56
CA VAL A 85 -9.66 -5.11 -32.51
C VAL A 85 -10.61 -5.49 -33.64
N PRO A 86 -10.09 -5.53 -34.88
CA PRO A 86 -10.90 -5.88 -36.05
C PRO A 86 -11.67 -7.15 -35.75
N ASP A 87 -12.98 -7.13 -35.99
CA ASP A 87 -13.79 -8.31 -35.76
C ASP A 87 -13.73 -9.20 -37.01
N LEU A 88 -12.52 -9.58 -37.42
CA LEU A 88 -12.33 -10.43 -38.60
C LEU A 88 -12.96 -11.77 -38.38
N ALA A 89 -13.43 -12.39 -39.45
CA ALA A 89 -14.05 -13.69 -39.34
C ALA A 89 -13.62 -14.55 -40.52
N ALA A 90 -13.45 -15.85 -40.26
CA ALA A 90 -13.06 -16.78 -41.33
C ALA A 90 -14.40 -17.21 -41.90
N TYR A 91 -14.81 -16.55 -42.97
CA TYR A 91 -16.10 -16.81 -43.60
C TYR A 91 -16.44 -18.28 -43.86
N ASN A 92 -15.43 -19.08 -44.19
CA ASN A 92 -15.66 -20.48 -44.46
C ASN A 92 -15.02 -21.47 -43.48
N ALA A 93 -14.83 -21.02 -42.24
CA ALA A 93 -14.27 -21.89 -41.21
C ALA A 93 -15.40 -22.76 -40.68
N ILE A 94 -15.08 -24.00 -40.31
CA ILE A 94 -16.10 -24.86 -39.75
C ILE A 94 -15.78 -25.20 -38.30
N SER A 95 -14.89 -24.42 -37.69
CA SER A 95 -14.53 -24.64 -36.30
C SER A 95 -14.12 -23.33 -35.67
N LYS A 96 -14.35 -23.20 -34.37
CA LYS A 96 -13.99 -21.98 -33.65
C LYS A 96 -12.46 -21.84 -33.83
N PRO A 97 -11.95 -20.60 -33.85
CA PRO A 97 -10.51 -20.49 -34.04
C PRO A 97 -9.78 -20.69 -32.72
N GLU A 98 -8.74 -21.52 -32.74
CA GLU A 98 -7.93 -21.80 -31.56
C GLU A 98 -6.69 -20.92 -31.63
N VAL A 99 -6.67 -19.83 -30.87
CA VAL A 99 -5.52 -18.92 -30.85
C VAL A 99 -4.43 -19.46 -29.91
N LEU A 100 -3.28 -19.78 -30.49
CA LEU A 100 -2.12 -20.37 -29.83
C LEU A 100 -1.12 -19.46 -29.10
N THR A 101 -1.16 -18.16 -29.37
CA THR A 101 -0.23 -17.24 -28.73
C THR A 101 -0.90 -16.28 -27.76
N PRO A 102 -0.10 -15.58 -26.93
CA PRO A 102 -0.67 -14.62 -25.97
C PRO A 102 -1.44 -13.54 -26.70
N GLN A 103 -2.67 -13.29 -26.26
CA GLN A 103 -3.50 -12.29 -26.91
C GLN A 103 -3.16 -10.86 -26.51
N LEU A 104 -2.02 -10.40 -27.02
CA LEU A 104 -1.59 -9.05 -26.76
C LEU A 104 -1.18 -8.40 -28.06
N ALA A 105 -1.48 -7.12 -28.18
CA ALA A 105 -1.10 -6.38 -29.35
C ALA A 105 -0.12 -5.32 -28.84
N LEU A 106 0.69 -4.78 -29.74
CA LEU A 106 1.65 -3.74 -29.39
C LEU A 106 1.11 -2.41 -29.90
N VAL A 107 1.26 -1.37 -29.09
CA VAL A 107 0.78 -0.04 -29.46
C VAL A 107 1.87 1.05 -29.49
N ASN A 108 1.96 1.70 -30.65
CA ASN A 108 2.91 2.77 -30.98
C ASN A 108 2.54 4.05 -30.25
N SER A 109 3.47 4.98 -30.15
CA SER A 109 3.18 6.26 -29.48
C SER A 109 2.32 7.14 -30.40
N SER A 110 2.16 6.72 -31.64
CA SER A 110 1.37 7.47 -32.60
C SER A 110 0.02 6.79 -32.80
N GLY A 111 -0.22 5.75 -32.03
CA GLY A 111 -1.49 5.05 -32.11
C GLY A 111 -1.52 3.89 -33.08
N HIS A 112 -0.37 3.45 -33.55
CA HIS A 112 -0.35 2.33 -34.47
C HIS A 112 -0.36 1.00 -33.69
N VAL A 113 -1.39 0.19 -33.92
CA VAL A 113 -1.52 -1.08 -33.24
C VAL A 113 -1.12 -2.26 -34.12
N GLN A 114 -0.59 -3.29 -33.47
CA GLN A 114 -0.18 -4.50 -34.17
C GLN A 114 -0.54 -5.77 -33.37
N TYR A 115 -1.49 -6.54 -33.90
CA TYR A 115 -1.94 -7.80 -33.32
C TYR A 115 -1.36 -8.89 -34.25
N LEU A 116 -0.73 -9.92 -33.69
CA LEU A 116 -0.09 -10.96 -34.49
C LEU A 116 -0.40 -12.39 -33.99
N PRO A 117 -1.67 -12.76 -33.86
CA PRO A 117 -1.98 -14.11 -33.36
C PRO A 117 -1.62 -15.25 -34.28
N SER A 118 -1.18 -16.35 -33.66
CA SER A 118 -0.88 -17.60 -34.37
C SER A 118 -2.20 -18.36 -34.16
N ILE A 119 -2.74 -18.95 -35.20
CA ILE A 119 -4.01 -19.63 -35.06
C ILE A 119 -4.07 -20.98 -35.73
N ARG A 120 -4.90 -21.87 -35.19
CA ARG A 120 -5.13 -23.17 -35.78
C ARG A 120 -6.63 -23.21 -36.00
N GLN A 121 -7.06 -23.48 -37.23
CA GLN A 121 -8.49 -23.49 -37.52
C GLN A 121 -8.82 -24.43 -38.66
N ARG A 122 -10.05 -24.93 -38.69
CA ARG A 122 -10.47 -25.84 -39.74
C ARG A 122 -11.38 -25.12 -40.73
N PHE A 123 -11.14 -25.33 -42.01
CA PHE A 123 -11.93 -24.67 -43.04
C PHE A 123 -12.65 -25.65 -43.97
N SER A 124 -13.75 -25.20 -44.54
CA SER A 124 -14.47 -26.03 -45.50
C SER A 124 -13.69 -25.88 -46.80
N CYS A 125 -13.27 -26.99 -47.37
CA CYS A 125 -12.50 -26.94 -48.59
C CYS A 125 -12.62 -28.20 -49.41
N ASP A 126 -12.60 -28.05 -50.73
CA ASP A 126 -12.68 -29.18 -51.64
C ASP A 126 -11.28 -29.79 -51.78
N VAL A 127 -10.99 -30.78 -50.94
CA VAL A 127 -9.67 -31.41 -50.98
C VAL A 127 -9.66 -32.66 -51.84
N SER A 128 -10.42 -32.62 -52.93
CA SER A 128 -10.50 -33.75 -53.86
C SER A 128 -9.15 -34.17 -54.41
N GLY A 129 -8.59 -33.31 -55.25
CA GLY A 129 -7.33 -33.60 -55.89
C GLY A 129 -6.08 -33.34 -55.11
N VAL A 130 -6.08 -33.70 -53.82
CA VAL A 130 -4.91 -33.47 -52.99
C VAL A 130 -3.80 -34.46 -53.38
N ASP A 131 -4.19 -35.49 -54.14
CA ASP A 131 -3.24 -36.50 -54.60
C ASP A 131 -2.87 -36.38 -56.07
N THR A 132 -3.58 -35.52 -56.80
CA THR A 132 -3.30 -35.31 -58.22
C THR A 132 -2.13 -34.34 -58.33
N GLU A 133 -1.55 -34.20 -59.52
CA GLU A 133 -0.44 -33.28 -59.64
C GLU A 133 -0.98 -31.86 -59.56
N SER A 134 -2.24 -31.70 -59.95
CA SER A 134 -2.90 -30.40 -59.91
C SER A 134 -3.00 -29.93 -58.47
N GLY A 135 -3.27 -30.87 -57.57
CA GLY A 135 -3.39 -30.56 -56.17
C GLY A 135 -4.76 -30.02 -55.82
N ALA A 136 -4.99 -29.74 -54.54
CA ALA A 136 -6.25 -29.20 -54.07
C ALA A 136 -6.06 -27.72 -53.83
N THR A 137 -7.14 -26.97 -53.96
CA THR A 137 -7.07 -25.53 -53.75
C THR A 137 -8.05 -25.08 -52.67
N CYS A 138 -7.52 -24.48 -51.62
CA CYS A 138 -8.36 -23.99 -50.54
C CYS A 138 -8.38 -22.49 -50.51
N LYS A 139 -9.56 -21.94 -50.31
CA LYS A 139 -9.73 -20.51 -50.25
C LYS A 139 -10.07 -20.11 -48.83
N LEU A 140 -9.12 -19.48 -48.15
CA LEU A 140 -9.33 -19.04 -46.79
C LEU A 140 -9.80 -17.58 -46.89
N LYS A 141 -11.10 -17.36 -46.70
CA LYS A 141 -11.67 -16.03 -46.80
C LYS A 141 -11.90 -15.35 -45.46
N PHE A 142 -11.30 -14.18 -45.27
CA PHE A 142 -11.45 -13.43 -44.05
C PHE A 142 -12.06 -12.07 -44.34
N GLY A 143 -12.73 -11.49 -43.36
CA GLY A 143 -13.31 -10.19 -43.57
C GLY A 143 -14.00 -9.71 -42.31
N SER A 144 -14.24 -8.42 -42.19
CA SER A 144 -14.92 -7.95 -41.00
C SER A 144 -16.32 -8.55 -41.02
N TRP A 145 -16.82 -8.89 -39.85
CA TRP A 145 -18.14 -9.50 -39.79
C TRP A 145 -19.25 -8.46 -39.73
N THR A 146 -19.04 -7.36 -39.00
CA THR A 146 -20.08 -6.35 -38.86
C THR A 146 -19.81 -4.94 -39.39
N HIS A 147 -18.59 -4.69 -39.83
CA HIS A 147 -18.27 -3.36 -40.35
C HIS A 147 -18.09 -3.38 -41.87
N HIS A 148 -18.85 -2.56 -42.58
CA HIS A 148 -18.76 -2.52 -44.02
C HIS A 148 -17.60 -1.68 -44.54
N SER A 149 -17.44 -1.63 -45.86
CA SER A 149 -16.38 -0.87 -46.52
C SER A 149 -16.14 0.51 -45.97
N ARG A 150 -17.21 1.26 -45.73
CA ARG A 150 -17.05 2.62 -45.24
C ARG A 150 -16.67 2.76 -43.78
N GLU A 151 -16.77 1.70 -42.99
CA GLU A 151 -16.41 1.73 -41.57
C GLU A 151 -15.01 1.15 -41.33
N LEU A 152 -14.73 0.03 -42.01
CA LEU A 152 -13.46 -0.67 -41.88
C LEU A 152 -12.95 -1.09 -43.26
N ASP A 153 -11.82 -0.50 -43.66
CA ASP A 153 -11.20 -0.78 -44.95
C ASP A 153 -10.11 -1.85 -44.86
N LEU A 154 -10.45 -3.08 -45.25
CA LEU A 154 -9.50 -4.18 -45.20
C LEU A 154 -8.55 -4.10 -46.37
N GLN A 155 -7.26 -3.96 -46.07
CA GLN A 155 -6.24 -3.91 -47.10
C GLN A 155 -5.29 -5.09 -46.90
N MET A 156 -4.94 -5.76 -47.99
CA MET A 156 -4.04 -6.90 -47.87
C MET A 156 -2.60 -6.42 -47.95
N GLN A 157 -1.66 -7.36 -47.99
CA GLN A 157 -0.24 -7.06 -48.13
C GLN A 157 0.57 -8.33 -48.20
N GLU A 158 1.45 -8.40 -49.20
CA GLU A 158 2.30 -9.55 -49.48
C GLU A 158 2.28 -10.65 -48.45
N ALA A 159 1.69 -11.77 -48.82
CA ALA A 159 1.60 -12.91 -47.94
C ALA A 159 2.97 -13.57 -47.81
N ASP A 160 3.34 -13.97 -46.61
CA ASP A 160 4.62 -14.62 -46.37
C ASP A 160 4.44 -16.14 -46.50
N ILE A 161 5.40 -16.80 -47.14
CA ILE A 161 5.30 -18.23 -47.34
C ILE A 161 6.52 -18.97 -46.82
N SER A 162 7.46 -18.23 -46.25
CA SER A 162 8.71 -18.80 -45.70
C SER A 162 8.54 -19.46 -44.35
N GLY A 163 7.35 -19.32 -43.76
CA GLY A 163 7.12 -19.93 -42.47
C GLY A 163 6.71 -21.38 -42.63
N TYR A 164 6.34 -21.75 -43.86
CA TYR A 164 5.90 -23.12 -44.16
C TYR A 164 6.89 -24.19 -43.75
N ILE A 165 6.38 -25.16 -42.99
CA ILE A 165 7.14 -26.28 -42.47
C ILE A 165 7.81 -27.09 -43.59
N PRO A 166 9.14 -27.24 -43.52
CA PRO A 166 9.98 -27.99 -44.47
C PRO A 166 9.52 -29.43 -44.64
N TYR A 167 9.33 -30.17 -43.54
CA TYR A 167 8.86 -31.56 -43.64
C TYR A 167 7.40 -31.44 -44.01
N SER A 168 6.50 -32.14 -43.33
CA SER A 168 5.08 -32.00 -43.69
C SER A 168 4.70 -32.85 -44.88
N ARG A 169 3.58 -33.55 -44.72
CA ARG A 169 3.05 -34.43 -45.73
C ARG A 169 2.71 -33.71 -47.04
N PHE A 170 2.48 -32.39 -46.97
CA PHE A 170 2.11 -31.60 -48.16
C PHE A 170 3.11 -30.52 -48.64
N GLU A 171 3.14 -30.29 -49.95
CA GLU A 171 4.02 -29.27 -50.51
C GLU A 171 3.15 -28.19 -51.15
N LEU A 172 3.62 -26.94 -51.08
CA LEU A 172 2.87 -25.83 -51.63
C LEU A 172 3.00 -25.63 -53.12
N VAL A 173 1.98 -25.99 -53.88
CA VAL A 173 2.03 -25.82 -55.32
C VAL A 173 1.92 -24.33 -55.70
N GLY A 174 1.12 -23.57 -54.96
CA GLY A 174 0.94 -22.15 -55.26
C GLY A 174 0.20 -21.39 -54.18
N VAL A 175 0.41 -20.07 -54.11
CA VAL A 175 -0.25 -19.23 -53.13
C VAL A 175 -0.54 -17.83 -53.68
N THR A 176 -1.75 -17.32 -53.44
CA THR A 176 -2.11 -15.98 -53.91
C THR A 176 -3.00 -15.35 -52.87
N GLN A 177 -3.03 -14.03 -52.83
CA GLN A 177 -3.84 -13.32 -51.85
C GLN A 177 -4.46 -12.09 -52.50
N LYS A 178 -5.78 -11.93 -52.43
CA LYS A 178 -6.41 -10.76 -53.04
C LYS A 178 -7.61 -10.28 -52.27
N ARG A 179 -7.79 -8.95 -52.21
CA ARG A 179 -8.93 -8.41 -51.50
C ARG A 179 -10.03 -8.09 -52.49
N SER A 180 -11.28 -8.21 -52.02
CA SER A 180 -12.44 -7.98 -52.86
C SER A 180 -13.51 -7.23 -52.08
N GLU A 181 -14.57 -6.85 -52.77
CA GLU A 181 -15.68 -6.15 -52.14
C GLU A 181 -16.93 -6.72 -52.75
N ARG A 182 -17.95 -6.99 -51.95
CA ARG A 182 -19.20 -7.54 -52.45
C ARG A 182 -20.39 -6.98 -51.69
N PHE A 183 -21.58 -7.22 -52.22
CA PHE A 183 -22.83 -6.84 -51.57
C PHE A 183 -23.45 -8.21 -51.19
N TYR A 184 -24.13 -8.29 -50.05
CA TYR A 184 -24.69 -9.57 -49.61
C TYR A 184 -26.21 -9.64 -49.44
N GLU A 185 -26.78 -10.85 -49.45
CA GLU A 185 -28.23 -11.00 -49.23
C GLU A 185 -28.39 -10.55 -47.78
N CYS A 186 -28.98 -9.38 -47.59
CA CYS A 186 -29.17 -8.77 -46.28
C CYS A 186 -28.16 -7.68 -46.31
N CYS A 187 -27.96 -7.04 -45.16
CA CYS A 187 -26.92 -6.05 -45.06
C CYS A 187 -26.77 -5.19 -46.36
N LYS A 188 -27.33 -4.00 -46.28
CA LYS A 188 -27.36 -3.01 -47.36
C LYS A 188 -26.01 -2.67 -48.02
N GLU A 189 -25.00 -2.39 -47.21
CA GLU A 189 -23.69 -2.02 -47.71
C GLU A 189 -22.80 -3.13 -48.24
N PRO A 190 -21.66 -2.73 -48.82
CA PRO A 190 -20.70 -3.68 -49.37
C PRO A 190 -19.67 -3.99 -48.28
N TYR A 191 -19.20 -5.24 -48.23
CA TYR A 191 -18.18 -5.63 -47.26
C TYR A 191 -16.92 -6.14 -47.98
N PRO A 192 -15.73 -5.70 -47.52
CA PRO A 192 -14.45 -6.10 -48.09
C PRO A 192 -13.86 -7.31 -47.38
N ASP A 193 -13.12 -8.12 -48.14
CA ASP A 193 -12.51 -9.33 -47.62
C ASP A 193 -11.21 -9.74 -48.31
N VAL A 194 -10.22 -10.18 -47.54
CA VAL A 194 -8.98 -10.64 -48.13
C VAL A 194 -9.09 -12.16 -48.19
N THR A 195 -8.76 -12.77 -49.32
CA THR A 195 -8.85 -14.22 -49.44
C THR A 195 -7.52 -14.87 -49.79
N PHE A 196 -7.04 -15.70 -48.87
CA PHE A 196 -5.79 -16.40 -49.02
C PHE A 196 -6.10 -17.71 -49.77
N THR A 197 -5.61 -17.85 -50.99
CA THR A 197 -5.84 -19.07 -51.75
C THR A 197 -4.57 -19.93 -51.75
N VAL A 198 -4.69 -21.17 -51.31
CA VAL A 198 -3.54 -22.09 -51.26
C VAL A 198 -3.79 -23.34 -52.09
N THR A 199 -2.80 -23.73 -52.88
CA THR A 199 -2.91 -24.94 -53.69
C THR A 199 -1.79 -25.83 -53.18
N PHE A 200 -2.13 -27.03 -52.75
CA PHE A 200 -1.13 -27.95 -52.24
C PHE A 200 -1.42 -29.36 -52.69
N ARG A 201 -0.39 -30.19 -52.70
CA ARG A 201 -0.54 -31.58 -53.13
C ARG A 201 0.31 -32.46 -52.19
N LYS A 202 -0.07 -33.73 -52.09
CA LYS A 202 0.63 -34.70 -51.23
C LYS A 202 2.00 -35.01 -51.79
N LYS A 203 3.04 -34.87 -50.98
CA LYS A 203 4.41 -35.15 -51.43
C LYS A 203 4.53 -36.60 -51.85
N GLY A 204 5.42 -36.86 -52.80
CA GLY A 204 5.62 -38.21 -53.29
C GLY A 204 4.39 -38.76 -53.98
N GLU B 1 -16.69 7.61 -36.42
CA GLU B 1 -17.03 9.05 -36.47
C GLU B 1 -16.88 9.68 -35.07
N PHE B 2 -16.17 8.97 -34.18
CA PHE B 2 -15.89 9.34 -32.77
C PHE B 2 -17.06 9.31 -31.77
N GLN B 3 -18.03 10.21 -31.96
CA GLN B 3 -19.19 10.39 -31.08
C GLN B 3 -19.92 9.13 -30.67
N ARG B 4 -19.19 8.31 -29.93
CA ARG B 4 -19.76 7.10 -29.41
C ARG B 4 -19.86 7.22 -27.91
N LYS B 5 -20.72 8.18 -27.56
CA LYS B 5 -21.10 8.48 -26.20
C LYS B 5 -22.50 7.89 -26.31
N LEU B 6 -22.73 7.26 -27.46
CA LEU B 6 -23.98 6.59 -27.76
C LEU B 6 -23.95 5.24 -27.08
N TYR B 7 -22.78 4.60 -27.03
CA TYR B 7 -22.69 3.31 -26.37
C TYR B 7 -22.93 3.57 -24.90
N LYS B 8 -22.34 4.63 -24.36
CA LYS B 8 -22.55 4.96 -22.95
C LYS B 8 -24.04 5.08 -22.68
N GLU B 9 -24.76 5.67 -23.63
CA GLU B 9 -26.21 5.86 -23.52
C GLU B 9 -27.01 4.58 -23.72
N LEU B 10 -26.74 3.88 -24.82
CA LEU B 10 -27.43 2.64 -25.14
C LEU B 10 -27.34 1.57 -24.06
N VAL B 11 -26.36 1.67 -23.17
CA VAL B 11 -26.21 0.67 -22.11
C VAL B 11 -26.42 1.22 -20.69
N LYS B 12 -26.88 2.47 -20.59
CA LYS B 12 -27.10 3.08 -19.29
C LYS B 12 -28.12 2.32 -18.47
N ASN B 13 -29.40 2.59 -18.67
CA ASN B 13 -30.43 1.88 -17.92
C ASN B 13 -30.90 0.70 -18.75
N TYR B 14 -29.94 -0.16 -19.11
CA TYR B 14 -30.26 -1.30 -19.93
C TYR B 14 -29.88 -2.63 -19.32
N ASN B 15 -30.89 -3.49 -19.19
CA ASN B 15 -30.70 -4.82 -18.66
C ASN B 15 -30.95 -5.79 -19.81
N PRO B 16 -29.89 -6.48 -20.26
CA PRO B 16 -30.01 -7.45 -21.35
C PRO B 16 -30.84 -8.68 -21.00
N ASP B 17 -31.22 -8.83 -19.73
CA ASP B 17 -32.03 -9.98 -19.32
C ASP B 17 -33.53 -9.73 -19.52
N VAL B 18 -33.87 -8.50 -19.89
CA VAL B 18 -35.25 -8.10 -20.08
C VAL B 18 -35.74 -8.09 -21.51
N ILE B 19 -36.66 -8.98 -21.84
CA ILE B 19 -37.19 -9.02 -23.20
C ILE B 19 -37.93 -7.71 -23.47
N PRO B 20 -37.54 -6.98 -24.54
CA PRO B 20 -38.12 -5.69 -24.94
C PRO B 20 -39.56 -5.67 -25.46
N THR B 21 -40.51 -6.04 -24.62
CA THR B 21 -41.92 -6.04 -25.00
C THR B 21 -42.52 -4.70 -24.65
N GLN B 22 -43.85 -4.63 -24.68
CA GLN B 22 -44.58 -3.43 -24.33
C GLN B 22 -46.08 -3.72 -24.26
N ARG B 23 -46.50 -4.23 -23.11
CA ARG B 23 -47.90 -4.58 -22.82
C ARG B 23 -48.69 -5.08 -24.01
N ASP B 24 -49.06 -6.35 -23.97
CA ASP B 24 -49.85 -6.97 -25.04
C ASP B 24 -49.17 -6.80 -26.40
N ARG B 25 -47.86 -6.59 -26.38
CA ARG B 25 -47.10 -6.41 -27.60
C ARG B 25 -45.92 -7.34 -27.53
N PRO B 26 -46.02 -8.49 -28.18
CA PRO B 26 -44.87 -9.38 -28.10
C PRO B 26 -43.77 -8.87 -29.03
N VAL B 27 -42.52 -9.14 -28.68
CA VAL B 27 -41.40 -8.75 -29.51
C VAL B 27 -41.39 -9.75 -30.64
N THR B 28 -41.47 -9.30 -31.88
CA THR B 28 -41.47 -10.26 -32.97
C THR B 28 -40.05 -10.37 -33.54
N VAL B 29 -39.53 -11.60 -33.56
CA VAL B 29 -38.19 -11.83 -34.09
C VAL B 29 -38.29 -12.62 -35.39
N TYR B 30 -37.61 -12.14 -36.42
CA TYR B 30 -37.60 -12.80 -37.72
C TYR B 30 -36.43 -13.77 -37.78
N PHE B 31 -36.75 -15.03 -38.04
CA PHE B 31 -35.76 -16.10 -38.06
C PHE B 31 -35.65 -16.77 -39.42
N SER B 32 -34.42 -17.09 -39.83
CA SER B 32 -34.20 -17.78 -41.09
C SER B 32 -32.89 -18.54 -41.05
N LEU B 33 -32.89 -19.75 -41.60
CA LEU B 33 -31.68 -20.56 -41.58
C LEU B 33 -31.10 -20.78 -42.97
N SER B 34 -29.83 -20.45 -43.14
CA SER B 34 -29.13 -20.65 -44.42
C SER B 34 -28.22 -21.87 -44.28
N LEU B 35 -28.63 -23.00 -44.83
CA LEU B 35 -27.83 -24.22 -44.74
C LEU B 35 -26.55 -24.04 -45.55
N LEU B 36 -25.40 -24.26 -44.93
CA LEU B 36 -24.13 -24.12 -45.63
C LEU B 36 -23.48 -25.46 -45.93
N GLN B 37 -23.60 -26.41 -45.01
CA GLN B 37 -23.00 -27.72 -45.24
C GLN B 37 -23.48 -28.78 -44.29
N ILE B 38 -23.51 -30.01 -44.79
CA ILE B 38 -23.88 -31.13 -43.97
C ILE B 38 -22.55 -31.86 -43.81
N MET B 39 -21.89 -31.59 -42.69
CA MET B 39 -20.59 -32.16 -42.39
C MET B 39 -20.53 -33.67 -42.36
N ASP B 40 -21.34 -34.27 -41.49
CA ASP B 40 -21.33 -35.71 -41.38
C ASP B 40 -22.70 -36.24 -41.04
N VAL B 41 -22.83 -37.57 -41.05
CA VAL B 41 -24.07 -38.26 -40.72
C VAL B 41 -23.68 -39.53 -39.98
N ASP B 42 -24.10 -39.67 -38.73
CA ASP B 42 -23.78 -40.85 -37.97
C ASP B 42 -24.99 -41.77 -38.11
N GLU B 43 -24.86 -42.78 -38.94
CA GLU B 43 -25.97 -43.70 -39.17
C GLU B 43 -26.20 -44.61 -37.98
N LYS B 44 -25.15 -44.81 -37.19
CA LYS B 44 -25.21 -45.65 -36.00
C LYS B 44 -25.94 -44.98 -34.83
N ASN B 45 -25.72 -43.69 -34.66
CA ASN B 45 -26.33 -42.95 -33.54
C ASN B 45 -27.40 -41.97 -33.97
N GLN B 46 -27.63 -41.88 -35.27
CA GLN B 46 -28.68 -41.01 -35.79
C GLN B 46 -28.49 -39.54 -35.48
N VAL B 47 -27.45 -38.94 -36.06
CA VAL B 47 -27.16 -37.51 -35.87
C VAL B 47 -26.60 -36.92 -37.18
N VAL B 48 -26.75 -35.61 -37.34
CA VAL B 48 -26.19 -34.91 -38.50
C VAL B 48 -25.38 -33.74 -37.97
N ASP B 49 -24.21 -33.52 -38.54
CA ASP B 49 -23.35 -32.42 -38.13
C ASP B 49 -23.70 -31.41 -39.22
N VAL B 50 -24.10 -30.21 -38.80
CA VAL B 50 -24.53 -29.19 -39.75
C VAL B 50 -23.88 -27.83 -39.50
N VAL B 51 -23.58 -27.11 -40.56
CA VAL B 51 -23.01 -25.78 -40.43
C VAL B 51 -24.04 -24.85 -41.08
N PHE B 52 -24.57 -23.92 -40.31
CA PHE B 52 -25.56 -23.00 -40.82
C PHE B 52 -25.31 -21.56 -40.37
N TRP B 53 -26.11 -20.67 -40.95
CA TRP B 53 -26.03 -19.24 -40.75
C TRP B 53 -27.45 -18.85 -40.31
N LEU B 54 -27.61 -18.51 -39.04
CA LEU B 54 -28.92 -18.10 -38.55
C LEU B 54 -29.06 -16.62 -38.73
N GLN B 55 -30.15 -16.21 -39.35
CA GLN B 55 -30.42 -14.81 -39.57
C GLN B 55 -31.57 -14.36 -38.66
N MET B 56 -31.24 -13.56 -37.65
CA MET B 56 -32.24 -13.09 -36.70
C MET B 56 -32.30 -11.58 -36.65
N SER B 57 -33.51 -11.04 -36.56
CA SER B 57 -33.68 -9.60 -36.47
C SER B 57 -34.94 -9.33 -35.65
N TRP B 58 -34.96 -8.20 -34.97
CA TRP B 58 -36.10 -7.85 -34.13
C TRP B 58 -35.92 -6.39 -33.77
N THR B 59 -36.87 -5.84 -33.01
CA THR B 59 -36.79 -4.44 -32.61
C THR B 59 -36.76 -4.24 -31.10
N ASP B 60 -35.73 -3.53 -30.64
CA ASP B 60 -35.55 -3.25 -29.25
C ASP B 60 -35.85 -1.76 -29.09
N HIS B 61 -37.03 -1.41 -28.60
CA HIS B 61 -37.34 0.02 -28.46
C HIS B 61 -36.37 0.77 -27.54
N TYR B 62 -35.78 0.09 -26.55
CA TYR B 62 -34.84 0.76 -25.66
C TYR B 62 -33.58 1.18 -26.41
N LEU B 63 -33.39 0.62 -27.60
CA LEU B 63 -32.19 0.90 -28.38
C LEU B 63 -32.30 1.86 -29.56
N GLN B 64 -33.10 2.90 -29.45
CA GLN B 64 -33.16 3.83 -30.56
C GLN B 64 -32.63 5.18 -30.09
N TRP B 65 -32.26 6.03 -31.04
CA TRP B 65 -31.70 7.34 -30.70
C TRP B 65 -32.07 8.41 -31.73
N ASN B 66 -31.97 9.67 -31.32
CA ASN B 66 -32.27 10.81 -32.18
C ASN B 66 -31.04 10.97 -33.08
N VAL B 67 -31.17 10.57 -34.35
CA VAL B 67 -30.04 10.63 -35.28
C VAL B 67 -29.36 12.00 -35.30
N SER B 68 -30.03 13.01 -34.74
CA SER B 68 -29.50 14.38 -34.67
C SER B 68 -28.41 14.43 -33.62
N GLU B 69 -28.82 14.22 -32.37
CA GLU B 69 -27.92 14.24 -31.23
C GLU B 69 -26.63 13.45 -31.40
N TYR B 70 -26.60 12.55 -32.39
CA TYR B 70 -25.41 11.75 -32.68
C TYR B 70 -25.20 11.79 -34.19
N PRO B 71 -24.55 12.87 -34.67
CA PRO B 71 -24.22 13.20 -36.06
C PRO B 71 -24.16 12.09 -37.09
N GLY B 72 -22.96 11.58 -37.34
CA GLY B 72 -22.80 10.54 -38.35
C GLY B 72 -23.21 9.12 -37.98
N VAL B 73 -23.50 8.88 -36.71
CA VAL B 73 -23.87 7.56 -36.24
C VAL B 73 -25.14 6.97 -36.86
N LYS B 74 -24.96 6.10 -37.85
CA LYS B 74 -26.07 5.45 -38.53
C LYS B 74 -26.43 4.13 -37.89
N GLN B 75 -25.42 3.36 -37.49
CA GLN B 75 -25.61 2.08 -36.86
C GLN B 75 -24.44 1.78 -35.94
N VAL B 76 -24.62 0.83 -35.04
CA VAL B 76 -23.55 0.44 -34.14
C VAL B 76 -23.39 -1.06 -34.05
N SER B 77 -22.15 -1.50 -33.85
CA SER B 77 -21.82 -2.92 -33.74
C SER B 77 -21.59 -3.18 -32.25
N VAL B 78 -22.55 -3.84 -31.64
CA VAL B 78 -22.55 -4.15 -30.22
C VAL B 78 -22.38 -5.63 -29.91
N PRO B 79 -21.76 -5.97 -28.77
CA PRO B 79 -21.54 -7.37 -28.34
C PRO B 79 -22.88 -7.93 -27.87
N ILE B 80 -23.28 -9.12 -28.35
CA ILE B 80 -24.58 -9.64 -27.92
C ILE B 80 -24.71 -9.79 -26.41
N SER B 81 -23.59 -9.77 -25.70
CA SER B 81 -23.62 -9.89 -24.25
C SER B 81 -24.12 -8.59 -23.66
N SER B 82 -24.05 -7.52 -24.46
CA SER B 82 -24.47 -6.19 -24.03
C SER B 82 -25.95 -5.84 -24.20
N LEU B 83 -26.69 -6.64 -24.98
CA LEU B 83 -28.11 -6.39 -25.20
C LEU B 83 -28.95 -7.67 -25.18
N TRP B 84 -30.27 -7.52 -25.17
CA TRP B 84 -31.16 -8.68 -25.13
C TRP B 84 -31.17 -9.38 -26.48
N VAL B 85 -31.09 -10.70 -26.46
CA VAL B 85 -31.10 -11.51 -27.67
C VAL B 85 -32.05 -12.70 -27.49
N PRO B 86 -32.76 -13.06 -28.55
CA PRO B 86 -33.70 -14.19 -28.49
C PRO B 86 -33.01 -15.41 -27.89
N ASP B 87 -33.62 -16.02 -26.90
CA ASP B 87 -33.05 -17.20 -26.30
C ASP B 87 -33.47 -18.43 -27.11
N LEU B 88 -33.21 -18.38 -28.42
CA LEU B 88 -33.56 -19.50 -29.30
C LEU B 88 -32.83 -20.76 -28.91
N ALA B 89 -33.47 -21.88 -29.15
CA ALA B 89 -32.89 -23.17 -28.80
C ALA B 89 -33.17 -24.20 -29.89
N ALA B 90 -32.21 -25.08 -30.12
CA ALA B 90 -32.33 -26.14 -31.09
C ALA B 90 -32.97 -27.29 -30.34
N TYR B 91 -34.28 -27.44 -30.48
CA TYR B 91 -34.99 -28.50 -29.80
C TYR B 91 -34.47 -29.92 -29.98
N ASN B 92 -33.93 -30.24 -31.14
CA ASN B 92 -33.43 -31.59 -31.33
C ASN B 92 -31.90 -31.68 -31.37
N ALA B 93 -31.20 -30.64 -30.91
CA ALA B 93 -29.74 -30.67 -30.96
C ALA B 93 -29.22 -31.59 -29.88
N ILE B 94 -28.14 -32.32 -30.18
CA ILE B 94 -27.57 -33.22 -29.19
C ILE B 94 -26.14 -32.77 -28.79
N SER B 95 -25.83 -31.52 -29.11
CA SER B 95 -24.54 -30.92 -28.80
C SER B 95 -24.69 -29.41 -28.61
N LYS B 96 -23.86 -28.85 -27.75
CA LYS B 96 -23.87 -27.42 -27.49
C LYS B 96 -23.61 -26.77 -28.86
N PRO B 97 -24.13 -25.55 -29.09
CA PRO B 97 -23.88 -24.94 -30.40
C PRO B 97 -22.54 -24.24 -30.39
N GLU B 98 -21.75 -24.48 -31.43
CA GLU B 98 -20.43 -23.90 -31.58
C GLU B 98 -20.56 -22.71 -32.53
N VAL B 99 -20.61 -21.50 -31.99
CA VAL B 99 -20.73 -20.30 -32.82
C VAL B 99 -19.35 -19.90 -33.38
N LEU B 100 -19.24 -19.92 -34.70
CA LEU B 100 -18.02 -19.65 -35.44
C LEU B 100 -17.64 -18.21 -35.75
N THR B 101 -18.57 -17.28 -35.61
CA THR B 101 -18.30 -15.88 -35.93
C THR B 101 -18.30 -14.96 -34.71
N PRO B 102 -17.83 -13.72 -34.89
CA PRO B 102 -17.81 -12.79 -33.75
C PRO B 102 -19.24 -12.57 -33.27
N GLN B 103 -19.44 -12.63 -31.95
CA GLN B 103 -20.76 -12.43 -31.37
C GLN B 103 -21.11 -10.95 -31.20
N LEU B 104 -21.34 -10.29 -32.33
CA LEU B 104 -21.72 -8.89 -32.40
C LEU B 104 -23.02 -8.78 -33.19
N ALA B 105 -23.84 -7.83 -32.78
CA ALA B 105 -25.11 -7.57 -33.43
C ALA B 105 -24.99 -6.17 -33.99
N LEU B 106 -25.85 -5.83 -34.93
CA LEU B 106 -25.88 -4.50 -35.52
C LEU B 106 -27.15 -3.82 -35.01
N VAL B 107 -27.05 -2.55 -34.62
CA VAL B 107 -28.22 -1.86 -34.14
C VAL B 107 -28.50 -0.54 -34.88
N ASN B 108 -29.71 -0.47 -35.42
CA ASN B 108 -30.28 0.63 -36.20
C ASN B 108 -30.56 1.84 -35.31
N SER B 109 -30.70 3.00 -35.91
CA SER B 109 -30.98 4.18 -35.10
C SER B 109 -32.44 4.16 -34.66
N SER B 110 -33.21 3.24 -35.23
CA SER B 110 -34.61 3.11 -34.89
C SER B 110 -34.85 1.94 -33.95
N GLY B 111 -33.74 1.31 -33.52
CA GLY B 111 -33.81 0.19 -32.61
C GLY B 111 -33.92 -1.17 -33.25
N HIS B 112 -33.66 -1.24 -34.55
CA HIS B 112 -33.73 -2.52 -35.22
C HIS B 112 -32.42 -3.28 -35.07
N VAL B 113 -32.47 -4.45 -34.44
CA VAL B 113 -31.28 -5.26 -34.23
C VAL B 113 -31.17 -6.41 -35.24
N GLN B 114 -29.95 -6.62 -35.73
CA GLN B 114 -29.67 -7.69 -36.68
C GLN B 114 -28.55 -8.54 -36.04
N TYR B 115 -28.68 -9.86 -36.10
CA TYR B 115 -27.68 -10.75 -35.52
C TYR B 115 -27.63 -12.02 -36.41
N LEU B 116 -26.56 -12.20 -37.18
CA LEU B 116 -26.45 -13.35 -38.10
C LEU B 116 -25.29 -14.30 -37.86
N PRO B 117 -25.27 -15.00 -36.70
CA PRO B 117 -24.23 -15.95 -36.28
C PRO B 117 -24.07 -17.22 -37.11
N SER B 118 -22.84 -17.58 -37.48
CA SER B 118 -22.62 -18.79 -38.23
C SER B 118 -22.45 -19.85 -37.17
N ILE B 119 -23.12 -21.00 -37.31
CA ILE B 119 -23.06 -22.04 -36.28
C ILE B 119 -22.85 -23.45 -36.79
N ARG B 120 -22.18 -24.27 -35.96
CA ARG B 120 -21.97 -25.67 -36.27
C ARG B 120 -22.59 -26.40 -35.11
N GLN B 121 -23.49 -27.34 -35.39
CA GLN B 121 -24.15 -28.04 -34.30
C GLN B 121 -24.62 -29.39 -34.79
N ARG B 122 -24.73 -30.33 -33.84
CA ARG B 122 -25.18 -31.68 -34.16
C ARG B 122 -26.64 -31.91 -33.74
N PHE B 123 -27.44 -32.49 -34.62
CA PHE B 123 -28.84 -32.73 -34.32
C PHE B 123 -29.22 -34.20 -34.39
N SER B 124 -30.25 -34.56 -33.63
CA SER B 124 -30.76 -35.92 -33.63
C SER B 124 -31.58 -36.03 -34.90
N CYS B 125 -31.25 -36.99 -35.74
CA CYS B 125 -31.94 -37.16 -37.00
C CYS B 125 -31.89 -38.58 -37.53
N ASP B 126 -32.99 -39.01 -38.14
CA ASP B 126 -33.07 -40.34 -38.73
C ASP B 126 -32.38 -40.31 -40.10
N VAL B 127 -31.08 -40.61 -40.11
CA VAL B 127 -30.32 -40.60 -41.36
C VAL B 127 -30.27 -41.98 -42.01
N SER B 128 -31.39 -42.70 -41.93
CA SER B 128 -31.50 -44.05 -42.50
C SER B 128 -31.27 -44.06 -44.01
N GLY B 129 -32.20 -43.45 -44.74
CA GLY B 129 -32.12 -43.43 -46.19
C GLY B 129 -31.24 -42.37 -46.81
N VAL B 130 -30.08 -42.13 -46.23
CA VAL B 130 -29.17 -41.13 -46.77
C VAL B 130 -28.55 -41.66 -48.07
N ASP B 131 -28.70 -42.97 -48.32
CA ASP B 131 -28.15 -43.60 -49.52
C ASP B 131 -29.22 -43.96 -50.54
N THR B 132 -30.48 -43.88 -50.15
CA THR B 132 -31.58 -44.19 -51.06
C THR B 132 -31.81 -42.98 -51.95
N GLU B 133 -32.62 -43.12 -52.99
CA GLU B 133 -32.87 -41.97 -53.85
C GLU B 133 -33.78 -41.00 -53.10
N SER B 134 -34.57 -41.55 -52.17
CA SER B 134 -35.48 -40.76 -51.36
C SER B 134 -34.69 -39.80 -50.49
N GLY B 135 -33.57 -40.30 -49.98
CA GLY B 135 -32.70 -39.52 -49.13
C GLY B 135 -33.19 -39.51 -47.69
N ALA B 136 -32.44 -38.82 -46.82
CA ALA B 136 -32.80 -38.72 -45.42
C ALA B 136 -33.38 -37.33 -45.19
N THR B 137 -34.29 -37.22 -44.23
CA THR B 137 -34.91 -35.94 -43.93
C THR B 137 -34.67 -35.51 -42.50
N CYS B 138 -34.00 -34.37 -42.31
CA CYS B 138 -33.74 -33.88 -40.97
C CYS B 138 -34.57 -32.66 -40.68
N LYS B 139 -35.12 -32.63 -39.48
CA LYS B 139 -35.93 -31.50 -39.06
C LYS B 139 -35.18 -30.72 -37.99
N LEU B 140 -34.72 -29.53 -38.34
CA LEU B 140 -34.01 -28.68 -37.41
C LEU B 140 -35.03 -27.71 -36.79
N LYS B 141 -35.46 -28.02 -35.59
CA LYS B 141 -36.47 -27.22 -34.90
C LYS B 141 -35.88 -26.21 -33.92
N PHE B 142 -36.21 -24.94 -34.13
CA PHE B 142 -35.74 -23.86 -33.27
C PHE B 142 -36.92 -23.13 -32.68
N GLY B 143 -36.72 -22.52 -31.51
CA GLY B 143 -37.80 -21.78 -30.89
C GLY B 143 -37.32 -21.15 -29.59
N SER B 144 -38.00 -20.11 -29.13
CA SER B 144 -37.61 -19.50 -27.86
C SER B 144 -37.66 -20.64 -26.87
N TRP B 145 -36.97 -20.49 -25.74
CA TRP B 145 -36.94 -21.58 -24.77
C TRP B 145 -37.72 -21.20 -23.52
N THR B 146 -37.79 -19.91 -23.23
CA THR B 146 -38.49 -19.43 -22.04
C THR B 146 -39.65 -18.45 -22.30
N HIS B 147 -39.77 -17.95 -23.52
CA HIS B 147 -40.84 -17.00 -23.84
C HIS B 147 -41.91 -17.59 -24.75
N HIS B 148 -43.17 -17.52 -24.33
CA HIS B 148 -44.26 -18.06 -25.14
C HIS B 148 -44.75 -17.11 -26.21
N SER B 149 -45.74 -17.55 -26.97
CA SER B 149 -46.30 -16.78 -28.07
C SER B 149 -46.58 -15.32 -27.78
N ARG B 150 -47.18 -15.04 -26.63
CA ARG B 150 -47.51 -13.66 -26.32
C ARG B 150 -46.35 -12.79 -25.86
N GLU B 151 -45.20 -13.41 -25.59
CA GLU B 151 -44.01 -12.66 -25.17
C GLU B 151 -43.06 -12.45 -26.35
N LEU B 152 -42.84 -13.53 -27.11
CA LEU B 152 -41.94 -13.51 -28.26
C LEU B 152 -42.57 -14.22 -29.45
N ASP B 153 -42.83 -13.44 -30.50
CA ASP B 153 -43.45 -13.95 -31.72
C ASP B 153 -42.44 -14.31 -32.78
N LEU B 154 -42.15 -15.60 -32.90
CA LEU B 154 -41.19 -16.10 -33.89
C LEU B 154 -41.81 -16.14 -35.27
N GLN B 155 -41.24 -15.37 -36.20
CA GLN B 155 -41.74 -15.34 -37.56
C GLN B 155 -40.64 -15.81 -38.47
N MET B 156 -40.98 -16.66 -39.43
CA MET B 156 -39.94 -17.15 -40.33
C MET B 156 -39.78 -16.20 -41.52
N GLN B 157 -38.98 -16.63 -42.50
CA GLN B 157 -38.78 -15.85 -43.72
C GLN B 157 -37.87 -16.59 -44.67
N GLU B 158 -38.31 -16.69 -45.92
CA GLU B 158 -37.60 -17.40 -46.98
C GLU B 158 -36.21 -17.84 -46.66
N ALA B 159 -36.05 -19.15 -46.53
CA ALA B 159 -34.75 -19.74 -46.22
C ALA B 159 -33.85 -19.66 -47.43
N ASP B 160 -32.59 -19.31 -47.23
CA ASP B 160 -31.64 -19.21 -48.32
C ASP B 160 -30.95 -20.56 -48.50
N ILE B 161 -30.76 -20.97 -49.75
CA ILE B 161 -30.11 -22.26 -50.02
C ILE B 161 -28.88 -22.13 -50.93
N SER B 162 -28.57 -20.90 -51.32
CA SER B 162 -27.46 -20.64 -52.21
C SER B 162 -26.12 -20.67 -51.50
N GLY B 163 -26.16 -20.81 -50.19
CA GLY B 163 -24.90 -20.85 -49.46
C GLY B 163 -24.32 -22.27 -49.46
N TYR B 164 -25.16 -23.23 -49.81
CA TYR B 164 -24.75 -24.63 -49.80
C TYR B 164 -23.50 -24.90 -50.60
N ILE B 165 -22.57 -25.60 -49.96
CA ILE B 165 -21.29 -25.96 -50.57
C ILE B 165 -21.45 -26.82 -51.83
N PRO B 166 -20.86 -26.37 -52.96
CA PRO B 166 -20.89 -27.02 -54.26
C PRO B 166 -20.35 -28.44 -54.24
N TYR B 167 -19.17 -28.64 -53.66
CA TYR B 167 -18.62 -29.99 -53.57
C TYR B 167 -19.48 -30.67 -52.51
N SER B 168 -18.87 -31.30 -51.50
CA SER B 168 -19.68 -31.93 -50.45
C SER B 168 -20.25 -33.28 -50.85
N ARG B 169 -20.08 -34.24 -49.95
CA ARG B 169 -20.53 -35.60 -50.15
C ARG B 169 -22.05 -35.70 -50.37
N PHE B 170 -22.80 -34.70 -49.91
CA PHE B 170 -24.28 -34.70 -50.03
C PHE B 170 -24.92 -33.62 -50.93
N GLU B 171 -26.04 -33.97 -51.56
CA GLU B 171 -26.75 -33.03 -52.41
C GLU B 171 -28.11 -32.80 -51.80
N LEU B 172 -28.62 -31.58 -51.94
CA LEU B 172 -29.93 -31.21 -51.39
C LEU B 172 -31.13 -31.62 -52.21
N VAL B 173 -31.84 -32.65 -51.77
CA VAL B 173 -33.00 -33.09 -52.49
C VAL B 173 -34.15 -32.10 -52.33
N GLY B 174 -34.27 -31.52 -51.13
CA GLY B 174 -35.35 -30.56 -50.89
C GLY B 174 -35.22 -29.81 -49.57
N VAL B 175 -35.84 -28.64 -49.49
CA VAL B 175 -35.78 -27.80 -48.30
C VAL B 175 -37.08 -27.02 -48.10
N THR B 176 -37.59 -27.02 -46.87
CA THR B 176 -38.81 -26.29 -46.55
C THR B 176 -38.67 -25.69 -45.15
N GLN B 177 -39.39 -24.62 -44.88
CA GLN B 177 -39.32 -23.97 -43.57
C GLN B 177 -40.69 -23.50 -43.19
N LYS B 178 -41.16 -23.87 -41.99
CA LYS B 178 -42.49 -23.43 -41.56
C LYS B 178 -42.58 -23.20 -40.06
N ARG B 179 -43.30 -22.15 -39.66
CA ARG B 179 -43.45 -21.87 -38.23
C ARG B 179 -44.72 -22.52 -37.72
N SER B 180 -44.68 -22.94 -36.47
CA SER B 180 -45.81 -23.60 -35.84
C SER B 180 -45.97 -23.13 -34.39
N GLU B 181 -47.05 -23.56 -33.76
CA GLU B 181 -47.32 -23.19 -32.39
C GLU B 181 -47.80 -24.49 -31.75
N ARG B 182 -47.18 -24.86 -30.64
CA ARG B 182 -47.52 -26.10 -29.96
C ARG B 182 -47.60 -25.93 -28.47
N PHE B 183 -48.15 -26.94 -27.81
CA PHE B 183 -48.22 -26.91 -26.36
C PHE B 183 -47.28 -28.04 -25.93
N TYR B 184 -46.69 -27.92 -24.75
CA TYR B 184 -45.79 -28.96 -24.31
C TYR B 184 -46.20 -29.52 -22.93
N GLU B 185 -45.69 -30.71 -22.58
CA GLU B 185 -45.92 -31.33 -21.27
C GLU B 185 -45.12 -30.43 -20.33
N CYS B 186 -45.84 -29.68 -19.50
CA CYS B 186 -45.24 -28.69 -18.57
C CYS B 186 -45.61 -27.41 -19.22
N CYS B 187 -45.07 -26.33 -18.69
CA CYS B 187 -45.26 -25.04 -19.31
C CYS B 187 -46.71 -24.85 -19.91
N LYS B 188 -47.51 -24.10 -19.16
CA LYS B 188 -48.89 -23.82 -19.57
C LYS B 188 -48.95 -22.66 -20.55
N GLU B 189 -48.87 -22.98 -21.84
CA GLU B 189 -48.91 -21.96 -22.87
C GLU B 189 -48.42 -22.51 -24.22
N PRO B 190 -48.37 -21.66 -25.22
CA PRO B 190 -47.91 -22.06 -26.56
C PRO B 190 -46.57 -21.43 -26.90
N TYR B 191 -45.67 -22.23 -27.47
CA TYR B 191 -44.35 -21.75 -27.85
C TYR B 191 -44.10 -21.94 -29.34
N PRO B 192 -44.16 -20.84 -30.09
CA PRO B 192 -43.94 -20.90 -31.54
C PRO B 192 -42.57 -21.46 -31.90
N ASP B 193 -42.47 -22.13 -33.04
CA ASP B 193 -41.21 -22.70 -33.48
C ASP B 193 -41.09 -22.82 -34.99
N VAL B 194 -39.95 -22.39 -35.52
CA VAL B 194 -39.73 -22.51 -36.95
C VAL B 194 -38.92 -23.81 -37.14
N THR B 195 -39.31 -24.63 -38.11
CA THR B 195 -38.60 -25.89 -38.35
C THR B 195 -38.08 -26.03 -39.77
N PHE B 196 -36.76 -26.05 -39.88
CA PHE B 196 -36.08 -26.16 -41.15
C PHE B 196 -35.97 -27.65 -41.50
N THR B 197 -36.70 -28.09 -42.54
CA THR B 197 -36.65 -29.50 -42.93
C THR B 197 -35.74 -29.68 -44.15
N VAL B 198 -34.72 -30.52 -44.02
CA VAL B 198 -33.79 -30.75 -45.12
C VAL B 198 -33.78 -32.20 -45.56
N THR B 199 -33.85 -32.42 -46.86
CA THR B 199 -33.78 -33.77 -47.41
C THR B 199 -32.53 -33.80 -48.26
N PHE B 200 -31.63 -34.73 -47.96
CA PHE B 200 -30.39 -34.84 -48.71
C PHE B 200 -30.00 -36.29 -48.93
N ARG B 201 -29.19 -36.52 -49.96
CA ARG B 201 -28.74 -37.87 -50.29
C ARG B 201 -27.28 -37.80 -50.71
N LYS B 202 -26.58 -38.92 -50.54
CA LYS B 202 -25.18 -39.03 -50.89
C LYS B 202 -24.98 -38.95 -52.40
N LYS B 203 -24.14 -38.03 -52.86
CA LYS B 203 -23.90 -37.90 -54.29
C LYS B 203 -23.36 -39.21 -54.86
N GLY B 204 -23.61 -39.45 -56.15
CA GLY B 204 -23.14 -40.66 -56.79
C GLY B 204 -23.73 -41.92 -56.18
N PHE C 2 -39.96 1.66 -17.49
CA PHE C 2 -40.91 0.95 -16.59
C PHE C 2 -40.93 -0.56 -16.88
N GLN C 3 -41.86 -1.25 -16.21
CA GLN C 3 -42.09 -2.68 -16.34
C GLN C 3 -41.04 -3.51 -15.65
N ARG C 4 -39.82 -3.44 -16.17
CA ARG C 4 -38.78 -4.26 -15.60
C ARG C 4 -37.75 -3.57 -14.76
N LYS C 5 -38.29 -3.01 -13.68
CA LYS C 5 -37.54 -2.34 -12.65
C LYS C 5 -37.72 -3.41 -11.61
N LEU C 6 -38.32 -4.52 -12.06
CA LEU C 6 -38.59 -5.70 -11.26
C LEU C 6 -37.30 -6.50 -11.17
N TYR C 7 -36.53 -6.51 -12.26
CA TYR C 7 -35.26 -7.22 -12.26
C TYR C 7 -34.36 -6.48 -11.28
N LYS C 8 -34.37 -5.15 -11.34
CA LYS C 8 -33.55 -4.35 -10.43
C LYS C 8 -33.88 -4.75 -8.99
N GLU C 9 -35.16 -4.98 -8.74
CA GLU C 9 -35.64 -5.37 -7.42
C GLU C 9 -35.30 -6.80 -7.05
N LEU C 10 -35.69 -7.73 -7.91
CA LEU C 10 -35.45 -9.15 -7.68
C LEU C 10 -33.98 -9.52 -7.42
N VAL C 11 -33.05 -8.65 -7.81
CA VAL C 11 -31.65 -8.96 -7.59
C VAL C 11 -30.95 -8.00 -6.63
N LYS C 12 -31.72 -7.11 -5.99
CA LYS C 12 -31.13 -6.14 -5.07
C LYS C 12 -30.39 -6.81 -3.92
N ASN C 13 -31.11 -7.20 -2.87
CA ASN C 13 -30.47 -7.88 -1.74
C ASN C 13 -30.62 -9.38 -1.94
N TYR C 14 -30.08 -9.85 -3.06
CA TYR C 14 -30.16 -11.26 -3.40
C TYR C 14 -28.81 -11.91 -3.67
N ASN C 15 -28.54 -12.95 -2.89
CA ASN C 15 -27.32 -13.72 -3.00
C ASN C 15 -27.70 -15.10 -3.50
N PRO C 16 -27.33 -15.42 -4.75
CA PRO C 16 -27.64 -16.72 -5.35
C PRO C 16 -26.96 -17.90 -4.67
N ASP C 17 -26.03 -17.63 -3.75
CA ASP C 17 -25.34 -18.71 -3.05
C ASP C 17 -26.12 -19.19 -1.83
N VAL C 18 -27.21 -18.49 -1.51
CA VAL C 18 -28.01 -18.81 -0.34
C VAL C 18 -29.26 -19.61 -0.63
N ILE C 19 -29.30 -20.86 -0.15
CA ILE C 19 -30.48 -21.67 -0.36
C ILE C 19 -31.62 -20.97 0.38
N PRO C 20 -32.67 -20.53 -0.36
CA PRO C 20 -33.86 -19.83 0.16
C PRO C 20 -34.78 -20.64 1.04
N THR C 21 -34.27 -21.12 2.16
CA THR C 21 -35.06 -21.88 3.10
C THR C 21 -35.66 -20.91 4.09
N GLN C 22 -36.36 -21.44 5.07
CA GLN C 22 -36.95 -20.59 6.09
C GLN C 22 -37.38 -21.41 7.30
N ARG C 23 -36.74 -21.12 8.43
CA ARG C 23 -36.98 -21.77 9.71
C ARG C 23 -37.64 -23.14 9.66
N ASP C 24 -36.84 -24.15 10.03
CA ASP C 24 -37.30 -25.54 10.08
C ASP C 24 -37.60 -26.15 8.72
N ARG C 25 -38.42 -25.46 7.94
CA ARG C 25 -38.80 -25.95 6.63
C ARG C 25 -37.77 -25.82 5.51
N PRO C 26 -37.42 -26.95 4.90
CA PRO C 26 -36.48 -27.13 3.80
C PRO C 26 -37.10 -26.68 2.49
N VAL C 27 -36.27 -26.26 1.53
CA VAL C 27 -36.78 -25.85 0.23
C VAL C 27 -37.07 -27.16 -0.47
N THR C 28 -38.29 -27.33 -0.96
CA THR C 28 -38.59 -28.57 -1.66
C THR C 28 -38.51 -28.35 -3.16
N VAL C 29 -37.67 -29.14 -3.83
CA VAL C 29 -37.50 -29.03 -5.27
C VAL C 29 -38.09 -30.27 -5.94
N TYR C 30 -38.91 -30.06 -6.96
CA TYR C 30 -39.53 -31.15 -7.68
C TYR C 30 -38.64 -31.48 -8.88
N PHE C 31 -38.24 -32.74 -8.96
CA PHE C 31 -37.34 -33.22 -9.98
C PHE C 31 -37.97 -34.30 -10.86
N SER C 32 -37.71 -34.24 -12.15
CA SER C 32 -38.21 -35.25 -13.09
C SER C 32 -37.32 -35.32 -14.32
N LEU C 33 -37.05 -36.53 -14.81
CA LEU C 33 -36.20 -36.68 -15.96
C LEU C 33 -36.95 -37.23 -17.18
N SER C 34 -36.85 -36.52 -18.30
CA SER C 34 -37.48 -36.94 -19.56
C SER C 34 -36.38 -37.48 -20.47
N LEU C 35 -36.28 -38.82 -20.57
CA LEU C 35 -35.27 -39.46 -21.42
C LEU C 35 -35.59 -39.14 -22.87
N LEU C 36 -34.64 -38.58 -23.60
CA LEU C 36 -34.85 -38.26 -25.01
C LEU C 36 -34.13 -39.22 -25.93
N GLN C 37 -32.92 -39.63 -25.56
CA GLN C 37 -32.15 -40.53 -26.39
C GLN C 37 -30.98 -41.20 -25.69
N ILE C 38 -30.67 -42.42 -26.12
CA ILE C 38 -29.52 -43.13 -25.59
C ILE C 38 -28.56 -43.14 -26.77
N MET C 39 -27.67 -42.15 -26.78
CA MET C 39 -26.70 -41.96 -27.84
C MET C 39 -25.81 -43.13 -28.11
N ASP C 40 -25.05 -43.55 -27.10
CA ASP C 40 -24.16 -44.66 -27.29
C ASP C 40 -24.03 -45.48 -26.05
N VAL C 41 -23.34 -46.62 -26.18
CA VAL C 41 -23.09 -47.54 -25.08
C VAL C 41 -21.69 -48.09 -25.27
N ASP C 42 -20.81 -47.82 -24.32
CA ASP C 42 -19.44 -48.31 -24.39
C ASP C 42 -19.43 -49.59 -23.58
N GLU C 43 -19.41 -50.74 -24.27
CA GLU C 43 -19.43 -52.03 -23.59
C GLU C 43 -18.07 -52.34 -22.98
N LYS C 44 -17.05 -51.72 -23.53
CA LYS C 44 -15.70 -51.94 -23.04
C LYS C 44 -15.43 -51.19 -21.75
N ASN C 45 -15.94 -49.98 -21.63
CA ASN C 45 -15.69 -49.17 -20.43
C ASN C 45 -16.91 -48.99 -19.54
N GLN C 46 -18.03 -49.57 -19.95
CA GLN C 46 -19.25 -49.50 -19.17
C GLN C 46 -19.78 -48.08 -18.92
N VAL C 47 -20.24 -47.43 -20.00
CA VAL C 47 -20.82 -46.08 -19.93
C VAL C 47 -21.95 -45.95 -20.95
N VAL C 48 -22.86 -45.01 -20.71
CA VAL C 48 -23.97 -44.72 -21.64
C VAL C 48 -23.97 -43.23 -21.87
N ASP C 49 -24.15 -42.84 -23.12
CA ASP C 49 -24.21 -41.43 -23.45
C ASP C 49 -25.72 -41.22 -23.50
N VAL C 50 -26.20 -40.25 -22.73
CA VAL C 50 -27.63 -39.97 -22.66
C VAL C 50 -27.99 -38.50 -22.85
N VAL C 51 -29.13 -38.24 -23.50
CA VAL C 51 -29.63 -36.89 -23.71
C VAL C 51 -30.99 -36.82 -23.03
N PHE C 52 -31.21 -35.82 -22.19
CA PHE C 52 -32.50 -35.72 -21.47
C PHE C 52 -32.93 -34.30 -21.03
N TRP C 53 -34.22 -34.14 -20.76
CA TRP C 53 -34.77 -32.85 -20.28
C TRP C 53 -34.76 -33.00 -18.75
N LEU C 54 -34.31 -31.98 -18.04
CA LEU C 54 -34.28 -32.05 -16.58
C LEU C 54 -35.29 -31.06 -16.08
N GLN C 55 -36.40 -31.54 -15.53
CA GLN C 55 -37.47 -30.65 -15.07
C GLN C 55 -37.40 -30.39 -13.59
N MET C 56 -36.98 -29.18 -13.23
CA MET C 56 -36.85 -28.77 -11.83
C MET C 56 -37.66 -27.54 -11.49
N SER C 57 -38.35 -27.59 -10.35
CA SER C 57 -39.13 -26.45 -9.90
C SER C 57 -39.07 -26.42 -8.38
N TRP C 58 -39.13 -25.20 -7.84
CA TRP C 58 -39.07 -24.99 -6.40
C TRP C 58 -39.59 -23.57 -6.11
N THR C 59 -39.61 -23.19 -4.84
CA THR C 59 -40.09 -21.86 -4.48
C THR C 59 -39.05 -21.04 -3.74
N ASP C 60 -38.78 -19.87 -4.27
CA ASP C 60 -37.81 -18.96 -3.69
C ASP C 60 -38.62 -17.79 -3.13
N HIS C 61 -38.85 -17.77 -1.82
CA HIS C 61 -39.64 -16.69 -1.25
C HIS C 61 -39.04 -15.30 -1.47
N TYR C 62 -37.73 -15.21 -1.67
CA TYR C 62 -37.12 -13.90 -1.92
C TYR C 62 -37.53 -13.37 -3.30
N LEU C 63 -38.05 -14.26 -4.14
CA LEU C 63 -38.43 -13.88 -5.48
C LEU C 63 -39.91 -13.66 -5.79
N GLN C 64 -40.69 -13.10 -4.88
CA GLN C 64 -42.08 -12.85 -5.20
C GLN C 64 -42.31 -11.36 -5.21
N TRP C 65 -43.40 -10.93 -5.85
CA TRP C 65 -43.71 -9.51 -5.93
C TRP C 65 -45.21 -9.23 -5.95
N ASN C 66 -45.58 -7.99 -5.60
CA ASN C 66 -46.98 -7.56 -5.58
C ASN C 66 -47.37 -7.33 -7.05
N VAL C 67 -48.15 -8.25 -7.61
CA VAL C 67 -48.53 -8.15 -9.01
C VAL C 67 -49.11 -6.78 -9.39
N SER C 68 -49.44 -5.99 -8.37
CA SER C 68 -50.00 -4.65 -8.56
C SER C 68 -48.88 -3.71 -8.97
N GLU C 69 -47.95 -3.52 -8.06
CA GLU C 69 -46.80 -2.64 -8.26
C GLU C 69 -46.11 -2.83 -9.59
N TYR C 70 -46.32 -3.98 -10.23
CA TYR C 70 -45.72 -4.27 -11.53
C TYR C 70 -46.84 -4.78 -12.43
N PRO C 71 -47.60 -3.87 -13.03
CA PRO C 71 -48.74 -4.04 -13.94
C PRO C 71 -48.87 -5.38 -14.69
N GLY C 72 -48.39 -5.42 -15.92
CA GLY C 72 -48.50 -6.63 -16.72
C GLY C 72 -47.54 -7.77 -16.46
N VAL C 73 -46.55 -7.54 -15.61
CA VAL C 73 -45.54 -8.56 -15.32
C VAL C 73 -46.08 -9.81 -14.62
N LYS C 74 -46.31 -10.86 -15.41
CA LYS C 74 -46.81 -12.12 -14.90
C LYS C 74 -45.68 -13.08 -14.51
N GLN C 75 -44.63 -13.12 -15.33
CA GLN C 75 -43.48 -13.97 -15.06
C GLN C 75 -42.25 -13.34 -15.66
N VAL C 76 -41.08 -13.80 -15.24
CA VAL C 76 -39.83 -13.26 -15.79
C VAL C 76 -38.85 -14.37 -16.12
N SER C 77 -38.06 -14.15 -17.16
CA SER C 77 -37.06 -15.11 -17.61
C SER C 77 -35.70 -14.60 -17.13
N VAL C 78 -35.18 -15.26 -16.11
CA VAL C 78 -33.93 -14.90 -15.47
C VAL C 78 -32.77 -15.88 -15.73
N PRO C 79 -31.52 -15.37 -15.79
CA PRO C 79 -30.35 -16.24 -16.02
C PRO C 79 -30.08 -17.03 -14.72
N ILE C 80 -29.90 -18.34 -14.81
CA ILE C 80 -29.69 -19.12 -13.58
C ILE C 80 -28.49 -18.64 -12.75
N SER C 81 -27.62 -17.86 -13.39
CA SER C 81 -26.46 -17.34 -12.68
C SER C 81 -26.90 -16.22 -11.73
N SER C 82 -28.11 -15.72 -11.95
CA SER C 82 -28.66 -14.62 -11.17
C SER C 82 -29.44 -15.02 -9.93
N LEU C 83 -29.80 -16.29 -9.83
CA LEU C 83 -30.57 -16.75 -8.67
C LEU C 83 -30.08 -18.11 -8.15
N TRP C 84 -30.60 -18.54 -7.00
CA TRP C 84 -30.20 -19.82 -6.42
C TRP C 84 -30.83 -20.94 -7.18
N VAL C 85 -30.04 -21.97 -7.46
CA VAL C 85 -30.51 -23.15 -8.18
C VAL C 85 -30.02 -24.42 -7.47
N PRO C 86 -30.86 -25.46 -7.45
CA PRO C 86 -30.49 -26.72 -6.79
C PRO C 86 -29.11 -27.16 -7.30
N ASP C 87 -28.21 -27.50 -6.39
CA ASP C 87 -26.89 -27.95 -6.79
C ASP C 87 -26.95 -29.45 -7.04
N LEU C 88 -27.91 -29.88 -7.86
CA LEU C 88 -28.05 -31.30 -8.18
C LEU C 88 -26.78 -31.83 -8.81
N ALA C 89 -26.53 -33.12 -8.60
CA ALA C 89 -25.35 -33.76 -9.16
C ALA C 89 -25.72 -35.17 -9.62
N ALA C 90 -25.14 -35.57 -10.76
CA ALA C 90 -25.38 -36.91 -11.30
C ALA C 90 -24.30 -37.74 -10.64
N TYR C 91 -24.72 -38.49 -9.62
CA TYR C 91 -23.81 -39.29 -8.83
C TYR C 91 -22.87 -40.21 -9.58
N ASN C 92 -23.41 -40.99 -10.50
CA ASN C 92 -22.58 -41.90 -11.27
C ASN C 92 -22.09 -41.35 -12.61
N ALA C 93 -22.24 -40.06 -12.88
CA ALA C 93 -21.78 -39.52 -14.16
C ALA C 93 -20.27 -39.58 -14.25
N ILE C 94 -19.74 -39.87 -15.44
CA ILE C 94 -18.30 -39.92 -15.61
C ILE C 94 -17.82 -38.82 -16.55
N SER C 95 -18.67 -37.81 -16.77
CA SER C 95 -18.33 -36.68 -17.62
C SER C 95 -19.08 -35.44 -17.15
N LYS C 96 -18.46 -34.28 -17.35
CA LYS C 96 -19.09 -33.01 -16.97
C LYS C 96 -20.42 -32.96 -17.75
N PRO C 97 -21.45 -32.29 -17.19
CA PRO C 97 -22.71 -32.25 -17.95
C PRO C 97 -22.67 -31.14 -18.98
N GLU C 98 -23.08 -31.48 -20.21
CA GLU C 98 -23.12 -30.55 -21.33
C GLU C 98 -24.54 -30.04 -21.47
N VAL C 99 -24.83 -28.85 -20.95
CA VAL C 99 -26.18 -28.27 -21.04
C VAL C 99 -26.40 -27.61 -22.43
N LEU C 100 -27.34 -28.20 -23.18
CA LEU C 100 -27.66 -27.79 -24.55
C LEU C 100 -28.57 -26.59 -24.79
N THR C 101 -29.34 -26.19 -23.77
CA THR C 101 -30.27 -25.07 -23.90
C THR C 101 -29.86 -23.80 -23.14
N PRO C 102 -30.51 -22.67 -23.43
CA PRO C 102 -30.18 -21.43 -22.75
C PRO C 102 -30.41 -21.62 -21.25
N GLN C 103 -29.44 -21.20 -20.46
CA GLN C 103 -29.53 -21.34 -19.02
C GLN C 103 -30.36 -20.23 -18.40
N LEU C 104 -31.66 -20.27 -18.69
CA LEU C 104 -32.61 -19.30 -18.16
C LEU C 104 -33.64 -20.03 -17.30
N ALA C 105 -34.12 -19.34 -16.27
CA ALA C 105 -35.15 -19.88 -15.38
C ALA C 105 -36.36 -18.96 -15.44
N LEU C 106 -37.54 -19.55 -15.33
CA LEU C 106 -38.81 -18.81 -15.33
C LEU C 106 -39.25 -18.55 -13.90
N VAL C 107 -39.59 -17.32 -13.55
CA VAL C 107 -40.00 -17.02 -12.18
C VAL C 107 -41.42 -16.40 -12.08
N ASN C 108 -42.25 -17.06 -11.27
CA ASN C 108 -43.65 -16.72 -10.97
C ASN C 108 -43.74 -15.49 -10.08
N SER C 109 -44.90 -14.85 -10.03
CA SER C 109 -45.05 -13.66 -9.19
C SER C 109 -45.17 -14.07 -7.73
N SER C 110 -45.30 -15.36 -7.52
CA SER C 110 -45.41 -15.89 -6.17
C SER C 110 -44.09 -16.51 -5.73
N GLY C 111 -43.08 -16.38 -6.59
CA GLY C 111 -41.78 -16.92 -6.27
C GLY C 111 -41.54 -18.35 -6.72
N HIS C 112 -42.41 -18.86 -7.58
CA HIS C 112 -42.20 -20.21 -8.06
C HIS C 112 -41.22 -20.22 -9.25
N VAL C 113 -40.10 -20.90 -9.08
CA VAL C 113 -39.10 -20.99 -10.13
C VAL C 113 -39.14 -22.31 -10.88
N GLN C 114 -38.84 -22.24 -12.17
CA GLN C 114 -38.80 -23.44 -12.99
C GLN C 114 -37.56 -23.35 -13.91
N TYR C 115 -36.65 -24.33 -13.79
CA TYR C 115 -35.43 -24.37 -14.61
C TYR C 115 -35.50 -25.71 -15.36
N LEU C 116 -35.54 -25.67 -16.69
CA LEU C 116 -35.73 -26.88 -17.50
C LEU C 116 -34.65 -27.17 -18.57
N PRO C 117 -33.37 -27.31 -18.16
CA PRO C 117 -32.27 -27.57 -19.09
C PRO C 117 -32.18 -28.96 -19.77
N SER C 118 -31.90 -28.94 -21.07
CA SER C 118 -31.72 -30.17 -21.85
C SER C 118 -30.25 -30.48 -21.65
N ILE C 119 -29.92 -31.73 -21.37
CA ILE C 119 -28.54 -32.08 -21.08
C ILE C 119 -28.08 -33.37 -21.76
N ARG C 120 -26.79 -33.42 -22.03
CA ARG C 120 -26.18 -34.62 -22.60
C ARG C 120 -25.07 -34.94 -21.61
N GLN C 121 -25.04 -36.17 -21.12
CA GLN C 121 -24.04 -36.56 -20.13
C GLN C 121 -23.77 -38.06 -20.19
N ARG C 122 -22.57 -38.46 -19.81
CA ARG C 122 -22.20 -39.86 -19.83
C ARG C 122 -22.24 -40.42 -18.42
N PHE C 123 -22.80 -41.61 -18.26
CA PHE C 123 -22.91 -42.26 -16.95
C PHE C 123 -22.24 -43.61 -16.87
N SER C 124 -21.81 -43.98 -15.67
CA SER C 124 -21.19 -45.27 -15.48
C SER C 124 -22.37 -46.23 -15.44
N CYS C 125 -22.34 -47.25 -16.29
CA CYS C 125 -23.44 -48.20 -16.34
C CYS C 125 -23.02 -49.56 -16.87
N ASP C 126 -23.60 -50.61 -16.30
CA ASP C 126 -23.31 -51.97 -16.72
C ASP C 126 -24.16 -52.25 -17.97
N VAL C 127 -23.56 -52.02 -19.14
CA VAL C 127 -24.26 -52.22 -20.39
C VAL C 127 -23.99 -53.59 -20.97
N SER C 128 -23.84 -54.59 -20.10
CA SER C 128 -23.56 -55.96 -20.52
C SER C 128 -24.62 -56.51 -21.47
N GLY C 129 -25.81 -56.73 -20.93
CA GLY C 129 -26.88 -57.31 -21.71
C GLY C 129 -27.68 -56.38 -22.58
N VAL C 130 -27.01 -55.46 -23.27
CA VAL C 130 -27.70 -54.52 -24.13
C VAL C 130 -28.20 -55.26 -25.37
N ASP C 131 -27.69 -56.47 -25.58
CA ASP C 131 -28.09 -57.26 -26.73
C ASP C 131 -28.99 -58.41 -26.39
N THR C 132 -29.16 -58.69 -25.09
CA THR C 132 -30.02 -59.78 -24.65
C THR C 132 -31.46 -59.29 -24.66
N GLU C 133 -32.43 -60.19 -24.52
CA GLU C 133 -33.80 -59.74 -24.52
C GLU C 133 -34.06 -59.01 -23.22
N SER C 134 -33.31 -59.39 -22.19
CA SER C 134 -33.43 -58.76 -20.86
C SER C 134 -33.06 -57.28 -20.95
N GLY C 135 -32.03 -57.01 -21.74
CA GLY C 135 -31.54 -55.65 -21.93
C GLY C 135 -30.59 -55.20 -20.83
N ALA C 136 -30.08 -53.99 -20.95
CA ALA C 136 -29.18 -53.43 -19.95
C ALA C 136 -29.98 -52.46 -19.09
N THR C 137 -29.59 -52.34 -17.82
CA THR C 137 -30.30 -51.44 -16.93
C THR C 137 -29.37 -50.37 -16.37
N CYS C 138 -29.67 -49.10 -16.65
CA CYS C 138 -28.85 -48.01 -16.15
C CYS C 138 -29.60 -47.26 -15.09
N LYS C 139 -28.87 -46.89 -14.04
CA LYS C 139 -29.44 -46.14 -12.93
C LYS C 139 -28.84 -44.75 -12.92
N LEU C 140 -29.64 -43.77 -13.30
CA LEU C 140 -29.17 -42.40 -13.32
C LEU C 140 -29.58 -41.78 -11.99
N LYS C 141 -28.62 -41.68 -11.06
CA LYS C 141 -28.90 -41.15 -9.74
C LYS C 141 -28.54 -39.66 -9.58
N PHE C 142 -29.54 -38.86 -9.20
CA PHE C 142 -29.32 -37.42 -9.00
C PHE C 142 -29.67 -37.06 -7.56
N GLY C 143 -29.07 -35.98 -7.08
CA GLY C 143 -29.35 -35.52 -5.72
C GLY C 143 -28.54 -34.30 -5.40
N SER C 144 -28.94 -33.54 -4.40
CA SER C 144 -28.19 -32.34 -4.04
C SER C 144 -26.79 -32.78 -3.61
N TRP C 145 -25.79 -31.95 -3.84
CA TRP C 145 -24.44 -32.31 -3.49
C TRP C 145 -24.06 -31.85 -2.10
N THR C 146 -24.55 -30.68 -1.68
CA THR C 146 -24.17 -30.17 -0.36
C THR C 146 -25.30 -30.01 0.69
N HIS C 147 -26.54 -30.05 0.22
CA HIS C 147 -27.66 -29.86 1.11
C HIS C 147 -28.37 -31.16 1.48
N HIS C 148 -28.44 -31.46 2.77
CA HIS C 148 -29.10 -32.67 3.25
C HIS C 148 -30.61 -32.56 3.34
N SER C 149 -31.26 -33.65 3.74
CA SER C 149 -32.72 -33.73 3.83
C SER C 149 -33.42 -32.55 4.45
N ARG C 150 -32.87 -32.05 5.55
CA ARG C 150 -33.50 -30.92 6.23
C ARG C 150 -33.29 -29.55 5.61
N GLU C 151 -32.38 -29.45 4.65
CA GLU C 151 -32.11 -28.19 3.93
C GLU C 151 -32.81 -28.14 2.56
N LEU C 152 -32.73 -29.25 1.82
CA LEU C 152 -33.31 -29.35 0.49
C LEU C 152 -34.03 -30.68 0.34
N ASP C 153 -35.36 -30.63 0.20
CA ASP C 153 -36.19 -31.82 0.06
C ASP C 153 -36.47 -32.18 -1.40
N LEU C 154 -35.75 -33.18 -1.90
CA LEU C 154 -35.91 -33.62 -3.29
C LEU C 154 -37.15 -34.49 -3.44
N GLN C 155 -38.09 -34.04 -4.24
CA GLN C 155 -39.31 -34.79 -4.47
C GLN C 155 -39.39 -35.12 -5.93
N MET C 156 -39.73 -36.36 -6.27
CA MET C 156 -39.81 -36.73 -7.67
C MET C 156 -41.19 -36.42 -8.23
N GLN C 157 -41.44 -36.83 -9.47
CA GLN C 157 -42.74 -36.65 -10.10
C GLN C 157 -42.75 -37.29 -11.47
N GLU C 158 -43.80 -38.09 -11.73
CA GLU C 158 -43.97 -38.83 -12.96
C GLU C 158 -43.01 -38.50 -14.09
N ALA C 159 -42.12 -39.45 -14.38
CA ALA C 159 -41.15 -39.27 -15.44
C ALA C 159 -41.84 -39.36 -16.78
N ASP C 160 -41.48 -38.48 -17.70
CA ASP C 160 -42.07 -38.48 -19.04
C ASP C 160 -41.22 -39.37 -19.95
N ILE C 161 -41.88 -40.17 -20.79
CA ILE C 161 -41.15 -41.05 -21.68
C ILE C 161 -41.52 -40.87 -23.14
N SER C 162 -42.41 -39.91 -23.41
CA SER C 162 -42.88 -39.63 -24.76
C SER C 162 -41.89 -38.81 -25.58
N GLY C 163 -40.82 -38.34 -24.93
CA GLY C 163 -39.84 -37.56 -25.64
C GLY C 163 -38.87 -38.46 -26.38
N TYR C 164 -38.85 -39.74 -25.99
CA TYR C 164 -37.93 -40.72 -26.59
C TYR C 164 -37.99 -40.81 -28.10
N ILE C 165 -36.83 -40.68 -28.71
CA ILE C 165 -36.67 -40.72 -30.16
C ILE C 165 -37.19 -42.03 -30.76
N PRO C 166 -38.12 -41.91 -31.74
CA PRO C 166 -38.75 -43.03 -32.46
C PRO C 166 -37.76 -43.96 -33.14
N TYR C 167 -36.83 -43.39 -33.91
CA TYR C 167 -35.79 -44.20 -34.56
C TYR C 167 -34.87 -44.64 -33.45
N SER C 168 -33.58 -44.45 -33.57
CA SER C 168 -32.71 -44.84 -32.46
C SER C 168 -32.42 -46.33 -32.40
N ARG C 169 -31.13 -46.65 -32.30
CA ARG C 169 -30.65 -48.01 -32.25
C ARG C 169 -31.26 -48.81 -31.07
N PHE C 170 -31.72 -48.13 -30.02
CA PHE C 170 -32.27 -48.79 -28.83
C PHE C 170 -33.75 -48.56 -28.55
N GLU C 171 -34.40 -49.55 -27.94
CA GLU C 171 -35.80 -49.45 -27.56
C GLU C 171 -35.92 -49.54 -26.04
N LEU C 172 -36.87 -48.82 -25.48
CA LEU C 172 -37.05 -48.80 -24.03
C LEU C 172 -37.85 -49.96 -23.47
N VAL C 173 -37.16 -50.90 -22.84
CA VAL C 173 -37.81 -52.05 -22.24
C VAL C 173 -38.60 -51.63 -21.01
N GLY C 174 -38.08 -50.68 -20.24
CA GLY C 174 -38.77 -50.23 -19.04
C GLY C 174 -38.16 -49.01 -18.38
N VAL C 175 -38.95 -48.31 -17.59
CA VAL C 175 -38.49 -47.10 -16.92
C VAL C 175 -39.18 -46.89 -15.58
N THR C 176 -38.43 -46.55 -14.55
CA THR C 176 -38.99 -46.32 -13.23
C THR C 176 -38.21 -45.19 -12.55
N GLN C 177 -38.84 -44.50 -11.61
CA GLN C 177 -38.21 -43.39 -10.95
C GLN C 177 -38.62 -43.41 -9.50
N LYS C 178 -37.67 -43.36 -8.57
CA LYS C 178 -38.03 -43.37 -7.15
C LYS C 178 -37.04 -42.59 -6.30
N ARG C 179 -37.55 -41.84 -5.32
CA ARG C 179 -36.64 -41.07 -4.47
C ARG C 179 -36.29 -41.87 -3.23
N SER C 180 -35.08 -41.64 -2.72
CA SER C 180 -34.59 -42.35 -1.56
C SER C 180 -33.84 -41.42 -0.63
N GLU C 181 -33.46 -41.92 0.54
CA GLU C 181 -32.72 -41.14 1.50
C GLU C 181 -31.67 -42.09 2.05
N ARG C 182 -30.40 -41.66 2.07
CA ARG C 182 -29.32 -42.53 2.54
C ARG C 182 -28.29 -41.72 3.28
N PHE C 183 -27.46 -42.40 4.08
CA PHE C 183 -26.37 -41.74 4.82
C PHE C 183 -25.06 -42.04 4.10
N TYR C 184 -24.11 -41.11 4.16
CA TYR C 184 -22.86 -41.31 3.45
C TYR C 184 -21.61 -41.29 4.34
N GLU C 185 -20.58 -42.05 3.94
CA GLU C 185 -19.31 -42.08 4.68
C GLU C 185 -18.87 -40.62 4.62
N CYS C 186 -18.93 -39.95 5.77
CA CYS C 186 -18.62 -38.53 5.88
C CYS C 186 -19.97 -37.94 6.06
N CYS C 187 -20.04 -36.61 6.03
CA CYS C 187 -21.32 -35.95 6.06
C CYS C 187 -22.35 -36.65 7.00
N LYS C 188 -22.48 -36.08 8.20
CA LYS C 188 -23.35 -36.56 9.27
C LYS C 188 -24.81 -36.87 8.93
N GLU C 189 -25.48 -35.95 8.23
CA GLU C 189 -26.90 -36.10 7.85
C GLU C 189 -27.23 -37.01 6.66
N PRO C 190 -28.54 -37.30 6.46
CA PRO C 190 -29.03 -38.15 5.35
C PRO C 190 -29.21 -37.29 4.07
N TYR C 191 -29.05 -37.90 2.90
CA TYR C 191 -29.18 -37.17 1.64
C TYR C 191 -30.22 -37.76 0.70
N PRO C 192 -31.23 -36.95 0.34
CA PRO C 192 -32.25 -37.48 -0.57
C PRO C 192 -31.77 -37.54 -2.03
N ASP C 193 -32.20 -38.58 -2.74
CA ASP C 193 -31.82 -38.75 -4.14
C ASP C 193 -32.89 -39.44 -5.02
N VAL C 194 -33.15 -38.86 -6.20
CA VAL C 194 -34.09 -39.46 -7.11
C VAL C 194 -33.27 -40.26 -8.09
N THR C 195 -33.68 -41.51 -8.36
CA THR C 195 -32.95 -42.37 -9.29
C THR C 195 -33.81 -42.86 -10.44
N PHE C 196 -33.43 -42.42 -11.64
CA PHE C 196 -34.12 -42.77 -12.86
C PHE C 196 -33.51 -44.07 -13.36
N THR C 197 -34.27 -45.15 -13.34
CA THR C 197 -33.75 -46.44 -13.80
C THR C 197 -34.29 -46.76 -15.18
N VAL C 198 -33.38 -46.96 -16.15
CA VAL C 198 -33.79 -47.25 -17.53
C VAL C 198 -33.32 -48.62 -17.97
N THR C 199 -34.21 -49.39 -18.59
CA THR C 199 -33.84 -50.70 -19.13
C THR C 199 -34.06 -50.58 -20.64
N PHE C 200 -33.03 -50.89 -21.41
CA PHE C 200 -33.12 -50.78 -22.86
C PHE C 200 -32.34 -51.90 -23.53
N ARG C 201 -32.73 -52.20 -24.77
CA ARG C 201 -32.09 -53.26 -25.53
C ARG C 201 -31.94 -52.80 -26.97
N LYS C 202 -30.97 -53.37 -27.68
CA LYS C 202 -30.70 -53.05 -29.08
C LYS C 202 -31.83 -53.56 -29.98
N LYS C 203 -32.41 -52.67 -30.77
CA LYS C 203 -33.50 -53.06 -31.66
C LYS C 203 -33.02 -54.14 -32.60
N GLY C 204 -33.95 -54.98 -33.07
CA GLY C 204 -33.61 -56.05 -33.98
C GLY C 204 -32.63 -57.06 -33.39
N GLU D 1 -32.79 -16.82 2.98
CA GLU D 1 -33.23 -17.27 4.33
C GLU D 1 -33.82 -16.11 5.15
N PHE D 2 -32.94 -15.41 5.85
CA PHE D 2 -33.25 -14.25 6.72
C PHE D 2 -32.03 -14.04 7.59
N GLN D 3 -31.33 -15.15 7.85
CA GLN D 3 -30.13 -15.12 8.67
C GLN D 3 -28.87 -15.26 7.82
N ARG D 4 -28.97 -15.12 6.50
CA ARG D 4 -27.76 -15.25 5.72
C ARG D 4 -27.14 -13.92 5.37
N LYS D 5 -26.82 -13.22 6.45
CA LYS D 5 -26.15 -11.95 6.45
C LYS D 5 -24.79 -12.46 6.93
N LEU D 6 -24.72 -13.80 7.02
CA LEU D 6 -23.53 -14.53 7.43
C LEU D 6 -22.59 -14.61 6.23
N TYR D 7 -23.15 -14.75 5.04
CA TYR D 7 -22.32 -14.81 3.83
C TYR D 7 -21.71 -13.42 3.68
N LYS D 8 -22.51 -12.38 3.87
CA LYS D 8 -22.00 -11.01 3.77
C LYS D 8 -20.80 -10.86 4.70
N GLU D 9 -20.89 -11.46 5.88
CA GLU D 9 -19.81 -11.41 6.87
C GLU D 9 -18.62 -12.28 6.51
N LEU D 10 -18.88 -13.56 6.25
CA LEU D 10 -17.85 -14.53 5.89
C LEU D 10 -16.97 -14.11 4.73
N VAL D 11 -17.44 -13.20 3.90
CA VAL D 11 -16.64 -12.79 2.76
C VAL D 11 -16.21 -11.31 2.81
N LYS D 12 -16.49 -10.66 3.94
CA LYS D 12 -16.13 -9.25 4.08
C LYS D 12 -14.63 -9.00 3.88
N ASN D 13 -13.84 -9.17 4.94
CA ASN D 13 -12.39 -8.98 4.85
C ASN D 13 -11.76 -10.34 4.60
N TYR D 14 -12.20 -10.97 3.53
CA TYR D 14 -11.68 -12.29 3.20
C TYR D 14 -11.07 -12.36 1.81
N ASN D 15 -9.80 -12.77 1.77
CA ASN D 15 -9.04 -12.95 0.55
C ASN D 15 -8.79 -14.45 0.39
N PRO D 16 -9.44 -15.08 -0.61
CA PRO D 16 -9.28 -16.51 -0.85
C PRO D 16 -7.89 -16.90 -1.31
N ASP D 17 -7.04 -15.92 -1.59
CA ASP D 17 -5.66 -16.18 -2.03
C ASP D 17 -4.71 -16.36 -0.84
N VAL D 18 -5.22 -16.14 0.36
CA VAL D 18 -4.43 -16.24 1.56
C VAL D 18 -4.61 -17.52 2.36
N ILE D 19 -3.58 -18.35 2.41
CA ILE D 19 -3.66 -19.60 3.17
C ILE D 19 -3.85 -19.19 4.64
N PRO D 20 -4.91 -19.66 5.30
CA PRO D 20 -5.22 -19.34 6.68
C PRO D 20 -4.36 -20.01 7.74
N THR D 21 -3.06 -19.73 7.71
CA THR D 21 -2.13 -20.29 8.69
C THR D 21 -2.18 -19.38 9.90
N GLN D 22 -2.40 -19.94 11.09
CA GLN D 22 -2.42 -19.09 12.27
C GLN D 22 -1.14 -19.20 13.10
N ARG D 23 -0.18 -18.35 12.73
CA ARG D 23 1.13 -18.22 13.38
C ARG D 23 1.77 -19.47 13.99
N ASP D 24 2.89 -19.88 13.41
CA ASP D 24 3.66 -21.05 13.85
C ASP D 24 2.82 -22.31 13.77
N ARG D 25 1.70 -22.23 13.05
CA ARG D 25 0.81 -23.36 12.89
C ARG D 25 0.37 -23.55 11.44
N PRO D 26 0.98 -24.53 10.74
CA PRO D 26 0.59 -24.77 9.35
C PRO D 26 -0.86 -25.23 9.29
N VAL D 27 -1.55 -24.91 8.21
CA VAL D 27 -2.93 -25.34 8.07
C VAL D 27 -2.84 -26.81 7.75
N THR D 28 -3.51 -27.66 8.51
CA THR D 28 -3.44 -29.07 8.21
C THR D 28 -4.70 -29.46 7.44
N VAL D 29 -4.51 -30.06 6.26
CA VAL D 29 -5.62 -30.48 5.42
C VAL D 29 -5.62 -32.01 5.36
N TYR D 30 -6.79 -32.60 5.60
CA TYR D 30 -6.93 -34.05 5.57
C TYR D 30 -7.38 -34.44 4.18
N PHE D 31 -6.58 -35.32 3.57
CA PHE D 31 -6.80 -35.80 2.20
C PHE D 31 -7.06 -37.29 2.10
N SER D 32 -8.00 -37.67 1.24
CA SER D 32 -8.32 -39.08 1.03
C SER D 32 -8.95 -39.30 -0.33
N LEU D 33 -8.53 -40.35 -1.02
CA LEU D 33 -9.05 -40.64 -2.34
C LEU D 33 -9.91 -41.90 -2.39
N SER D 34 -11.12 -41.75 -2.93
CA SER D 34 -12.05 -42.88 -3.07
C SER D 34 -12.06 -43.26 -4.55
N LEU D 35 -11.39 -44.35 -4.90
CA LEU D 35 -11.34 -44.78 -6.29
C LEU D 35 -12.71 -45.27 -6.72
N LEU D 36 -13.29 -44.70 -7.77
CA LEU D 36 -14.60 -45.12 -8.24
C LEU D 36 -14.54 -45.98 -9.49
N GLN D 37 -13.62 -45.68 -10.39
CA GLN D 37 -13.51 -46.44 -11.63
C GLN D 37 -12.23 -46.20 -12.41
N ILE D 38 -11.78 -47.23 -13.10
CA ILE D 38 -10.59 -47.13 -13.92
C ILE D 38 -11.18 -47.25 -15.32
N MET D 39 -11.45 -46.09 -15.91
CA MET D 39 -12.05 -45.97 -17.24
C MET D 39 -11.31 -46.68 -18.34
N ASP D 40 -10.05 -46.32 -18.53
CA ASP D 40 -9.27 -46.94 -19.58
C ASP D 40 -7.81 -47.05 -19.21
N VAL D 41 -7.05 -47.72 -20.06
CA VAL D 41 -5.61 -47.88 -19.88
C VAL D 41 -4.99 -47.84 -21.27
N ASP D 42 -4.12 -46.87 -21.50
CA ASP D 42 -3.44 -46.74 -22.79
C ASP D 42 -2.11 -47.43 -22.62
N GLU D 43 -2.00 -48.64 -23.17
CA GLU D 43 -0.78 -49.41 -23.04
C GLU D 43 0.32 -48.85 -23.94
N LYS D 44 -0.10 -48.17 -25.00
CA LYS D 44 0.82 -47.58 -25.96
C LYS D 44 1.48 -46.32 -25.41
N ASN D 45 0.71 -45.50 -24.70
CA ASN D 45 1.21 -44.24 -24.16
C ASN D 45 1.40 -44.22 -22.65
N GLN D 46 1.08 -45.33 -22.00
CA GLN D 46 1.24 -45.45 -20.58
C GLN D 46 0.45 -44.43 -19.76
N VAL D 47 -0.88 -44.53 -19.81
CA VAL D 47 -1.78 -43.64 -19.05
C VAL D 47 -3.02 -44.42 -18.57
N VAL D 48 -3.64 -43.90 -17.51
CA VAL D 48 -4.87 -44.48 -16.98
C VAL D 48 -5.86 -43.35 -16.85
N ASP D 49 -7.10 -43.64 -17.20
CA ASP D 49 -8.16 -42.66 -17.08
C ASP D 49 -8.82 -43.12 -15.78
N VAL D 50 -8.96 -42.21 -14.82
CA VAL D 50 -9.51 -42.58 -13.52
C VAL D 50 -10.59 -41.64 -13.03
N VAL D 51 -11.61 -42.19 -12.37
CA VAL D 51 -12.66 -41.36 -11.81
C VAL D 51 -12.65 -41.58 -10.30
N PHE D 52 -12.64 -40.49 -9.53
CA PHE D 52 -12.58 -40.62 -8.07
C PHE D 52 -13.18 -39.45 -7.23
N TRP D 53 -13.67 -39.77 -6.04
CA TRP D 53 -14.19 -38.75 -5.11
C TRP D 53 -12.88 -38.28 -4.47
N LEU D 54 -12.79 -37.01 -4.11
CA LEU D 54 -11.60 -36.48 -3.48
C LEU D 54 -12.10 -35.88 -2.18
N GLN D 55 -11.66 -36.40 -1.03
CA GLN D 55 -12.15 -35.91 0.24
C GLN D 55 -11.14 -35.03 0.96
N MET D 56 -11.41 -33.74 0.97
CA MET D 56 -10.52 -32.78 1.63
C MET D 56 -11.22 -31.98 2.71
N SER D 57 -10.53 -31.77 3.83
CA SER D 57 -11.09 -30.99 4.94
C SER D 57 -9.96 -30.28 5.63
N TRP D 58 -10.27 -29.12 6.20
CA TRP D 58 -9.25 -28.32 6.89
C TRP D 58 -9.97 -27.29 7.73
N THR D 59 -9.22 -26.43 8.42
CA THR D 59 -9.86 -25.42 9.24
C THR D 59 -9.41 -24.01 8.87
N ASP D 60 -10.38 -23.16 8.60
CA ASP D 60 -10.12 -21.78 8.22
C ASP D 60 -10.59 -20.95 9.40
N HIS D 61 -9.68 -20.46 10.23
CA HIS D 61 -10.11 -19.68 11.39
C HIS D 61 -10.89 -18.42 11.01
N TYR D 62 -10.64 -17.87 9.82
CA TYR D 62 -11.37 -16.67 9.39
C TYR D 62 -12.84 -16.99 9.17
N LEU D 63 -13.16 -18.27 9.01
CA LEU D 63 -14.53 -18.66 8.74
C LEU D 63 -15.38 -19.22 9.85
N GLN D 64 -15.26 -18.69 11.06
CA GLN D 64 -16.11 -19.20 12.12
C GLN D 64 -17.01 -18.07 12.58
N TRP D 65 -18.09 -18.43 13.26
CA TRP D 65 -19.05 -17.43 13.73
C TRP D 65 -19.71 -17.83 15.05
N ASN D 66 -20.27 -16.84 15.74
CA ASN D 66 -20.95 -17.07 17.02
C ASN D 66 -22.30 -17.66 16.67
N VAL D 67 -22.49 -18.95 16.93
CA VAL D 67 -23.74 -19.62 16.60
C VAL D 67 -24.99 -18.91 17.14
N SER D 68 -24.76 -17.98 18.07
CA SER D 68 -25.83 -17.20 18.68
C SER D 68 -26.31 -16.17 17.67
N GLU D 69 -25.40 -15.22 17.36
CA GLU D 69 -25.65 -14.13 16.41
C GLU D 69 -26.33 -14.55 15.11
N TYR D 70 -26.28 -15.84 14.81
CA TYR D 70 -26.90 -16.37 13.60
C TYR D 70 -27.67 -17.63 14.03
N PRO D 71 -28.88 -17.45 14.55
CA PRO D 71 -29.83 -18.44 15.04
C PRO D 71 -29.71 -19.88 14.57
N GLY D 72 -30.47 -20.24 13.53
CA GLY D 72 -30.45 -21.60 13.02
C GLY D 72 -29.29 -22.01 12.12
N VAL D 73 -28.46 -21.05 11.74
CA VAL D 73 -27.32 -21.33 10.86
C VAL D 73 -26.27 -22.28 11.45
N LYS D 74 -26.35 -23.55 11.06
CA LYS D 74 -25.41 -24.59 11.52
C LYS D 74 -24.19 -24.71 10.58
N GLN D 75 -24.45 -24.68 9.28
CA GLN D 75 -23.40 -24.78 8.27
C GLN D 75 -23.82 -24.02 7.01
N VAL D 76 -22.86 -23.72 6.15
CA VAL D 76 -23.16 -23.03 4.92
C VAL D 76 -22.47 -23.67 3.73
N SER D 77 -23.15 -23.65 2.59
CA SER D 77 -22.62 -24.22 1.36
C SER D 77 -22.10 -23.06 0.53
N VAL D 78 -20.78 -22.93 0.46
CA VAL D 78 -20.10 -21.85 -0.23
C VAL D 78 -19.35 -22.28 -1.51
N PRO D 79 -19.26 -21.39 -2.52
CA PRO D 79 -18.57 -21.68 -3.78
C PRO D 79 -17.07 -21.68 -3.48
N ILE D 80 -16.34 -22.72 -3.91
CA ILE D 80 -14.91 -22.75 -3.61
C ILE D 80 -14.15 -21.52 -4.12
N SER D 81 -14.74 -20.77 -5.03
CA SER D 81 -14.10 -19.57 -5.59
C SER D 81 -14.17 -18.44 -4.56
N SER D 82 -15.01 -18.65 -3.56
CA SER D 82 -15.23 -17.67 -2.53
C SER D 82 -14.32 -17.79 -1.31
N LEU D 83 -13.65 -18.93 -1.18
CA LEU D 83 -12.77 -19.13 -0.04
C LEU D 83 -11.45 -19.81 -0.45
N TRP D 84 -10.49 -19.87 0.47
CA TRP D 84 -9.21 -20.50 0.19
C TRP D 84 -9.39 -22.01 0.17
N VAL D 85 -8.75 -22.64 -0.80
CA VAL D 85 -8.78 -24.08 -0.96
C VAL D 85 -7.38 -24.61 -1.24
N PRO D 86 -7.04 -25.78 -0.69
CA PRO D 86 -5.72 -26.36 -0.90
C PRO D 86 -5.40 -26.38 -2.38
N ASP D 87 -4.22 -25.90 -2.75
CA ASP D 87 -3.84 -25.90 -4.16
C ASP D 87 -3.21 -27.26 -4.49
N LEU D 88 -3.94 -28.34 -4.20
CA LEU D 88 -3.45 -29.69 -4.48
C LEU D 88 -3.21 -29.87 -5.96
N ALA D 89 -2.26 -30.74 -6.29
CA ALA D 89 -1.94 -31.01 -7.69
C ALA D 89 -1.59 -32.48 -7.85
N ALA D 90 -1.95 -33.04 -9.01
CA ALA D 90 -1.68 -34.44 -9.37
C ALA D 90 -0.32 -34.43 -10.06
N TYR D 91 0.72 -34.65 -9.27
CA TYR D 91 2.08 -34.59 -9.77
C TYR D 91 2.36 -35.37 -11.05
N ASN D 92 1.67 -36.48 -11.24
CA ASN D 92 1.85 -37.30 -12.42
C ASN D 92 0.66 -37.30 -13.40
N ALA D 93 -0.21 -36.30 -13.31
CA ALA D 93 -1.36 -36.21 -14.19
C ALA D 93 -0.91 -35.70 -15.56
N ILE D 94 -1.48 -36.22 -16.63
CA ILE D 94 -1.09 -35.76 -17.95
C ILE D 94 -2.26 -35.08 -18.63
N SER D 95 -3.25 -34.70 -17.84
CA SER D 95 -4.42 -34.00 -18.36
C SER D 95 -5.01 -33.11 -17.28
N LYS D 96 -5.62 -32.00 -17.70
CA LYS D 96 -6.25 -31.08 -16.77
C LYS D 96 -7.31 -31.89 -16.02
N PRO D 97 -7.59 -31.55 -14.75
CA PRO D 97 -8.60 -32.34 -14.04
C PRO D 97 -10.00 -31.87 -14.40
N GLU D 98 -10.88 -32.82 -14.70
CA GLU D 98 -12.27 -32.54 -15.07
C GLU D 98 -13.13 -32.79 -13.84
N VAL D 99 -13.52 -31.72 -13.15
CA VAL D 99 -14.32 -31.84 -11.93
C VAL D 99 -15.82 -31.97 -12.28
N LEU D 100 -16.37 -33.14 -11.96
CA LEU D 100 -17.73 -33.51 -12.29
C LEU D 100 -18.87 -33.02 -11.40
N THR D 101 -18.56 -32.59 -10.20
CA THR D 101 -19.61 -32.14 -9.28
C THR D 101 -19.61 -30.62 -9.04
N PRO D 102 -20.67 -30.11 -8.41
CA PRO D 102 -20.72 -28.66 -8.13
C PRO D 102 -19.55 -28.27 -7.23
N GLN D 103 -18.85 -27.20 -7.61
CA GLN D 103 -17.71 -26.75 -6.83
C GLN D 103 -18.10 -25.91 -5.61
N LEU D 104 -18.57 -26.63 -4.59
CA LEU D 104 -19.01 -26.05 -3.34
C LEU D 104 -18.42 -26.81 -2.17
N ALA D 105 -18.05 -26.04 -1.13
CA ALA D 105 -17.50 -26.60 0.10
C ALA D 105 -18.49 -26.34 1.22
N LEU D 106 -18.46 -27.19 2.24
CA LEU D 106 -19.33 -27.06 3.40
C LEU D 106 -18.55 -26.40 4.55
N VAL D 107 -19.08 -25.32 5.13
CA VAL D 107 -18.38 -24.65 6.21
C VAL D 107 -19.12 -24.69 7.56
N ASN D 108 -18.40 -25.21 8.55
CA ASN D 108 -18.82 -25.38 9.96
C ASN D 108 -18.88 -24.04 10.68
N SER D 109 -19.60 -23.97 11.80
CA SER D 109 -19.66 -22.72 12.56
C SER D 109 -18.33 -22.47 13.29
N SER D 110 -17.50 -23.50 13.32
CA SER D 110 -16.20 -23.42 14.00
C SER D 110 -15.10 -23.20 12.99
N GLY D 111 -15.48 -23.05 11.72
CA GLY D 111 -14.50 -22.82 10.67
C GLY D 111 -13.99 -24.06 9.99
N HIS D 112 -14.63 -25.21 10.21
CA HIS D 112 -14.18 -26.42 9.56
C HIS D 112 -14.76 -26.52 8.14
N VAL D 113 -13.88 -26.56 7.14
CA VAL D 113 -14.31 -26.66 5.74
C VAL D 113 -14.18 -28.09 5.21
N GLN D 114 -15.13 -28.48 4.39
CA GLN D 114 -15.14 -29.80 3.78
C GLN D 114 -15.33 -29.58 2.26
N TYR D 115 -14.62 -30.34 1.44
CA TYR D 115 -14.75 -30.18 0.01
C TYR D 115 -14.52 -31.53 -0.63
N LEU D 116 -15.59 -32.12 -1.16
CA LEU D 116 -15.50 -33.44 -1.79
C LEU D 116 -15.88 -33.42 -3.27
N PRO D 117 -14.93 -33.03 -4.14
CA PRO D 117 -15.26 -33.02 -5.56
C PRO D 117 -15.00 -34.37 -6.20
N SER D 118 -15.85 -34.73 -7.17
CA SER D 118 -15.70 -35.97 -7.92
C SER D 118 -14.87 -35.55 -9.14
N ILE D 119 -13.82 -36.29 -9.46
CA ILE D 119 -12.98 -35.90 -10.56
C ILE D 119 -12.64 -37.03 -11.52
N ARG D 120 -12.42 -36.66 -12.77
CA ARG D 120 -11.99 -37.61 -13.80
C ARG D 120 -10.69 -37.01 -14.31
N GLN D 121 -9.62 -37.80 -14.30
CA GLN D 121 -8.32 -37.30 -14.73
C GLN D 121 -7.45 -38.43 -15.26
N ARG D 122 -6.53 -38.08 -16.15
CA ARG D 122 -5.62 -39.07 -16.72
C ARG D 122 -4.24 -38.95 -16.09
N PHE D 123 -3.63 -40.09 -15.73
CA PHE D 123 -2.31 -40.10 -15.11
C PHE D 123 -1.30 -40.92 -15.87
N SER D 124 -0.03 -40.54 -15.73
CA SER D 124 1.06 -41.27 -16.36
C SER D 124 1.27 -42.50 -15.52
N CYS D 125 1.15 -43.68 -16.13
CA CYS D 125 1.32 -44.90 -15.38
C CYS D 125 1.81 -46.06 -16.22
N ASP D 126 2.64 -46.91 -15.62
CA ASP D 126 3.15 -48.07 -16.33
C ASP D 126 2.08 -49.16 -16.31
N VAL D 127 1.24 -49.19 -17.34
CA VAL D 127 0.18 -50.19 -17.40
C VAL D 127 0.58 -51.46 -18.17
N SER D 128 1.85 -51.82 -18.04
CA SER D 128 2.40 -53.00 -18.70
C SER D 128 1.63 -54.28 -18.38
N GLY D 129 1.79 -54.72 -17.13
CA GLY D 129 1.16 -55.96 -16.69
C GLY D 129 -0.29 -55.91 -16.28
N VAL D 130 -1.11 -55.15 -17.01
CA VAL D 130 -2.52 -55.05 -16.69
C VAL D 130 -3.22 -56.36 -17.02
N ASP D 131 -2.54 -57.23 -17.77
CA ASP D 131 -3.10 -58.51 -18.13
C ASP D 131 -2.48 -59.67 -17.39
N THR D 132 -1.39 -59.42 -16.66
CA THR D 132 -0.72 -60.47 -15.93
C THR D 132 -1.48 -60.67 -14.64
N GLU D 133 -1.18 -61.73 -13.89
CA GLU D 133 -1.89 -61.93 -12.63
C GLU D 133 -1.38 -60.90 -11.62
N SER D 134 -0.16 -60.44 -11.83
CA SER D 134 0.45 -59.45 -10.96
C SER D 134 -0.31 -58.14 -11.07
N GLY D 135 -0.74 -57.84 -12.30
CA GLY D 135 -1.47 -56.62 -12.54
C GLY D 135 -0.55 -55.43 -12.70
N ALA D 136 -1.13 -54.27 -12.99
CA ALA D 136 -0.38 -53.03 -13.16
C ALA D 136 -0.54 -52.21 -11.89
N THR D 137 0.47 -51.42 -11.57
CA THR D 137 0.42 -50.58 -10.38
C THR D 137 0.54 -49.11 -10.71
N CYS D 138 -0.47 -48.31 -10.37
CA CYS D 138 -0.44 -46.88 -10.64
C CYS D 138 -0.31 -46.10 -9.38
N LYS D 139 0.55 -45.09 -9.41
CA LYS D 139 0.77 -44.27 -8.25
C LYS D 139 0.21 -42.88 -8.50
N LEU D 140 -0.90 -42.57 -7.86
CA LEU D 140 -1.53 -41.27 -8.00
C LEU D 140 -0.99 -40.39 -6.87
N LYS D 141 -0.03 -39.53 -7.20
CA LYS D 141 0.58 -38.65 -6.23
C LYS D 141 -0.01 -37.24 -6.22
N PHE D 142 -0.45 -36.80 -5.05
CA PHE D 142 -1.05 -35.49 -4.89
C PHE D 142 -0.28 -34.73 -3.82
N GLY D 143 -0.30 -33.40 -3.89
CA GLY D 143 0.38 -32.59 -2.90
C GLY D 143 0.20 -31.11 -3.20
N SER D 144 0.32 -30.27 -2.18
CA SER D 144 0.19 -28.81 -2.35
C SER D 144 1.27 -28.33 -3.32
N TRP D 145 0.85 -27.63 -4.37
CA TRP D 145 1.80 -27.15 -5.38
C TRP D 145 2.77 -26.05 -4.96
N THR D 146 2.35 -25.11 -4.10
CA THR D 146 3.25 -24.02 -3.72
C THR D 146 3.51 -23.83 -2.22
N HIS D 147 2.77 -24.55 -1.39
CA HIS D 147 2.96 -24.44 0.05
C HIS D 147 3.73 -25.63 0.61
N HIS D 148 4.86 -25.36 1.26
CA HIS D 148 5.68 -26.43 1.83
C HIS D 148 5.18 -26.94 3.18
N SER D 149 5.89 -27.91 3.73
CA SER D 149 5.53 -28.54 5.00
C SER D 149 5.10 -27.60 6.11
N ARG D 150 5.87 -26.53 6.31
CA ARG D 150 5.54 -25.59 7.37
C ARG D 150 4.36 -24.65 7.10
N GLU D 151 3.88 -24.60 5.86
CA GLU D 151 2.73 -23.76 5.51
C GLU D 151 1.44 -24.58 5.44
N LEU D 152 1.53 -25.75 4.81
CA LEU D 152 0.37 -26.64 4.65
C LEU D 152 0.76 -28.08 4.95
N ASP D 153 0.18 -28.63 6.01
CA ASP D 153 0.46 -29.99 6.44
C ASP D 153 -0.56 -30.98 5.90
N LEU D 154 -0.16 -31.72 4.86
CA LEU D 154 -1.03 -32.73 4.22
C LEU D 154 -1.05 -34.00 5.05
N GLN D 155 -2.22 -34.36 5.54
CA GLN D 155 -2.38 -35.57 6.33
C GLN D 155 -3.33 -36.47 5.60
N MET D 156 -3.01 -37.75 5.53
CA MET D 156 -3.90 -38.68 4.84
C MET D 156 -4.96 -39.22 5.81
N GLN D 157 -5.75 -40.17 5.34
CA GLN D 157 -6.75 -40.83 6.17
C GLN D 157 -7.46 -41.92 5.39
N GLU D 158 -7.56 -43.09 6.02
CA GLU D 158 -8.15 -44.28 5.42
C GLU D 158 -8.87 -44.10 4.10
N ALA D 159 -8.26 -44.62 3.04
CA ALA D 159 -8.83 -44.54 1.72
C ALA D 159 -10.03 -45.48 1.62
N ASP D 160 -11.09 -44.99 0.99
CA ASP D 160 -12.30 -45.79 0.82
C ASP D 160 -12.21 -46.54 -0.52
N ILE D 161 -12.61 -47.81 -0.50
CA ILE D 161 -12.57 -48.61 -1.72
C ILE D 161 -13.93 -49.22 -2.08
N SER D 162 -14.94 -48.90 -1.29
CA SER D 162 -16.27 -49.43 -1.51
C SER D 162 -17.02 -48.71 -2.62
N GLY D 163 -16.44 -47.63 -3.13
CA GLY D 163 -17.11 -46.90 -4.19
C GLY D 163 -16.85 -47.54 -5.54
N TYR D 164 -15.86 -48.42 -5.58
CA TYR D 164 -15.47 -49.07 -6.81
C TYR D 164 -16.59 -49.78 -7.53
N ILE D 165 -16.74 -49.45 -8.80
CA ILE D 165 -17.76 -50.03 -9.66
C ILE D 165 -17.67 -51.57 -9.72
N PRO D 166 -18.78 -52.25 -9.39
CA PRO D 166 -18.90 -53.72 -9.39
C PRO D 166 -18.59 -54.35 -10.76
N TYR D 167 -19.18 -53.84 -11.85
CA TYR D 167 -18.88 -54.36 -13.19
C TYR D 167 -17.48 -53.86 -13.51
N SER D 168 -17.27 -53.23 -14.64
CA SER D 168 -15.91 -52.74 -14.89
C SER D 168 -14.92 -53.80 -15.36
N ARG D 169 -14.23 -53.48 -16.45
CA ARG D 169 -13.27 -54.37 -17.06
C ARG D 169 -12.14 -54.78 -16.09
N PHE D 170 -11.87 -53.95 -15.09
CA PHE D 170 -10.77 -54.23 -14.13
C PHE D 170 -11.17 -54.54 -12.69
N GLU D 171 -10.36 -55.36 -12.02
CA GLU D 171 -10.61 -55.70 -10.61
C GLU D 171 -9.44 -55.19 -9.78
N LEU D 172 -9.73 -54.75 -8.55
CA LEU D 172 -8.68 -54.19 -7.71
C LEU D 172 -7.87 -55.24 -6.96
N VAL D 173 -6.62 -55.42 -7.37
CA VAL D 173 -5.75 -56.38 -6.72
C VAL D 173 -5.25 -55.87 -5.37
N GLY D 174 -4.95 -54.57 -5.28
CA GLY D 174 -4.46 -54.00 -4.03
C GLY D 174 -4.51 -52.48 -3.99
N VAL D 175 -4.60 -51.90 -2.80
CA VAL D 175 -4.66 -50.44 -2.66
C VAL D 175 -3.97 -50.01 -1.38
N THR D 176 -3.16 -48.97 -1.46
CA THR D 176 -2.47 -48.45 -0.28
C THR D 176 -2.35 -46.94 -0.40
N GLN D 177 -2.25 -46.25 0.72
CA GLN D 177 -2.16 -44.79 0.70
C GLN D 177 -1.17 -44.38 1.77
N LYS D 178 -0.18 -43.56 1.41
CA LYS D 178 0.79 -43.11 2.41
C LYS D 178 1.31 -41.71 2.12
N ARG D 179 1.48 -40.90 3.15
CA ARG D 179 2.00 -39.55 2.95
C ARG D 179 3.51 -39.55 3.13
N SER D 180 4.19 -38.66 2.41
CA SER D 180 5.64 -38.56 2.45
C SER D 180 6.06 -37.11 2.44
N GLU D 181 7.36 -36.90 2.62
CA GLU D 181 7.92 -35.55 2.62
C GLU D 181 9.21 -35.68 1.83
N ARG D 182 9.39 -34.77 0.82
CA ARG D 182 10.57 -34.84 -0.02
C ARG D 182 11.19 -33.50 -0.30
N PHE D 183 12.32 -33.56 -0.95
CA PHE D 183 13.02 -32.36 -1.37
C PHE D 183 13.04 -32.42 -2.89
N TYR D 184 12.88 -31.27 -3.51
CA TYR D 184 12.88 -31.19 -4.97
C TYR D 184 13.93 -30.20 -5.41
N GLU D 185 14.47 -30.43 -6.60
CA GLU D 185 15.48 -29.56 -7.23
C GLU D 185 14.81 -28.19 -7.38
N CYS D 186 15.27 -27.20 -6.61
CA CYS D 186 14.70 -25.83 -6.57
C CYS D 186 14.06 -25.88 -5.22
N CYS D 187 13.27 -24.86 -4.92
CA CYS D 187 12.49 -24.92 -3.71
C CYS D 187 13.30 -25.44 -2.50
N LYS D 188 13.78 -24.51 -1.68
CA LYS D 188 14.58 -24.82 -0.49
C LYS D 188 13.97 -25.82 0.51
N GLU D 189 12.71 -25.63 0.90
CA GLU D 189 12.01 -26.50 1.86
C GLU D 189 11.48 -27.84 1.32
N PRO D 190 10.97 -28.71 2.21
CA PRO D 190 10.44 -30.01 1.76
C PRO D 190 8.88 -29.98 1.62
N TYR D 191 8.32 -30.66 0.63
CA TYR D 191 6.86 -30.68 0.46
C TYR D 191 6.21 -32.04 0.69
N PRO D 192 5.17 -32.09 1.52
CA PRO D 192 4.48 -33.34 1.80
C PRO D 192 3.58 -33.69 0.61
N ASP D 193 3.34 -34.99 0.43
CA ASP D 193 2.49 -35.50 -0.64
C ASP D 193 1.89 -36.86 -0.30
N VAL D 194 0.58 -37.00 -0.49
CA VAL D 194 -0.07 -38.29 -0.24
C VAL D 194 -0.14 -39.02 -1.57
N THR D 195 0.26 -40.29 -1.59
CA THR D 195 0.26 -41.06 -2.82
C THR D 195 -0.63 -42.29 -2.75
N PHE D 196 -1.64 -42.31 -3.60
CA PHE D 196 -2.58 -43.42 -3.65
C PHE D 196 -2.02 -44.43 -4.65
N THR D 197 -1.64 -45.61 -4.18
CA THR D 197 -1.08 -46.63 -5.06
C THR D 197 -2.11 -47.71 -5.30
N VAL D 198 -2.46 -47.93 -6.57
CA VAL D 198 -3.47 -48.94 -6.93
C VAL D 198 -2.91 -50.02 -7.84
N THR D 199 -3.18 -51.28 -7.51
CA THR D 199 -2.75 -52.38 -8.34
C THR D 199 -4.02 -53.02 -8.83
N PHE D 200 -4.17 -53.15 -10.14
CA PHE D 200 -5.37 -53.75 -10.71
C PHE D 200 -5.04 -54.64 -11.89
N ARG D 201 -5.92 -55.56 -12.20
CA ARG D 201 -5.70 -56.48 -13.31
C ARG D 201 -7.04 -56.68 -14.05
N LYS D 202 -6.95 -57.06 -15.32
CA LYS D 202 -8.13 -57.29 -16.13
C LYS D 202 -8.85 -58.55 -15.67
N LYS D 203 -10.14 -58.44 -15.39
CA LYS D 203 -10.91 -59.60 -14.95
C LYS D 203 -10.90 -60.68 -16.01
N GLY D 204 -11.02 -61.93 -15.57
CA GLY D 204 -11.04 -63.04 -16.51
C GLY D 204 -9.72 -63.19 -17.25
N GLN E 3 -2.18 -11.81 9.20
CA GLN E 3 -0.89 -11.14 8.83
C GLN E 3 -0.61 -10.99 7.31
N ARG E 4 -1.69 -10.86 6.54
CA ARG E 4 -1.62 -10.72 5.10
C ARG E 4 -2.45 -9.54 4.62
N LYS E 5 -1.92 -8.37 4.99
CA LYS E 5 -2.45 -7.09 4.62
C LYS E 5 -1.37 -6.71 3.62
N LEU E 6 -0.52 -7.71 3.38
CA LEU E 6 0.59 -7.64 2.42
C LEU E 6 -0.01 -7.85 1.02
N TYR E 7 -0.99 -8.73 0.90
CA TYR E 7 -1.62 -8.92 -0.39
C TYR E 7 -2.32 -7.61 -0.74
N LYS E 8 -3.03 -7.02 0.22
CA LYS E 8 -3.72 -5.75 -0.01
C LYS E 8 -2.72 -4.73 -0.56
N GLU E 9 -1.51 -4.76 -0.02
CA GLU E 9 -0.45 -3.86 -0.45
C GLU E 9 0.14 -4.23 -1.81
N LEU E 10 0.56 -5.48 -1.94
CA LEU E 10 1.17 -5.96 -3.18
C LEU E 10 0.30 -5.75 -4.42
N VAL E 11 -1.00 -5.60 -4.24
CA VAL E 11 -1.87 -5.43 -5.41
C VAL E 11 -2.51 -4.05 -5.49
N LYS E 12 -2.08 -3.14 -4.61
CA LYS E 12 -2.66 -1.80 -4.60
C LYS E 12 -2.49 -1.08 -5.93
N ASN E 13 -1.36 -0.42 -6.11
CA ASN E 13 -1.11 0.27 -7.37
C ASN E 13 -0.33 -0.67 -8.29
N TYR E 14 -0.95 -1.81 -8.56
CA TYR E 14 -0.32 -2.82 -9.40
C TYR E 14 -1.15 -3.23 -10.59
N ASN E 15 -0.55 -3.06 -11.78
CA ASN E 15 -1.15 -3.41 -13.05
C ASN E 15 -0.36 -4.57 -13.60
N PRO E 16 -0.97 -5.77 -13.65
CA PRO E 16 -0.29 -6.96 -14.17
C PRO E 16 0.01 -6.91 -15.65
N ASP E 17 -0.49 -5.89 -16.33
CA ASP E 17 -0.23 -5.74 -17.78
C ASP E 17 1.08 -5.01 -18.04
N VAL E 18 1.72 -4.51 -16.98
CA VAL E 18 2.94 -3.73 -17.11
C VAL E 18 4.20 -4.49 -16.82
N ILE E 19 5.02 -4.71 -17.84
CA ILE E 19 6.27 -5.42 -17.64
C ILE E 19 7.11 -4.55 -16.70
N PRO E 20 7.48 -5.10 -15.53
CA PRO E 20 8.27 -4.48 -14.47
C PRO E 20 9.70 -4.06 -14.79
N THR E 21 9.84 -3.30 -15.86
CA THR E 21 11.15 -2.80 -16.25
C THR E 21 11.48 -1.47 -15.59
N GLN E 22 12.70 -1.02 -15.84
CA GLN E 22 13.21 0.24 -15.34
C GLN E 22 14.10 0.77 -16.47
N ARG E 23 14.33 2.08 -16.48
CA ARG E 23 15.14 2.73 -17.50
C ARG E 23 16.32 1.88 -17.92
N ASP E 24 16.44 1.64 -19.23
CA ASP E 24 17.57 0.89 -19.79
C ASP E 24 17.95 -0.34 -18.97
N ARG E 25 16.94 -1.05 -18.48
CA ARG E 25 17.14 -2.26 -17.68
C ARG E 25 16.02 -3.23 -18.01
N PRO E 26 16.30 -4.19 -18.90
CA PRO E 26 15.25 -5.15 -19.23
C PRO E 26 15.02 -6.12 -18.09
N VAL E 27 13.80 -6.64 -17.96
CA VAL E 27 13.50 -7.61 -16.92
C VAL E 27 14.10 -8.91 -17.42
N THR E 28 14.97 -9.52 -16.63
CA THR E 28 15.56 -10.76 -17.09
C THR E 28 14.82 -11.93 -16.45
N VAL E 29 14.29 -12.82 -17.30
CA VAL E 29 13.58 -14.00 -16.83
C VAL E 29 14.39 -15.25 -17.13
N TYR E 30 14.58 -16.10 -16.12
CA TYR E 30 15.33 -17.33 -16.27
C TYR E 30 14.34 -18.42 -16.65
N PHE E 31 14.64 -19.09 -17.75
CA PHE E 31 13.79 -20.12 -18.31
C PHE E 31 14.47 -21.47 -18.40
N SER E 32 13.75 -22.54 -18.06
CA SER E 32 14.29 -23.88 -18.15
C SER E 32 13.18 -24.89 -18.29
N LEU E 33 13.37 -25.87 -19.18
CA LEU E 33 12.35 -26.89 -19.41
C LEU E 33 12.77 -28.29 -18.94
N SER E 34 11.90 -28.90 -18.11
CA SER E 34 12.14 -30.24 -17.58
C SER E 34 11.23 -31.20 -18.33
N LEU E 35 11.78 -31.96 -19.27
CA LEU E 35 10.99 -32.89 -20.05
C LEU E 35 10.53 -34.01 -19.14
N LEU E 36 9.22 -34.27 -19.10
CA LEU E 36 8.67 -35.33 -18.27
C LEU E 36 8.22 -36.52 -19.09
N GLN E 37 7.63 -36.27 -20.24
CA GLN E 37 7.18 -37.38 -21.07
C GLN E 37 6.88 -37.01 -22.50
N ILE E 38 7.09 -37.96 -23.40
CA ILE E 38 6.77 -37.75 -24.79
C ILE E 38 5.56 -38.68 -24.99
N MET E 39 4.37 -38.10 -24.84
CA MET E 39 3.10 -38.83 -24.94
C MET E 39 2.88 -39.57 -26.23
N ASP E 40 2.92 -38.86 -27.34
CA ASP E 40 2.70 -39.50 -28.61
C ASP E 40 3.50 -38.82 -29.70
N VAL E 41 3.45 -39.41 -30.89
CA VAL E 41 4.11 -38.89 -32.07
C VAL E 41 3.22 -39.19 -33.25
N ASP E 42 2.75 -38.16 -33.95
CA ASP E 42 1.91 -38.36 -35.12
C ASP E 42 2.83 -38.30 -36.33
N GLU E 43 3.12 -39.45 -36.91
CA GLU E 43 4.04 -39.51 -38.03
C GLU E 43 3.38 -39.02 -39.30
N LYS E 44 2.06 -39.07 -39.32
CA LYS E 44 1.29 -38.62 -40.47
C LYS E 44 1.20 -37.10 -40.54
N ASN E 45 1.05 -36.46 -39.38
CA ASN E 45 0.90 -35.01 -39.33
C ASN E 45 2.10 -34.27 -38.78
N GLN E 46 3.11 -35.02 -38.36
CA GLN E 46 4.32 -34.43 -37.85
C GLN E 46 4.11 -33.57 -36.61
N VAL E 47 3.74 -34.21 -35.49
CA VAL E 47 3.54 -33.52 -34.21
C VAL E 47 4.00 -34.43 -33.06
N VAL E 48 4.34 -33.84 -31.92
CA VAL E 48 4.71 -34.58 -30.71
C VAL E 48 3.87 -34.06 -29.56
N ASP E 49 3.38 -34.96 -28.72
CA ASP E 49 2.57 -34.54 -27.61
C ASP E 49 3.60 -34.61 -26.51
N VAL E 50 3.78 -33.51 -25.79
CA VAL E 50 4.79 -33.47 -24.75
C VAL E 50 4.27 -32.98 -23.41
N VAL E 51 4.81 -33.51 -22.32
CA VAL E 51 4.43 -33.04 -20.99
C VAL E 51 5.72 -32.56 -20.33
N PHE E 52 5.72 -31.32 -19.82
CA PHE E 52 6.92 -30.77 -19.22
C PHE E 52 6.64 -29.74 -18.13
N TRP E 53 7.65 -29.54 -17.27
CA TRP E 53 7.63 -28.60 -16.14
C TRP E 53 8.29 -27.31 -16.68
N LEU E 54 7.61 -26.17 -16.69
CA LEU E 54 8.34 -24.97 -17.14
C LEU E 54 8.84 -24.25 -15.89
N GLN E 55 10.13 -23.97 -15.82
CA GLN E 55 10.69 -23.27 -14.67
C GLN E 55 11.05 -21.83 -15.02
N MET E 56 10.23 -20.89 -14.55
CA MET E 56 10.48 -19.47 -14.81
C MET E 56 10.65 -18.65 -13.53
N SER E 57 11.60 -17.73 -13.55
CA SER E 57 11.84 -16.85 -12.41
C SER E 57 12.32 -15.52 -12.94
N TRP E 58 11.98 -14.44 -12.23
CA TRP E 58 12.36 -13.09 -12.62
C TRP E 58 12.19 -12.21 -11.40
N THR E 59 12.47 -10.92 -11.54
CA THR E 59 12.33 -10.00 -10.42
C THR E 59 11.38 -8.85 -10.72
N ASP E 60 10.38 -8.68 -9.88
CA ASP E 60 9.39 -7.63 -10.04
C ASP E 60 9.66 -6.64 -8.93
N HIS E 61 10.33 -5.52 -9.22
CA HIS E 61 10.62 -4.57 -8.15
C HIS E 61 9.39 -4.03 -7.43
N TYR E 62 8.24 -4.00 -8.11
CA TYR E 62 7.01 -3.52 -7.47
C TYR E 62 6.58 -4.48 -6.37
N LEU E 63 7.11 -5.70 -6.39
CA LEU E 63 6.69 -6.70 -5.42
C LEU E 63 7.59 -7.01 -4.25
N GLN E 64 8.29 -6.03 -3.71
CA GLN E 64 9.12 -6.32 -2.55
C GLN E 64 8.56 -5.59 -1.34
N TRP E 65 8.92 -6.04 -0.15
CA TRP E 65 8.42 -5.42 1.07
C TRP E 65 9.46 -5.43 2.19
N ASN E 66 9.28 -4.56 3.17
CA ASN E 66 10.17 -4.45 4.34
C ASN E 66 9.82 -5.64 5.23
N VAL E 67 10.70 -6.64 5.29
CA VAL E 67 10.42 -7.84 6.08
C VAL E 67 10.04 -7.55 7.53
N SER E 68 10.31 -6.32 7.97
CA SER E 68 9.98 -5.86 9.32
C SER E 68 8.47 -5.67 9.44
N GLU E 69 7.99 -4.68 8.70
CA GLU E 69 6.58 -4.30 8.66
C GLU E 69 5.62 -5.49 8.55
N TYR E 70 6.12 -6.62 8.08
CA TYR E 70 5.33 -7.84 7.92
C TYR E 70 6.16 -8.97 8.55
N PRO E 71 6.04 -9.12 9.88
CA PRO E 71 6.71 -10.09 10.78
C PRO E 71 7.20 -11.39 10.16
N GLY E 72 6.39 -12.44 10.29
CA GLY E 72 6.78 -13.75 9.77
C GLY E 72 6.68 -14.01 8.27
N VAL E 73 6.09 -13.09 7.52
CA VAL E 73 5.90 -13.23 6.07
C VAL E 73 7.22 -13.30 5.27
N LYS E 74 7.63 -14.53 4.92
CA LYS E 74 8.85 -14.76 4.16
C LYS E 74 8.59 -14.79 2.66
N GLN E 75 7.48 -15.40 2.27
CA GLN E 75 7.09 -15.49 0.86
C GLN E 75 5.57 -15.59 0.76
N VAL E 76 5.03 -15.33 -0.42
CA VAL E 76 3.60 -15.42 -0.62
C VAL E 76 3.27 -16.18 -1.89
N SER E 77 2.16 -16.90 -1.87
CA SER E 77 1.71 -17.66 -3.01
C SER E 77 0.54 -16.85 -3.64
N VAL E 78 0.84 -16.24 -4.78
CA VAL E 78 -0.09 -15.39 -5.50
C VAL E 78 -0.58 -15.99 -6.84
N PRO E 79 -1.82 -15.68 -7.24
CA PRO E 79 -2.39 -16.19 -8.51
C PRO E 79 -1.72 -15.43 -9.66
N ILE E 80 -1.24 -16.14 -10.68
CA ILE E 80 -0.56 -15.45 -11.77
C ILE E 80 -1.41 -14.40 -12.45
N SER E 81 -2.71 -14.44 -12.21
CA SER E 81 -3.61 -13.47 -12.81
C SER E 81 -3.46 -12.14 -12.08
N SER E 82 -2.89 -12.21 -10.89
CA SER E 82 -2.70 -11.05 -10.03
C SER E 82 -1.42 -10.25 -10.25
N LEU E 83 -0.46 -10.81 -10.97
CA LEU E 83 0.78 -10.10 -11.23
C LEU E 83 1.26 -10.29 -12.67
N TRP E 84 2.32 -9.57 -13.04
CA TRP E 84 2.85 -9.68 -14.39
C TRP E 84 3.63 -10.98 -14.55
N VAL E 85 3.41 -11.65 -15.67
CA VAL E 85 4.11 -12.91 -15.99
C VAL E 85 4.62 -12.89 -17.45
N PRO E 86 5.82 -13.42 -17.67
CA PRO E 86 6.39 -13.43 -19.02
C PRO E 86 5.36 -13.96 -20.00
N ASP E 87 5.17 -13.27 -21.11
CA ASP E 87 4.22 -13.72 -22.10
C ASP E 87 4.91 -14.69 -23.03
N LEU E 88 5.53 -15.72 -22.47
CA LEU E 88 6.23 -16.72 -23.28
C LEU E 88 5.27 -17.43 -24.23
N ALA E 89 5.79 -17.85 -25.37
CA ALA E 89 4.96 -18.56 -26.34
C ALA E 89 5.78 -19.67 -26.96
N ALA E 90 5.10 -20.75 -27.34
CA ALA E 90 5.78 -21.86 -27.98
C ALA E 90 5.65 -21.60 -29.48
N TYR E 91 6.66 -20.95 -30.05
CA TYR E 91 6.66 -20.58 -31.45
C TYR E 91 6.18 -21.65 -32.43
N ASN E 92 6.43 -22.91 -32.11
CA ASN E 92 6.04 -24.00 -33.00
C ASN E 92 5.00 -24.98 -32.45
N ALA E 93 4.20 -24.53 -31.48
CA ALA E 93 3.16 -25.36 -30.91
C ALA E 93 1.98 -25.31 -31.86
N ILE E 94 1.28 -26.42 -32.01
CA ILE E 94 0.12 -26.46 -32.88
C ILE E 94 -1.16 -26.66 -32.07
N SER E 95 -1.08 -26.44 -30.77
CA SER E 95 -2.22 -26.58 -29.87
C SER E 95 -2.07 -25.62 -28.69
N LYS E 96 -3.19 -25.16 -28.16
CA LYS E 96 -3.20 -24.27 -27.01
C LYS E 96 -2.49 -25.04 -25.90
N PRO E 97 -1.79 -24.35 -25.01
CA PRO E 97 -1.12 -25.12 -23.95
C PRO E 97 -2.12 -25.47 -22.84
N GLU E 98 -2.06 -26.70 -22.37
CA GLU E 98 -2.94 -27.17 -21.31
C GLU E 98 -2.13 -27.20 -20.01
N VAL E 99 -2.32 -26.19 -19.17
CA VAL E 99 -1.59 -26.12 -17.90
C VAL E 99 -2.26 -27.03 -16.83
N LEU E 100 -1.49 -28.03 -16.40
CA LEU E 100 -1.93 -29.05 -15.45
C LEU E 100 -1.87 -28.73 -13.95
N THR E 101 -1.12 -27.71 -13.56
CA THR E 101 -1.01 -27.38 -12.13
C THR E 101 -1.68 -26.07 -11.77
N PRO E 102 -1.84 -25.80 -10.46
CA PRO E 102 -2.46 -24.56 -10.00
C PRO E 102 -1.65 -23.36 -10.52
N GLN E 103 -2.32 -22.37 -11.09
CA GLN E 103 -1.62 -21.20 -11.60
C GLN E 103 -1.29 -20.21 -10.51
N LEU E 104 -0.39 -20.63 -9.64
CA LEU E 104 0.10 -19.84 -8.53
C LEU E 104 1.60 -19.63 -8.70
N ALA E 105 2.09 -18.44 -8.33
CA ALA E 105 3.52 -18.15 -8.38
C ALA E 105 4.01 -17.88 -6.95
N LEU E 106 5.31 -18.01 -6.69
CA LEU E 106 5.83 -17.70 -5.35
C LEU E 106 6.60 -16.39 -5.37
N VAL E 107 6.31 -15.48 -4.44
CA VAL E 107 6.98 -14.19 -4.41
C VAL E 107 7.81 -13.91 -3.15
N ASN E 108 9.08 -13.62 -3.39
CA ASN E 108 10.11 -13.33 -2.39
C ASN E 108 9.89 -11.97 -1.75
N SER E 109 10.48 -11.73 -0.59
CA SER E 109 10.33 -10.43 0.06
C SER E 109 11.17 -9.38 -0.67
N SER E 110 12.04 -9.84 -1.55
CA SER E 110 12.89 -8.95 -2.32
C SER E 110 12.35 -8.77 -3.73
N GLY E 111 11.17 -9.36 -3.97
CA GLY E 111 10.55 -9.21 -5.27
C GLY E 111 10.90 -10.27 -6.28
N HIS E 112 11.47 -11.39 -5.81
CA HIS E 112 11.81 -12.46 -6.74
C HIS E 112 10.61 -13.39 -6.94
N VAL E 113 10.15 -13.50 -8.19
CA VAL E 113 9.01 -14.37 -8.48
C VAL E 113 9.46 -15.70 -9.12
N GLN E 114 8.77 -16.77 -8.78
CA GLN E 114 9.07 -18.11 -9.31
C GLN E 114 7.72 -18.70 -9.78
N TYR E 115 7.68 -19.15 -11.04
CA TYR E 115 6.45 -19.72 -11.60
C TYR E 115 6.82 -21.04 -12.26
N LEU E 116 6.32 -22.13 -11.70
CA LEU E 116 6.63 -23.47 -12.21
C LEU E 116 5.38 -24.23 -12.67
N PRO E 117 4.87 -23.95 -13.89
CA PRO E 117 3.67 -24.65 -14.35
C PRO E 117 3.94 -25.93 -15.13
N SER E 118 3.24 -27.00 -14.81
CA SER E 118 3.40 -28.25 -15.54
C SER E 118 2.49 -28.09 -16.76
N ILE E 119 2.98 -28.43 -17.94
CA ILE E 119 2.19 -28.24 -19.15
C ILE E 119 2.19 -29.41 -20.13
N ARG E 120 1.09 -29.57 -20.85
CA ARG E 120 1.00 -30.58 -21.86
C ARG E 120 0.68 -29.80 -23.11
N GLN E 121 1.44 -30.01 -24.17
CA GLN E 121 1.21 -29.27 -25.40
C GLN E 121 1.73 -30.05 -26.60
N ARG E 122 1.15 -29.78 -27.77
CA ARG E 122 1.56 -30.46 -28.98
C ARG E 122 2.38 -29.53 -29.86
N PHE E 123 3.49 -30.04 -30.39
CA PHE E 123 4.39 -29.23 -31.22
C PHE E 123 4.56 -29.80 -32.62
N SER E 124 4.84 -28.91 -33.57
CA SER E 124 5.09 -29.32 -34.94
C SER E 124 6.50 -29.89 -34.90
N CYS E 125 6.67 -31.11 -35.37
CA CYS E 125 7.98 -31.71 -35.35
C CYS E 125 8.15 -32.81 -36.38
N ASP E 126 9.35 -32.91 -36.94
CA ASP E 126 9.63 -33.93 -37.94
C ASP E 126 9.95 -35.23 -37.20
N VAL E 127 8.93 -36.05 -36.97
CA VAL E 127 9.12 -37.31 -36.26
C VAL E 127 9.36 -38.46 -37.22
N SER E 128 10.06 -38.20 -38.32
CA SER E 128 10.36 -39.22 -39.32
C SER E 128 11.10 -40.41 -38.75
N GLY E 129 12.35 -40.17 -38.35
CA GLY E 129 13.19 -41.23 -37.83
C GLY E 129 13.03 -41.59 -36.38
N VAL E 130 11.79 -41.66 -35.91
CA VAL E 130 11.55 -42.00 -34.52
C VAL E 130 11.85 -43.47 -34.30
N ASP E 131 11.97 -44.23 -35.40
CA ASP E 131 12.25 -45.66 -35.33
C ASP E 131 13.67 -46.02 -35.73
N THR E 132 14.40 -45.05 -36.26
CA THR E 132 15.78 -45.28 -36.66
C THR E 132 16.66 -45.20 -35.40
N GLU E 133 17.92 -45.62 -35.51
CA GLU E 133 18.77 -45.52 -34.34
C GLU E 133 19.10 -44.06 -34.09
N SER E 134 19.07 -43.27 -35.16
CA SER E 134 19.35 -41.84 -35.11
C SER E 134 18.28 -41.14 -34.28
N GLY E 135 17.05 -41.61 -34.44
CA GLY E 135 15.95 -41.03 -33.71
C GLY E 135 15.43 -39.77 -34.37
N ALA E 136 14.38 -39.21 -33.78
CA ALA E 136 13.77 -37.99 -34.27
C ALA E 136 14.24 -36.85 -33.39
N THR E 137 14.30 -35.65 -33.94
CA THR E 137 14.75 -34.50 -33.18
C THR E 137 13.71 -33.42 -33.19
N CYS E 138 13.21 -33.06 -32.00
CA CYS E 138 12.23 -32.00 -31.90
C CYS E 138 12.80 -30.76 -31.27
N LYS E 139 12.46 -29.61 -31.83
CA LYS E 139 12.95 -28.35 -31.31
C LYS E 139 11.76 -27.61 -30.71
N LEU E 140 11.77 -27.48 -29.39
CA LEU E 140 10.71 -26.77 -28.69
C LEU E 140 11.23 -25.36 -28.47
N LYS E 141 10.79 -24.41 -29.30
CA LYS E 141 11.22 -23.03 -29.19
C LYS E 141 10.24 -22.14 -28.42
N PHE E 142 10.75 -21.48 -27.38
CA PHE E 142 9.94 -20.58 -26.57
C PHE E 142 10.55 -19.19 -26.60
N GLY E 143 9.74 -18.17 -26.37
CA GLY E 143 10.26 -16.82 -26.38
C GLY E 143 9.15 -15.84 -26.09
N SER E 144 9.51 -14.60 -25.75
CA SER E 144 8.50 -13.60 -25.43
C SER E 144 7.78 -13.35 -26.71
N TRP E 145 6.47 -13.13 -26.64
CA TRP E 145 5.72 -12.90 -27.86
C TRP E 145 5.70 -11.43 -28.29
N THR E 146 5.59 -10.49 -27.35
CA THR E 146 5.57 -9.06 -27.70
C THR E 146 6.80 -8.22 -27.25
N HIS E 147 7.54 -8.70 -26.24
CA HIS E 147 8.69 -7.97 -25.71
C HIS E 147 10.02 -8.37 -26.31
N HIS E 148 10.73 -7.40 -26.89
CA HIS E 148 12.02 -7.66 -27.51
C HIS E 148 13.19 -7.69 -26.52
N SER E 149 14.38 -7.96 -27.03
CA SER E 149 15.58 -8.06 -26.21
C SER E 149 15.75 -7.00 -25.15
N ARG E 150 15.57 -5.74 -25.53
CA ARG E 150 15.74 -4.66 -24.58
C ARG E 150 14.65 -4.50 -23.52
N GLU E 151 13.52 -5.19 -23.67
CA GLU E 151 12.41 -5.12 -22.69
C GLU E 151 12.43 -6.35 -21.77
N LEU E 152 12.62 -7.52 -22.36
CA LEU E 152 12.64 -8.77 -21.62
C LEU E 152 13.82 -9.64 -22.07
N ASP E 153 14.76 -9.87 -21.16
CA ASP E 153 15.95 -10.66 -21.45
C ASP E 153 15.78 -12.11 -21.01
N LEU E 154 15.53 -12.99 -21.98
CA LEU E 154 15.35 -14.41 -21.73
C LEU E 154 16.71 -15.09 -21.56
N GLN E 155 16.93 -15.67 -20.38
CA GLN E 155 18.17 -16.36 -20.08
C GLN E 155 17.84 -17.80 -19.78
N MET E 156 18.60 -18.74 -20.32
CA MET E 156 18.30 -20.13 -20.04
C MET E 156 19.01 -20.56 -18.77
N GLN E 157 18.96 -21.86 -18.49
CA GLN E 157 19.65 -22.46 -17.35
C GLN E 157 19.47 -23.96 -17.31
N GLU E 158 20.59 -24.66 -17.16
CA GLU E 158 20.64 -26.12 -17.14
C GLU E 158 19.30 -26.82 -17.11
N ALA E 159 18.97 -27.46 -18.22
CA ALA E 159 17.71 -28.18 -18.33
C ALA E 159 17.80 -29.46 -17.52
N ASP E 160 16.73 -29.77 -16.79
CA ASP E 160 16.68 -30.99 -15.99
C ASP E 160 16.11 -32.15 -16.85
N ILE E 161 16.71 -33.33 -16.71
CA ILE E 161 16.25 -34.46 -17.49
C ILE E 161 15.89 -35.67 -16.60
N SER E 162 16.02 -35.48 -15.30
CA SER E 162 15.73 -36.55 -14.35
C SER E 162 14.25 -36.74 -14.08
N GLY E 163 13.43 -35.90 -14.68
CA GLY E 163 12.00 -36.03 -14.47
C GLY E 163 11.42 -37.01 -15.48
N TYR E 164 12.19 -37.29 -16.53
CA TYR E 164 11.74 -38.19 -17.58
C TYR E 164 11.26 -39.53 -17.08
N ILE E 165 10.04 -39.89 -17.51
CA ILE E 165 9.41 -41.15 -17.15
C ILE E 165 10.25 -42.38 -17.54
N PRO E 166 10.55 -43.25 -16.55
CA PRO E 166 11.33 -44.47 -16.71
C PRO E 166 10.76 -45.41 -17.74
N TYR E 167 9.47 -45.73 -17.65
CA TYR E 167 8.83 -46.62 -18.64
C TYR E 167 8.74 -45.78 -19.91
N SER E 168 7.58 -45.69 -20.54
CA SER E 168 7.50 -44.85 -21.74
C SER E 168 8.05 -45.52 -23.00
N ARG E 169 7.24 -45.46 -24.05
CA ARG E 169 7.58 -46.04 -25.32
C ARG E 169 8.89 -45.48 -25.91
N PHE E 170 9.30 -44.29 -25.49
CA PHE E 170 10.51 -43.63 -26.02
C PHE E 170 11.68 -43.40 -25.04
N GLU E 171 12.91 -43.47 -25.57
CA GLU E 171 14.10 -43.22 -24.75
C GLU E 171 14.81 -41.98 -25.28
N LEU E 172 15.38 -41.19 -24.37
CA LEU E 172 16.05 -39.96 -24.73
C LEU E 172 17.44 -40.17 -25.26
N VAL E 173 17.62 -39.95 -26.55
CA VAL E 173 18.93 -40.09 -27.17
C VAL E 173 19.83 -38.88 -26.86
N GLY E 174 19.25 -37.68 -26.80
CA GLY E 174 20.05 -36.49 -26.51
C GLY E 174 19.20 -35.28 -26.17
N VAL E 175 19.76 -34.33 -25.44
CA VAL E 175 19.04 -33.12 -25.05
C VAL E 175 19.99 -31.94 -24.94
N THR E 176 19.59 -30.81 -25.49
CA THR E 176 20.38 -29.59 -25.46
C THR E 176 19.45 -28.39 -25.36
N GLN E 177 19.93 -27.30 -24.77
CA GLN E 177 19.11 -26.11 -24.61
C GLN E 177 19.98 -24.89 -24.86
N LYS E 178 19.56 -24.01 -25.75
CA LYS E 178 20.38 -22.83 -26.02
C LYS E 178 19.53 -21.60 -26.33
N ARG E 179 19.95 -20.44 -25.84
CA ARG E 179 19.20 -19.22 -26.14
C ARG E 179 19.80 -18.52 -27.34
N SER E 180 18.95 -17.85 -28.11
CA SER E 180 19.37 -17.16 -29.32
C SER E 180 18.65 -15.82 -29.44
N GLU E 181 19.06 -15.04 -30.44
CA GLU E 181 18.45 -13.74 -30.67
C GLU E 181 18.33 -13.64 -32.19
N ARG E 182 17.18 -13.21 -32.68
CA ARG E 182 16.99 -13.08 -34.13
C ARG E 182 16.06 -11.91 -34.46
N PHE E 183 16.04 -11.52 -35.71
CA PHE E 183 15.17 -10.43 -36.17
C PHE E 183 14.13 -11.17 -36.99
N TYR E 184 12.91 -10.64 -37.06
CA TYR E 184 11.88 -11.32 -37.83
C TYR E 184 11.29 -10.39 -38.90
N GLU E 185 10.53 -10.98 -39.83
CA GLU E 185 9.85 -10.22 -40.88
C GLU E 185 8.77 -9.49 -40.12
N CYS E 186 8.91 -8.17 -39.96
CA CYS E 186 7.99 -7.32 -39.19
C CYS E 186 8.84 -7.02 -38.00
N CYS E 187 8.23 -6.39 -37.00
CA CYS E 187 8.95 -6.20 -35.76
C CYS E 187 10.41 -5.75 -35.98
N LYS E 188 10.64 -4.45 -35.85
CA LYS E 188 11.95 -3.84 -36.03
C LYS E 188 13.10 -4.44 -35.21
N GLU E 189 12.89 -4.63 -33.91
CA GLU E 189 13.91 -5.17 -33.00
C GLU E 189 14.13 -6.69 -33.02
N PRO E 190 15.18 -7.15 -32.31
CA PRO E 190 15.47 -8.59 -32.25
C PRO E 190 14.79 -9.24 -31.03
N TYR E 191 14.30 -10.48 -31.19
CA TYR E 191 13.62 -11.19 -30.10
C TYR E 191 14.41 -12.42 -29.66
N PRO E 192 14.66 -12.54 -28.34
CA PRO E 192 15.41 -13.70 -27.83
C PRO E 192 14.48 -14.93 -27.67
N ASP E 193 15.08 -16.12 -27.63
CA ASP E 193 14.30 -17.37 -27.50
C ASP E 193 15.15 -18.57 -27.07
N VAL E 194 14.67 -19.32 -26.08
CA VAL E 194 15.37 -20.50 -25.61
C VAL E 194 14.75 -21.68 -26.34
N THR E 195 15.59 -22.54 -26.90
CA THR E 195 15.07 -23.68 -27.64
C THR E 195 15.54 -25.02 -27.08
N PHE E 196 14.59 -25.80 -26.60
CA PHE E 196 14.85 -27.12 -26.02
C PHE E 196 14.83 -28.12 -27.18
N THR E 197 15.97 -28.72 -27.50
CA THR E 197 16.05 -29.70 -28.58
C THR E 197 16.14 -31.09 -28.01
N VAL E 198 15.21 -31.96 -28.36
CA VAL E 198 15.19 -33.33 -27.84
C VAL E 198 15.31 -34.32 -28.96
N THR E 199 16.16 -35.32 -28.78
CA THR E 199 16.31 -36.39 -29.76
C THR E 199 15.89 -37.66 -29.03
N PHE E 200 14.92 -38.39 -29.58
CA PHE E 200 14.43 -39.60 -28.95
C PHE E 200 14.16 -40.67 -29.98
N ARG E 201 14.14 -41.92 -29.53
CA ARG E 201 13.88 -43.04 -30.43
C ARG E 201 13.00 -44.05 -29.71
N LYS E 202 12.29 -44.87 -30.47
CA LYS E 202 11.40 -45.88 -29.92
C LYS E 202 12.22 -47.01 -29.29
N LYS E 203 11.95 -47.33 -28.03
CA LYS E 203 12.67 -48.39 -27.34
C LYS E 203 12.46 -49.72 -28.06
N GLY E 204 13.45 -50.60 -27.96
CA GLY E 204 13.36 -51.88 -28.63
C GLY E 204 13.32 -51.77 -30.16
N GLN F 3 39.15 -1.00 21.43
CA GLN F 3 38.49 -2.33 21.62
C GLN F 3 37.15 -2.16 22.35
N ARG F 4 36.34 -1.27 21.80
CA ARG F 4 35.01 -0.95 22.27
C ARG F 4 34.01 -1.52 21.29
N LYS F 5 33.94 -2.85 21.35
CA LYS F 5 33.03 -3.66 20.59
C LYS F 5 32.12 -4.03 21.75
N LEU F 6 32.41 -3.38 22.88
CA LEU F 6 31.65 -3.54 24.12
C LEU F 6 30.38 -2.69 24.02
N TYR F 7 30.48 -1.52 23.38
CA TYR F 7 29.32 -0.68 23.21
C TYR F 7 28.37 -1.43 22.28
N LYS F 8 28.91 -2.02 21.21
CA LYS F 8 28.10 -2.79 20.27
C LYS F 8 27.32 -3.85 21.04
N GLU F 9 27.99 -4.47 22.01
CA GLU F 9 27.38 -5.50 22.84
C GLU F 9 26.40 -4.95 23.86
N LEU F 10 26.83 -3.98 24.66
CA LEU F 10 25.99 -3.36 25.68
C LEU F 10 24.66 -2.80 25.16
N VAL F 11 24.57 -2.52 23.87
CA VAL F 11 23.34 -1.96 23.35
C VAL F 11 22.64 -2.89 22.37
N LYS F 12 23.11 -4.12 22.24
CA LYS F 12 22.50 -5.08 21.32
C LYS F 12 21.02 -5.33 21.61
N ASN F 13 20.74 -6.26 22.52
CA ASN F 13 19.36 -6.55 22.89
C ASN F 13 19.02 -5.72 24.13
N TYR F 14 19.18 -4.40 23.99
CA TYR F 14 18.92 -3.51 25.10
C TYR F 14 17.88 -2.46 24.81
N ASN F 15 16.81 -2.47 25.61
CA ASN F 15 15.73 -1.50 25.50
C ASN F 15 15.80 -0.61 26.71
N PRO F 16 16.15 0.68 26.51
CA PRO F 16 16.26 1.64 27.61
C PRO F 16 14.94 1.97 28.29
N ASP F 17 13.83 1.52 27.71
CA ASP F 17 12.50 1.77 28.30
C ASP F 17 12.14 0.73 29.36
N VAL F 18 12.98 -0.29 29.50
CA VAL F 18 12.75 -1.38 30.43
C VAL F 18 13.51 -1.28 31.73
N ILE F 19 12.78 -1.09 32.83
CA ILE F 19 13.42 -0.99 34.14
C ILE F 19 14.05 -2.37 34.37
N PRO F 20 15.39 -2.41 34.56
CA PRO F 20 16.21 -3.60 34.78
C PRO F 20 15.93 -4.36 36.07
N THR F 21 14.67 -4.78 36.23
CA THR F 21 14.26 -5.53 37.41
C THR F 21 14.50 -7.01 37.22
N GLN F 22 14.07 -7.78 38.19
CA GLN F 22 14.22 -9.21 38.13
C GLN F 22 13.41 -9.90 39.22
N ARG F 23 12.29 -10.48 38.78
CA ARG F 23 11.36 -11.23 39.60
C ARG F 23 11.54 -11.11 41.10
N ASP F 24 10.59 -10.43 41.72
CA ASP F 24 10.58 -10.23 43.16
C ASP F 24 11.75 -9.41 43.69
N ARG F 25 12.34 -8.61 42.83
CA ARG F 25 13.45 -7.78 43.24
C ARG F 25 13.39 -6.45 42.53
N PRO F 26 13.18 -5.37 43.30
CA PRO F 26 13.10 -4.03 42.71
C PRO F 26 14.51 -3.49 42.49
N VAL F 27 14.67 -2.63 41.48
CA VAL F 27 15.97 -2.01 41.20
C VAL F 27 16.11 -0.95 42.28
N THR F 28 17.19 -0.98 43.04
CA THR F 28 17.36 0.02 44.07
C THR F 28 18.29 1.11 43.57
N VAL F 29 17.80 2.35 43.56
CA VAL F 29 18.61 3.46 43.11
C VAL F 29 18.95 4.34 44.30
N TYR F 30 20.24 4.69 44.44
CA TYR F 30 20.69 5.54 45.53
C TYR F 30 20.67 6.98 45.04
N PHE F 31 19.98 7.82 45.81
CA PHE F 31 19.80 9.21 45.45
C PHE F 31 20.34 10.13 46.51
N SER F 32 20.94 11.23 46.09
CA SER F 32 21.48 12.25 47.01
C SER F 32 21.59 13.59 46.31
N LEU F 33 21.22 14.66 47.02
CA LEU F 33 21.27 15.99 46.45
C LEU F 33 22.33 16.90 47.08
N SER F 34 23.19 17.46 46.23
CA SER F 34 24.23 18.36 46.68
C SER F 34 23.81 19.77 46.31
N LEU F 35 23.32 20.54 47.29
CA LEU F 35 22.88 21.91 47.04
C LEU F 35 24.10 22.76 46.72
N LEU F 36 24.07 23.45 45.58
CA LEU F 36 25.19 24.31 45.17
C LEU F 36 24.89 25.78 45.35
N GLN F 37 23.65 26.17 45.06
CA GLN F 37 23.28 27.56 45.20
C GLN F 37 21.79 27.82 45.18
N ILE F 38 21.38 28.86 45.88
CA ILE F 38 19.99 29.26 45.89
C ILE F 38 20.04 30.57 45.11
N MET F 39 19.74 30.48 43.81
CA MET F 39 19.78 31.60 42.88
C MET F 39 18.88 32.76 43.24
N ASP F 40 17.59 32.48 43.39
CA ASP F 40 16.67 33.55 43.71
C ASP F 40 15.51 33.01 44.54
N VAL F 41 14.67 33.94 44.99
CA VAL F 41 13.48 33.61 45.76
C VAL F 41 12.40 34.60 45.34
N ASP F 42 11.31 34.10 44.81
CA ASP F 42 10.22 34.97 44.40
C ASP F 42 9.24 34.97 45.55
N GLU F 43 9.21 36.07 46.30
CA GLU F 43 8.34 36.14 47.47
C GLU F 43 6.89 36.36 47.06
N LYS F 44 6.72 36.93 45.88
CA LYS F 44 5.38 37.20 45.38
C LYS F 44 4.67 35.96 44.87
N ASN F 45 5.43 35.06 44.23
CA ASN F 45 4.88 33.84 43.65
C ASN F 45 5.27 32.56 44.39
N GLN F 46 6.08 32.71 45.42
CA GLN F 46 6.50 31.57 46.22
C GLN F 46 7.26 30.49 45.47
N VAL F 47 8.47 30.82 45.00
CA VAL F 47 9.33 29.89 44.28
C VAL F 47 10.79 30.13 44.63
N VAL F 48 11.63 29.11 44.44
CA VAL F 48 13.06 29.23 44.67
C VAL F 48 13.75 28.71 43.43
N ASP F 49 14.81 29.40 43.02
CA ASP F 49 15.56 28.97 41.86
C ASP F 49 16.73 28.29 42.54
N VAL F 50 16.99 27.03 42.17
CA VAL F 50 18.05 26.27 42.81
C VAL F 50 18.96 25.56 41.82
N VAL F 51 20.24 25.47 42.16
CA VAL F 51 21.21 24.77 41.34
C VAL F 51 21.80 23.65 42.21
N PHE F 52 21.73 22.40 41.74
CA PHE F 52 22.25 21.29 42.50
C PHE F 52 22.87 20.16 41.66
N TRP F 53 23.54 19.24 42.34
CA TRP F 53 24.20 18.07 41.74
C TRP F 53 23.31 16.90 42.14
N LEU F 54 22.79 16.14 41.19
CA LEU F 54 22.00 14.99 41.58
C LEU F 54 22.88 13.76 41.48
N GLN F 55 23.06 13.06 42.60
CA GLN F 55 23.89 11.87 42.59
C GLN F 55 23.02 10.61 42.60
N MET F 56 22.97 9.93 41.46
CA MET F 56 22.19 8.72 41.33
C MET F 56 23.04 7.52 40.91
N SER F 57 22.75 6.36 41.50
CA SER F 57 23.48 5.15 41.16
C SER F 57 22.55 3.98 41.36
N TRP F 58 22.73 2.95 40.54
CA TRP F 58 21.90 1.76 40.60
C TRP F 58 22.61 0.66 39.85
N THR F 59 22.01 -0.52 39.79
CA THR F 59 22.62 -1.63 39.08
C THR F 59 21.75 -2.17 37.95
N ASP F 60 22.33 -2.23 36.76
CA ASP F 60 21.62 -2.72 35.59
C ASP F 60 22.28 -4.05 35.26
N HIS F 61 21.63 -5.16 35.61
CA HIS F 61 22.26 -6.45 35.31
C HIS F 61 22.51 -6.70 33.82
N TYR F 62 21.72 -6.08 32.94
CA TYR F 62 21.94 -6.25 31.51
C TYR F 62 23.25 -5.61 31.08
N LEU F 63 23.80 -4.75 31.94
CA LEU F 63 25.02 -4.02 31.61
C LEU F 63 26.34 -4.47 32.22
N GLN F 64 26.55 -5.77 32.39
CA GLN F 64 27.83 -6.23 32.93
C GLN F 64 28.55 -7.05 31.87
N TRP F 65 29.86 -7.20 32.03
CA TRP F 65 30.64 -7.94 31.07
C TRP F 65 31.81 -8.66 31.72
N ASN F 66 32.31 -9.69 31.02
CA ASN F 66 33.45 -10.48 31.49
C ASN F 66 34.70 -9.61 31.28
N VAL F 67 35.24 -9.05 32.35
CA VAL F 67 36.41 -8.18 32.23
C VAL F 67 37.55 -8.78 31.41
N SER F 68 37.48 -10.09 31.15
CA SER F 68 38.48 -10.81 30.37
C SER F 68 38.29 -10.49 28.89
N GLU F 69 37.14 -10.89 28.37
CA GLU F 69 36.77 -10.69 26.97
C GLU F 69 37.00 -9.27 26.47
N TYR F 70 37.14 -8.32 27.38
CA TYR F 70 37.39 -6.93 27.03
C TYR F 70 38.53 -6.43 27.92
N PRO F 71 39.78 -6.75 27.52
CA PRO F 71 41.05 -6.42 28.17
C PRO F 71 41.10 -5.26 29.16
N GLY F 72 41.48 -4.08 28.67
CA GLY F 72 41.61 -2.92 29.54
C GLY F 72 40.35 -2.19 29.95
N VAL F 73 39.21 -2.54 29.34
CA VAL F 73 37.94 -1.88 29.63
C VAL F 73 37.43 -2.03 31.07
N LYS F 74 37.67 -1.01 31.89
CA LYS F 74 37.24 -1.03 33.29
C LYS F 74 35.85 -0.44 33.44
N GLN F 75 35.60 0.67 32.75
CA GLN F 75 34.31 1.35 32.78
C GLN F 75 34.06 2.05 31.46
N VAL F 76 32.81 2.42 31.20
CA VAL F 76 32.45 3.11 29.96
C VAL F 76 31.56 4.31 30.23
N SER F 77 31.71 5.33 29.40
CA SER F 77 30.92 6.54 29.53
C SER F 77 29.86 6.47 28.43
N VAL F 78 28.63 6.21 28.83
CA VAL F 78 27.49 6.04 27.91
C VAL F 78 26.46 7.17 27.99
N PRO F 79 25.81 7.51 26.87
CA PRO F 79 24.80 8.58 26.84
C PRO F 79 23.55 8.05 27.57
N ILE F 80 22.96 8.84 28.47
CA ILE F 80 21.79 8.34 29.18
C ILE F 80 20.63 7.96 28.26
N SER F 81 20.67 8.41 27.02
CA SER F 81 19.61 8.08 26.06
C SER F 81 19.77 6.63 25.60
N SER F 82 20.95 6.09 25.87
CA SER F 82 21.28 4.74 25.46
C SER F 82 20.97 3.64 26.48
N LEU F 83 20.67 4.02 27.71
CA LEU F 83 20.33 3.03 28.73
C LEU F 83 19.16 3.49 29.62
N TRP F 84 18.67 2.59 30.46
CA TRP F 84 17.56 2.91 31.35
C TRP F 84 18.05 3.79 32.46
N VAL F 85 17.26 4.82 32.77
CA VAL F 85 17.57 5.77 33.85
C VAL F 85 16.33 6.04 34.70
N PRO F 86 16.51 6.13 36.04
CA PRO F 86 15.38 6.38 36.93
C PRO F 86 14.56 7.55 36.43
N ASP F 87 13.26 7.36 36.30
CA ASP F 87 12.42 8.44 35.85
C ASP F 87 12.07 9.33 37.05
N LEU F 88 13.08 9.82 37.76
CA LEU F 88 12.86 10.68 38.92
C LEU F 88 12.14 11.94 38.51
N ALA F 89 11.37 12.50 39.43
CA ALA F 89 10.65 13.73 39.16
C ALA F 89 10.63 14.61 40.42
N ALA F 90 10.71 15.92 40.22
CA ALA F 90 10.67 16.84 41.33
C ALA F 90 9.19 17.13 41.50
N TYR F 91 8.57 16.46 42.46
CA TYR F 91 7.15 16.59 42.72
C TYR F 91 6.58 18.01 42.89
N ASN F 92 7.40 18.95 43.37
CA ASN F 92 6.91 20.31 43.53
C ASN F 92 7.66 21.36 42.63
N ALA F 93 8.29 20.90 41.56
CA ALA F 93 8.98 21.82 40.67
C ALA F 93 7.95 22.56 39.81
N ILE F 94 8.18 23.83 39.53
CA ILE F 94 7.24 24.57 38.72
C ILE F 94 7.88 24.96 37.40
N SER F 95 8.97 24.30 37.06
CA SER F 95 9.66 24.56 35.80
C SER F 95 10.36 23.30 35.33
N LYS F 96 10.50 23.16 34.02
CA LYS F 96 11.17 22.01 33.44
C LYS F 96 12.60 22.04 34.01
N PRO F 97 13.23 20.87 34.20
CA PRO F 97 14.59 20.94 34.73
C PRO F 97 15.60 21.23 33.64
N GLU F 98 16.51 22.16 33.92
CA GLU F 98 17.55 22.56 32.97
C GLU F 98 18.84 21.85 33.39
N VAL F 99 19.18 20.76 32.70
CA VAL F 99 20.39 20.00 33.00
C VAL F 99 21.62 20.68 32.35
N LEU F 100 22.52 21.13 33.20
CA LEU F 100 23.74 21.85 32.83
C LEU F 100 24.99 21.07 32.38
N THR F 101 25.06 19.78 32.71
CA THR F 101 26.21 18.97 32.34
C THR F 101 25.93 17.94 31.27
N PRO F 102 26.98 17.36 30.67
CA PRO F 102 26.78 16.36 29.62
C PRO F 102 25.96 15.21 30.17
N GLN F 103 24.94 14.77 29.43
CA GLN F 103 24.08 13.67 29.87
C GLN F 103 24.68 12.31 29.58
N LEU F 104 25.66 11.97 30.41
CA LEU F 104 26.41 10.74 30.34
C LEU F 104 26.50 10.05 31.70
N ALA F 105 26.26 8.74 31.69
CA ALA F 105 26.34 7.94 32.90
C ALA F 105 27.60 7.09 32.74
N LEU F 106 28.19 6.70 33.87
CA LEU F 106 29.38 5.85 33.88
C LEU F 106 28.94 4.43 34.23
N VAL F 107 29.39 3.42 33.47
CA VAL F 107 28.99 2.03 33.74
C VAL F 107 30.15 1.07 34.07
N ASN F 108 30.01 0.43 35.23
CA ASN F 108 30.94 -0.54 35.83
C ASN F 108 30.95 -1.85 35.04
N SER F 109 31.98 -2.66 35.22
CA SER F 109 32.03 -3.94 34.53
C SER F 109 31.06 -4.93 35.18
N SER F 110 30.55 -4.56 36.36
CA SER F 110 29.61 -5.40 37.09
C SER F 110 28.18 -4.90 36.91
N GLY F 111 28.02 -3.89 36.07
CA GLY F 111 26.70 -3.36 35.81
C GLY F 111 26.28 -2.22 36.70
N HIS F 112 27.22 -1.64 37.45
CA HIS F 112 26.87 -0.52 38.31
C HIS F 112 26.90 0.81 37.54
N VAL F 113 25.74 1.47 37.47
CA VAL F 113 25.63 2.75 36.77
C VAL F 113 25.65 3.97 37.69
N GLN F 114 26.25 5.05 37.21
CA GLN F 114 26.35 6.30 37.95
C GLN F 114 26.07 7.47 36.98
N TYR F 115 25.01 8.22 37.29
CA TYR F 115 24.57 9.40 36.53
C TYR F 115 24.71 10.55 37.53
N LEU F 116 25.50 11.58 37.21
CA LEU F 116 25.73 12.68 38.14
C LEU F 116 25.42 14.09 37.58
N PRO F 117 24.19 14.31 37.06
CA PRO F 117 23.77 15.58 36.47
C PRO F 117 23.66 16.80 37.38
N SER F 118 24.15 17.93 36.89
CA SER F 118 24.06 19.21 37.59
C SER F 118 22.79 19.82 37.02
N ILE F 119 21.93 20.33 37.86
CA ILE F 119 20.66 20.86 37.39
C ILE F 119 20.27 22.20 38.01
N ARG F 120 19.51 22.98 37.25
CA ARG F 120 18.98 24.23 37.75
C ARG F 120 17.48 24.07 37.58
N GLN F 121 16.72 24.28 38.64
CA GLN F 121 15.27 24.10 38.55
C GLN F 121 14.56 25.01 39.55
N ARG F 122 13.32 25.38 39.23
CA ARG F 122 12.53 26.22 40.12
C ARG F 122 11.48 25.39 40.86
N PHE F 123 11.37 25.60 42.17
CA PHE F 123 10.41 24.86 42.97
C PHE F 123 9.40 25.74 43.66
N SER F 124 8.23 25.17 43.94
CA SER F 124 7.19 25.90 44.65
C SER F 124 7.62 25.84 46.13
N CYS F 125 7.75 26.99 46.76
CA CYS F 125 8.18 27.01 48.14
C CYS F 125 7.71 28.26 48.87
N ASP F 126 7.42 28.08 50.16
CA ASP F 126 6.97 29.20 50.98
C ASP F 126 8.20 29.96 51.45
N VAL F 127 8.59 30.98 50.69
CA VAL F 127 9.77 31.77 51.03
C VAL F 127 9.40 33.01 51.86
N SER F 128 8.40 32.87 52.72
CA SER F 128 7.94 33.97 53.56
C SER F 128 9.05 34.53 54.42
N GLY F 129 9.46 33.73 55.40
CA GLY F 129 10.48 34.16 56.34
C GLY F 129 11.92 34.06 55.92
N VAL F 130 12.20 34.42 54.66
CA VAL F 130 13.57 34.35 54.16
C VAL F 130 14.41 35.46 54.80
N ASP F 131 13.72 36.44 55.42
CA ASP F 131 14.38 37.55 56.08
C ASP F 131 14.38 37.46 57.59
N THR F 132 13.60 36.53 58.15
CA THR F 132 13.54 36.37 59.59
C THR F 132 14.75 35.56 60.01
N GLU F 133 15.01 35.46 61.31
CA GLU F 133 16.16 34.68 61.74
C GLU F 133 15.84 33.20 61.57
N SER F 134 14.55 32.89 61.61
CA SER F 134 14.06 31.53 61.44
C SER F 134 14.41 31.05 60.03
N GLY F 135 14.25 31.96 59.07
CA GLY F 135 14.53 31.63 57.69
C GLY F 135 13.36 30.95 57.03
N ALA F 136 13.51 30.64 55.74
CA ALA F 136 12.48 29.97 54.96
C ALA F 136 12.91 28.52 54.83
N THR F 137 11.94 27.64 54.69
CA THR F 137 12.22 26.22 54.54
C THR F 137 11.60 25.67 53.27
N CYS F 138 12.46 25.15 52.39
CA CYS F 138 11.99 24.56 51.15
C CYS F 138 12.16 23.07 51.17
N LYS F 139 11.14 22.38 50.67
CA LYS F 139 11.18 20.93 50.61
C LYS F 139 11.27 20.51 49.16
N LEU F 140 12.43 20.00 48.78
CA LEU F 140 12.61 19.54 47.41
C LEU F 140 12.32 18.03 47.40
N LYS F 141 11.12 17.67 46.95
CA LYS F 141 10.70 16.26 46.91
C LYS F 141 10.90 15.58 45.56
N PHE F 142 11.66 14.49 45.55
CA PHE F 142 11.93 13.74 44.33
C PHE F 142 11.44 12.32 44.50
N GLY F 143 11.17 11.65 43.39
CA GLY F 143 10.70 10.27 43.48
C GLY F 143 10.40 9.74 42.12
N SER F 144 10.43 8.42 41.95
CA SER F 144 10.14 7.87 40.65
C SER F 144 8.72 8.31 40.30
N TRP F 145 8.51 8.66 39.04
CA TRP F 145 7.19 9.12 38.63
C TRP F 145 6.21 7.99 38.34
N THR F 146 6.67 6.91 37.71
CA THR F 146 5.76 5.81 37.37
C THR F 146 6.02 4.42 37.99
N HIS F 147 7.16 4.25 38.64
CA HIS F 147 7.49 2.97 39.26
C HIS F 147 7.28 3.02 40.77
N HIS F 148 6.46 2.10 41.28
CA HIS F 148 6.19 2.05 42.72
C HIS F 148 7.27 1.35 43.52
N SER F 149 7.07 1.29 44.85
CA SER F 149 8.02 0.67 45.78
C SER F 149 8.58 -0.67 45.33
N ARG F 150 7.71 -1.56 44.87
CA ARG F 150 8.15 -2.87 44.46
C ARG F 150 8.89 -2.96 43.15
N GLU F 151 8.85 -1.90 42.36
CA GLU F 151 9.57 -1.88 41.07
C GLU F 151 10.90 -1.14 41.18
N LEU F 152 10.87 0.01 41.86
CA LEU F 152 12.05 0.85 42.05
C LEU F 152 12.13 1.32 43.49
N ASP F 153 13.19 0.89 44.18
CA ASP F 153 13.42 1.24 45.58
C ASP F 153 14.39 2.41 45.74
N LEU F 154 13.82 3.60 45.98
CA LEU F 154 14.59 4.82 46.17
C LEU F 154 15.21 4.86 47.55
N GLN F 155 16.52 4.88 47.61
CA GLN F 155 17.24 4.92 48.88
C GLN F 155 18.06 6.18 48.90
N MET F 156 18.06 6.89 50.02
CA MET F 156 18.82 8.12 50.10
C MET F 156 20.23 7.81 50.56
N GLN F 157 21.01 8.87 50.79
CA GLN F 157 22.38 8.73 51.30
C GLN F 157 22.98 10.10 51.57
N GLU F 158 23.56 10.26 52.75
CA GLU F 158 24.16 11.50 53.21
C GLU F 158 24.29 12.59 52.18
N ALA F 159 23.49 13.64 52.38
CA ALA F 159 23.50 14.77 51.47
C ALA F 159 24.78 15.58 51.69
N ASP F 160 25.38 16.03 50.59
CA ASP F 160 26.61 16.84 50.68
C ASP F 160 26.21 18.32 50.71
N ILE F 161 26.89 19.09 51.56
CA ILE F 161 26.59 20.50 51.70
C ILE F 161 27.82 21.39 51.50
N SER F 162 28.96 20.76 51.21
CA SER F 162 30.21 21.48 51.00
C SER F 162 30.30 22.13 49.62
N GLY F 163 29.33 21.84 48.75
CA GLY F 163 29.36 22.42 47.43
C GLY F 163 28.78 23.83 47.45
N TYR F 164 28.05 24.13 48.51
CA TYR F 164 27.40 25.43 48.64
C TYR F 164 28.33 26.61 48.47
N ILE F 165 27.93 27.51 47.58
CA ILE F 165 28.68 28.73 47.26
C ILE F 165 28.92 29.62 48.49
N PRO F 166 30.21 29.94 48.76
CA PRO F 166 30.69 30.78 49.88
C PRO F 166 30.04 32.16 49.90
N TYR F 167 30.07 32.88 48.78
CA TYR F 167 29.42 34.20 48.72
C TYR F 167 27.93 33.91 48.73
N SER F 168 27.15 34.48 47.81
CA SER F 168 25.71 34.17 47.80
C SER F 168 24.92 34.95 48.84
N ARG F 169 23.84 35.53 48.36
CA ARG F 169 22.96 36.33 49.18
C ARG F 169 22.37 35.56 50.37
N PHE F 170 22.32 34.22 50.28
CA PHE F 170 21.75 33.38 51.35
C PHE F 170 22.71 32.43 52.08
N GLU F 171 22.45 32.20 53.37
CA GLU F 171 23.26 31.28 54.17
C GLU F 171 22.40 30.10 54.58
N LEU F 172 22.99 28.92 54.66
CA LEU F 172 22.27 27.72 55.03
C LEU F 172 22.03 27.54 56.53
N VAL F 173 20.81 27.77 56.99
CA VAL F 173 20.49 27.59 58.39
C VAL F 173 20.48 26.10 58.77
N GLY F 174 19.97 25.26 57.86
CA GLY F 174 19.91 23.83 58.12
C GLY F 174 19.56 23.00 56.89
N VAL F 175 19.90 21.71 56.94
CA VAL F 175 19.64 20.79 55.84
C VAL F 175 19.39 19.38 56.35
N THR F 176 18.36 18.72 55.80
CA THR F 176 18.04 17.35 56.20
C THR F 176 17.53 16.61 54.98
N GLN F 177 17.67 15.29 54.98
CA GLN F 177 17.21 14.51 53.84
C GLN F 177 16.62 13.23 54.36
N LYS F 178 15.38 12.89 53.95
CA LYS F 178 14.78 11.64 54.41
C LYS F 178 13.89 11.02 53.35
N ARG F 179 13.88 9.68 53.28
CA ARG F 179 13.03 9.00 52.31
C ARG F 179 11.75 8.55 52.98
N SER F 180 10.66 8.54 52.20
CA SER F 180 9.35 8.17 52.71
C SER F 180 8.61 7.32 51.70
N GLU F 181 7.45 6.81 52.12
CA GLU F 181 6.64 5.99 51.24
C GLU F 181 5.21 6.39 51.50
N ARG F 182 4.41 6.48 50.45
CA ARG F 182 3.03 6.89 50.61
C ARG F 182 2.11 6.13 49.65
N PHE F 183 0.81 6.36 49.80
CA PHE F 183 -0.17 5.77 48.90
C PHE F 183 -0.78 7.04 48.28
N TYR F 184 -1.22 6.98 47.02
CA TYR F 184 -1.76 8.19 46.37
C TYR F 184 -3.19 8.14 45.81
N GLU F 185 -3.81 9.31 45.60
CA GLU F 185 -5.16 9.34 45.00
C GLU F 185 -4.89 8.90 43.57
N CYS F 186 -5.28 7.67 43.27
CA CYS F 186 -5.04 7.05 41.98
C CYS F 186 -3.97 6.08 42.31
N CYS F 187 -3.41 5.47 41.28
CA CYS F 187 -2.29 4.60 41.49
C CYS F 187 -2.40 3.76 42.82
N LYS F 188 -2.78 2.50 42.64
CA LYS F 188 -2.98 1.53 43.71
C LYS F 188 -1.83 1.35 44.71
N GLU F 189 -0.61 1.19 44.20
CA GLU F 189 0.58 0.97 45.04
C GLU F 189 1.20 2.17 45.73
N PRO F 190 2.18 1.91 46.63
CA PRO F 190 2.91 2.92 47.39
C PRO F 190 4.13 3.37 46.57
N TYR F 191 4.38 4.68 46.57
CA TYR F 191 5.51 5.26 45.85
C TYR F 191 6.48 5.94 46.82
N PRO F 192 7.76 5.55 46.75
CA PRO F 192 8.87 6.06 47.58
C PRO F 192 9.43 7.40 47.07
N ASP F 193 9.88 8.25 47.99
CA ASP F 193 10.44 9.55 47.62
C ASP F 193 11.46 10.13 48.59
N VAL F 194 12.56 10.66 48.09
CA VAL F 194 13.55 11.28 48.96
C VAL F 194 13.26 12.77 48.94
N THR F 195 13.23 13.41 50.11
CA THR F 195 12.95 14.84 50.19
C THR F 195 14.06 15.64 50.86
N PHE F 196 14.64 16.53 50.08
CA PHE F 196 15.72 17.37 50.54
C PHE F 196 15.08 18.63 51.12
N THR F 197 15.21 18.83 52.43
CA THR F 197 14.65 20.00 53.08
C THR F 197 15.78 21.00 53.40
N VAL F 198 15.64 22.22 52.91
CA VAL F 198 16.64 23.27 53.14
C VAL F 198 16.05 24.45 53.84
N THR F 199 16.75 24.94 54.86
CA THR F 199 16.29 26.12 55.58
C THR F 199 17.38 27.15 55.36
N PHE F 200 17.02 28.31 54.83
CA PHE F 200 18.02 29.34 54.58
C PHE F 200 17.47 30.70 54.91
N ARG F 201 18.36 31.64 55.18
CA ARG F 201 17.96 33.01 55.49
C ARG F 201 18.90 33.99 54.79
N LYS F 202 18.42 35.20 54.58
CA LYS F 202 19.19 36.24 53.91
C LYS F 202 20.33 36.72 54.82
N LYS F 203 21.57 36.68 54.31
CA LYS F 203 22.73 37.12 55.08
C LYS F 203 22.58 38.59 55.49
N GLY F 204 23.17 38.94 56.63
CA GLY F 204 23.09 40.32 57.11
C GLY F 204 21.66 40.73 57.44
N GLN G 3 9.71 -12.14 30.36
CA GLN G 3 10.56 -10.91 30.49
C GLN G 3 9.91 -9.73 29.77
N ARG G 4 10.72 -8.79 29.32
CA ARG G 4 10.22 -7.64 28.57
C ARG G 4 10.50 -7.75 27.10
N LYS G 5 9.89 -8.79 26.54
CA LYS G 5 9.92 -9.12 25.14
C LYS G 5 8.48 -8.71 24.86
N LEU G 6 7.88 -8.12 25.89
CA LEU G 6 6.51 -7.61 25.86
C LEU G 6 6.55 -6.25 25.16
N TYR G 7 7.60 -5.48 25.41
CA TYR G 7 7.71 -4.18 24.76
C TYR G 7 7.89 -4.47 23.28
N LYS G 8 8.72 -5.45 22.94
CA LYS G 8 8.93 -5.81 21.55
C LYS G 8 7.58 -6.10 20.90
N GLU G 9 6.70 -6.77 21.65
CA GLU G 9 5.37 -7.13 21.15
C GLU G 9 4.40 -5.96 21.10
N LEU G 10 4.28 -5.24 22.21
CA LEU G 10 3.39 -4.09 22.33
C LEU G 10 3.62 -3.01 21.28
N VAL G 11 4.81 -2.96 20.69
CA VAL G 11 5.09 -1.94 19.69
C VAL G 11 5.32 -2.51 18.28
N LYS G 12 5.09 -3.80 18.09
CA LYS G 12 5.28 -4.45 16.79
C LYS G 12 4.42 -3.80 15.70
N ASN G 13 3.17 -4.24 15.58
CA ASN G 13 2.28 -3.65 14.58
C ASN G 13 1.47 -2.55 15.25
N TYR G 14 2.21 -1.57 15.79
CA TYR G 14 1.56 -0.49 16.49
C TYR G 14 1.91 0.88 15.96
N ASN G 15 0.88 1.61 15.55
CA ASN G 15 1.02 2.96 15.05
C ASN G 15 0.38 3.89 16.08
N PRO G 16 1.20 4.70 16.76
CA PRO G 16 0.70 5.64 17.76
C PRO G 16 -0.18 6.76 17.19
N ASP G 17 -0.24 6.88 15.87
CA ASP G 17 -1.05 7.92 15.23
C ASP G 17 -2.49 7.48 15.05
N VAL G 18 -2.76 6.22 15.36
CA VAL G 18 -4.09 5.66 15.18
C VAL G 18 -4.92 5.57 16.44
N ILE G 19 -5.99 6.35 16.51
CA ILE G 19 -6.86 6.33 17.68
C ILE G 19 -7.48 4.92 17.78
N PRO G 20 -7.29 4.25 18.93
CA PRO G 20 -7.75 2.91 19.30
C PRO G 20 -9.25 2.69 19.38
N THR G 21 -9.98 3.01 18.32
CA THR G 21 -11.41 2.81 18.33
C THR G 21 -11.69 1.43 17.80
N GLN G 22 -12.95 1.03 17.87
CA GLN G 22 -13.36 -0.27 17.37
C GLN G 22 -14.81 -0.27 16.90
N ARG G 23 -14.95 -0.24 15.58
CA ARG G 23 -16.23 -0.22 14.88
C ARG G 23 -17.42 0.20 15.75
N ASP G 24 -17.98 1.35 15.42
CA ASP G 24 -19.14 1.92 16.12
C ASP G 24 -19.05 2.11 17.63
N ARG G 25 -17.85 2.37 18.12
CA ARG G 25 -17.64 2.62 19.54
C ARG G 25 -16.41 3.50 19.65
N PRO G 26 -16.58 4.67 20.26
CA PRO G 26 -15.53 5.66 20.46
C PRO G 26 -14.65 5.30 21.65
N VAL G 27 -13.39 5.73 21.62
CA VAL G 27 -12.48 5.48 22.74
C VAL G 27 -12.91 6.49 23.79
N THR G 28 -13.22 6.02 24.99
CA THR G 28 -13.61 6.96 26.04
C THR G 28 -12.42 7.23 26.96
N VAL G 29 -12.05 8.49 27.07
CA VAL G 29 -10.94 8.88 27.90
C VAL G 29 -11.48 9.65 29.10
N TYR G 30 -11.03 9.26 30.30
CA TYR G 30 -11.45 9.92 31.54
C TYR G 30 -10.45 11.02 31.87
N PHE G 31 -10.98 12.23 32.02
CA PHE G 31 -10.17 13.41 32.25
C PHE G 31 -10.48 14.10 33.57
N SER G 32 -9.44 14.55 34.26
CA SER G 32 -9.62 15.25 35.53
C SER G 32 -8.43 16.15 35.80
N LEU G 33 -8.71 17.36 36.29
CA LEU G 33 -7.66 18.31 36.57
C LEU G 33 -7.49 18.60 38.06
N SER G 34 -6.26 18.42 38.55
CA SER G 34 -5.94 18.71 39.94
C SER G 34 -5.17 20.03 40.01
N LEU G 35 -5.85 21.10 40.40
CA LEU G 35 -5.21 22.41 40.50
C LEU G 35 -4.16 22.38 41.61
N LEU G 36 -2.91 22.73 41.29
CA LEU G 36 -1.87 22.75 42.30
C LEU G 36 -1.51 24.15 42.72
N GLN G 37 -1.48 25.09 41.77
CA GLN G 37 -1.13 26.45 42.12
C GLN G 37 -1.48 27.46 41.06
N ILE G 38 -1.78 28.66 41.51
CA ILE G 38 -2.06 29.75 40.61
C ILE G 38 -0.84 30.65 40.76
N MET G 39 0.14 30.46 39.87
CA MET G 39 1.40 31.19 39.88
C MET G 39 1.26 32.70 39.83
N ASP G 40 0.65 33.19 38.77
CA ASP G 40 0.49 34.62 38.63
C ASP G 40 -0.79 34.99 37.94
N VAL G 41 -1.06 36.28 37.90
CA VAL G 41 -2.25 36.82 37.24
C VAL G 41 -1.85 38.14 36.59
N ASP G 42 -1.94 38.22 35.27
CA ASP G 42 -1.60 39.44 34.57
C ASP G 42 -2.90 40.18 34.38
N GLU G 43 -3.12 41.23 35.17
CA GLU G 43 -4.35 42.00 35.09
C GLU G 43 -4.35 42.89 33.86
N LYS G 44 -3.16 43.22 33.38
CA LYS G 44 -3.01 44.06 32.20
C LYS G 44 -3.32 43.31 30.91
N ASN G 45 -2.91 42.05 30.84
CA ASN G 45 -3.13 41.24 29.63
C ASN G 45 -4.16 40.14 29.78
N GLN G 46 -4.73 40.02 30.96
CA GLN G 46 -5.76 39.02 31.20
C GLN G 46 -5.32 37.58 30.98
N VAL G 47 -4.41 37.11 31.83
CA VAL G 47 -3.90 35.73 31.78
C VAL G 47 -3.60 35.20 33.19
N VAL G 48 -3.62 33.88 33.35
CA VAL G 48 -3.29 33.25 34.62
C VAL G 48 -2.23 32.20 34.33
N ASP G 49 -1.24 32.12 35.21
CA ASP G 49 -0.20 31.14 35.06
C ASP G 49 -0.69 30.06 36.03
N VAL G 50 -0.83 28.84 35.56
CA VAL G 50 -1.35 27.77 36.39
C VAL G 50 -0.50 26.49 36.35
N VAL G 51 -0.41 25.80 37.49
CA VAL G 51 0.32 24.54 37.56
C VAL G 51 -0.70 23.46 37.96
N PHE G 52 -0.80 22.37 37.21
CA PHE G 52 -1.79 21.36 37.52
C PHE G 52 -1.43 19.92 37.09
N TRP G 53 -1.96 18.94 37.80
CA TRP G 53 -1.76 17.50 37.53
C TRP G 53 -2.91 17.24 36.56
N LEU G 54 -2.65 16.52 35.48
CA LEU G 54 -3.70 16.21 34.51
C LEU G 54 -3.87 14.70 34.65
N GLN G 55 -5.07 14.23 34.94
CA GLN G 55 -5.28 12.80 35.09
C GLN G 55 -6.07 12.22 33.93
N MET G 56 -5.41 11.45 33.06
CA MET G 56 -6.07 10.86 31.91
C MET G 56 -5.94 9.37 31.88
N SER G 57 -7.01 8.68 31.51
CA SER G 57 -6.99 7.23 31.41
C SER G 57 -7.95 6.81 30.31
N TRP G 58 -7.65 5.70 29.65
CA TRP G 58 -8.47 5.19 28.56
C TRP G 58 -8.04 3.77 28.30
N THR G 59 -8.64 3.12 27.31
CA THR G 59 -8.31 1.75 26.99
C THR G 59 -7.88 1.57 25.55
N ASP G 60 -6.71 0.99 25.38
CA ASP G 60 -6.16 0.74 24.07
C ASP G 60 -6.23 -0.78 23.89
N HIS G 61 -7.20 -1.27 23.14
CA HIS G 61 -7.28 -2.73 22.97
C HIS G 61 -6.04 -3.35 22.33
N TYR G 62 -5.30 -2.58 21.53
CA TYR G 62 -4.08 -3.12 20.91
C TYR G 62 -3.01 -3.40 21.97
N LEU G 63 -3.19 -2.82 23.16
CA LEU G 63 -2.21 -2.95 24.22
C LEU G 63 -2.50 -3.92 25.35
N GLN G 64 -3.11 -5.05 25.07
CA GLN G 64 -3.35 -6.01 26.14
C GLN G 64 -2.57 -7.28 25.85
N TRP G 65 -2.32 -8.08 26.89
CA TRP G 65 -1.55 -9.30 26.72
C TRP G 65 -2.04 -10.42 27.67
N ASN G 66 -1.68 -11.66 27.33
CA ASN G 66 -2.05 -12.83 28.12
C ASN G 66 -1.09 -12.83 29.32
N VAL G 67 -1.59 -12.48 30.50
CA VAL G 67 -0.75 -12.41 31.70
C VAL G 67 0.06 -13.68 31.93
N SER G 68 -0.32 -14.76 31.24
CA SER G 68 0.37 -16.05 31.34
C SER G 68 1.70 -15.96 30.61
N GLU G 69 1.61 -15.79 29.29
CA GLU G 69 2.76 -15.68 28.40
C GLU G 69 3.86 -14.74 28.89
N TYR G 70 3.53 -13.86 29.83
CA TYR G 70 4.50 -12.92 30.39
C TYR G 70 4.31 -12.96 31.90
N PRO G 71 4.94 -13.96 32.55
CA PRO G 71 4.94 -14.26 33.98
C PRO G 71 4.58 -13.15 34.96
N GLY G 72 5.60 -12.48 35.50
CA GLY G 72 5.35 -11.45 36.48
C GLY G 72 4.93 -10.09 36.00
N VAL G 73 4.93 -9.89 34.69
CA VAL G 73 4.57 -8.61 34.11
C VAL G 73 3.11 -8.17 34.36
N LYS G 74 2.92 -7.31 35.36
CA LYS G 74 1.60 -6.80 35.72
C LYS G 74 1.26 -5.51 34.96
N GLN G 75 2.24 -4.63 34.82
CA GLN G 75 2.06 -3.37 34.14
C GLN G 75 3.38 -2.92 33.54
N VAL G 76 3.34 -2.00 32.59
CA VAL G 76 4.56 -1.49 31.99
C VAL G 76 4.54 0.03 31.90
N SER G 77 5.71 0.63 32.03
CA SER G 77 5.87 2.08 31.95
C SER G 77 6.46 2.38 30.56
N VAL G 78 5.60 2.91 29.70
CA VAL G 78 5.94 3.22 28.31
C VAL G 78 6.01 4.72 28.02
N PRO G 79 6.89 5.15 27.09
CA PRO G 79 7.04 6.56 26.70
C PRO G 79 5.82 6.96 25.88
N ILE G 80 5.17 8.07 26.21
CA ILE G 80 3.96 8.43 25.46
C ILE G 80 4.19 8.57 23.96
N SER G 81 5.45 8.69 23.55
CA SER G 81 5.78 8.82 22.13
C SER G 81 5.62 7.45 21.46
N SER G 82 5.59 6.41 22.28
CA SER G 82 5.48 5.05 21.80
C SER G 82 4.04 4.52 21.60
N LEU G 83 3.06 5.22 22.15
CA LEU G 83 1.67 4.79 22.00
C LEU G 83 0.71 5.97 21.71
N TRP G 84 -0.54 5.65 21.38
CA TRP G 84 -1.53 6.70 21.10
C TRP G 84 -1.96 7.37 22.38
N VAL G 85 -2.06 8.69 22.34
CA VAL G 85 -2.47 9.49 23.49
C VAL G 85 -3.48 10.55 23.04
N PRO G 86 -4.48 10.84 23.88
CA PRO G 86 -5.50 11.83 23.56
C PRO G 86 -4.84 13.13 23.14
N ASP G 87 -5.24 13.68 22.00
CA ASP G 87 -4.67 14.93 21.53
C ASP G 87 -5.42 16.09 22.19
N LEU G 88 -5.49 16.07 23.51
CA LEU G 88 -6.18 17.12 24.24
C LEU G 88 -5.53 18.47 24.01
N ALA G 89 -6.34 19.50 24.08
CA ALA G 89 -5.86 20.85 23.85
C ALA G 89 -6.56 21.81 24.81
N ALA G 90 -5.80 22.80 25.31
CA ALA G 90 -6.36 23.81 26.20
C ALA G 90 -6.90 24.87 25.26
N TYR G 91 -8.19 24.76 24.96
CA TYR G 91 -8.84 25.70 24.04
C TYR G 91 -8.51 27.18 24.22
N ASN G 92 -8.34 27.60 25.46
CA ASN G 92 -8.02 28.99 25.70
C ASN G 92 -6.63 29.33 26.25
N ALA G 93 -5.67 28.42 26.08
CA ALA G 93 -4.31 28.66 26.55
C ALA G 93 -3.62 29.66 25.61
N ILE G 94 -2.76 30.50 26.16
CA ILE G 94 -2.06 31.46 25.32
C ILE G 94 -0.55 31.19 25.32
N SER G 95 -0.19 29.97 25.70
CA SER G 95 1.21 29.55 25.74
C SER G 95 1.30 28.03 25.57
N LYS G 96 2.39 27.58 24.97
CA LYS G 96 2.61 26.17 24.76
C LYS G 96 2.57 25.54 26.16
N PRO G 97 2.16 24.27 26.28
CA PRO G 97 2.14 23.69 27.62
C PRO G 97 3.53 23.17 27.99
N GLU G 98 3.97 23.48 29.20
CA GLU G 98 5.29 23.07 29.69
C GLU G 98 5.08 21.87 30.61
N VAL G 99 5.30 20.66 30.10
CA VAL G 99 5.12 19.45 30.89
C VAL G 99 6.36 19.19 31.79
N LEU G 100 6.12 19.26 33.10
CA LEU G 100 7.13 19.13 34.14
C LEU G 100 7.61 17.74 34.55
N THR G 101 6.80 16.72 34.29
CA THR G 101 7.17 15.35 34.66
C THR G 101 7.60 14.45 33.50
N PRO G 102 8.16 13.27 33.81
CA PRO G 102 8.57 12.36 32.73
C PRO G 102 7.34 11.96 31.90
N GLN G 103 7.45 12.05 30.57
CA GLN G 103 6.36 11.68 29.69
C GLN G 103 6.25 10.17 29.48
N LEU G 104 5.76 9.51 30.52
CA LEU G 104 5.58 8.07 30.55
C LEU G 104 4.14 7.77 30.93
N ALA G 105 3.52 6.83 30.21
CA ALA G 105 2.16 6.40 30.47
C ALA G 105 2.30 5.06 31.16
N LEU G 106 1.21 4.56 31.75
CA LEU G 106 1.24 3.25 32.41
C LEU G 106 0.28 2.35 31.64
N VAL G 107 0.67 1.09 31.46
CA VAL G 107 -0.21 0.21 30.72
C VAL G 107 -0.51 -1.12 31.42
N ASN G 108 -1.81 -1.33 31.62
CA ASN G 108 -2.42 -2.52 32.26
C ASN G 108 -2.30 -3.74 31.35
N SER G 109 -2.45 -4.93 31.92
CA SER G 109 -2.37 -6.13 31.10
C SER G 109 -3.67 -6.27 30.31
N SER G 110 -4.67 -5.44 30.63
CA SER G 110 -5.95 -5.50 29.95
C SER G 110 -6.06 -4.35 28.96
N GLY G 111 -4.97 -3.61 28.79
CA GLY G 111 -4.96 -2.50 27.86
C GLY G 111 -5.38 -1.17 28.43
N HIS G 112 -5.47 -1.06 29.75
CA HIS G 112 -5.85 0.20 30.35
C HIS G 112 -4.63 1.12 30.51
N VAL G 113 -4.66 2.29 29.86
CA VAL G 113 -3.55 3.23 29.94
C VAL G 113 -3.84 4.37 30.90
N GLN G 114 -2.79 4.86 31.56
CA GLN G 114 -2.92 5.96 32.52
C GLN G 114 -1.78 7.01 32.39
N TYR G 115 -2.09 8.20 31.88
CA TYR G 115 -1.12 9.29 31.72
C TYR G 115 -1.46 10.39 32.76
N LEU G 116 -0.52 10.72 33.65
CA LEU G 116 -0.77 11.71 34.72
C LEU G 116 0.18 12.90 34.76
N PRO G 117 0.53 13.48 33.60
CA PRO G 117 1.45 14.63 33.47
C PRO G 117 1.17 15.91 34.31
N SER G 118 2.23 16.46 34.92
CA SER G 118 2.10 17.70 35.69
C SER G 118 2.42 18.77 34.67
N ILE G 119 1.60 19.83 34.61
CA ILE G 119 1.79 20.87 33.61
C ILE G 119 1.71 22.30 34.12
N ARG G 120 2.44 23.20 33.47
CA ARG G 120 2.40 24.62 33.80
C ARG G 120 2.01 25.26 32.48
N GLN G 121 0.96 26.07 32.49
CA GLN G 121 0.52 26.68 31.26
C GLN G 121 -0.20 28.00 31.56
N ARG G 122 -0.20 28.90 30.59
CA ARG G 122 -0.86 30.20 30.74
C ARG G 122 -2.17 30.24 29.98
N PHE G 123 -3.22 30.73 30.62
CA PHE G 123 -4.53 30.80 29.98
C PHE G 123 -5.08 32.22 29.91
N SER G 124 -5.93 32.43 28.91
CA SER G 124 -6.60 33.72 28.73
C SER G 124 -7.73 33.72 29.75
N CYS G 125 -7.72 34.70 30.63
CA CYS G 125 -8.73 34.77 31.66
C CYS G 125 -8.99 36.19 32.13
N ASP G 126 -10.24 36.47 32.46
CA ASP G 126 -10.63 37.78 32.95
C ASP G 126 -10.31 37.83 34.45
N VAL G 127 -9.12 38.30 34.78
CA VAL G 127 -8.70 38.37 36.18
C VAL G 127 -8.99 39.74 36.79
N SER G 128 -10.13 40.31 36.41
CA SER G 128 -10.53 41.62 36.90
C SER G 128 -10.68 41.65 38.41
N GLY G 129 -11.69 40.95 38.90
CA GLY G 129 -11.97 40.93 40.32
C GLY G 129 -11.16 39.99 41.19
N VAL G 130 -9.87 39.90 40.93
CA VAL G 130 -9.03 39.01 41.73
C VAL G 130 -8.85 39.59 43.12
N ASP G 131 -9.20 40.86 43.27
CA ASP G 131 -9.08 41.54 44.56
C ASP G 131 -10.40 41.77 45.26
N THR G 132 -11.50 41.52 44.56
CA THR G 132 -12.82 41.70 45.14
C THR G 132 -13.13 40.46 45.98
N GLU G 133 -14.18 40.50 46.78
CA GLU G 133 -14.50 39.33 47.58
C GLU G 133 -15.06 38.28 46.65
N SER G 134 -15.65 38.74 45.54
CA SER G 134 -16.24 37.86 44.54
C SER G 134 -15.14 36.99 43.93
N GLY G 135 -13.98 37.63 43.70
CA GLY G 135 -12.84 36.95 43.11
C GLY G 135 -12.94 36.88 41.61
N ALA G 136 -11.90 36.33 40.98
CA ALA G 136 -11.89 36.18 39.52
C ALA G 136 -12.24 34.73 39.19
N THR G 137 -12.82 34.53 38.02
CA THR G 137 -13.21 33.19 37.61
C THR G 137 -12.55 32.80 36.29
N CYS G 138 -11.74 31.75 36.32
CA CYS G 138 -11.08 31.29 35.11
C CYS G 138 -11.66 29.99 34.65
N LYS G 139 -11.86 29.90 33.34
CA LYS G 139 -12.40 28.69 32.76
C LYS G 139 -11.31 27.99 31.95
N LEU G 140 -10.85 26.87 32.45
CA LEU G 140 -9.83 26.11 31.75
C LEU G 140 -10.54 25.05 30.93
N LYS G 141 -10.66 25.29 29.63
CA LYS G 141 -11.36 24.38 28.74
C LYS G 141 -10.41 23.45 27.97
N PHE G 142 -10.63 22.15 28.10
CA PHE G 142 -9.82 21.16 27.42
C PHE G 142 -10.73 20.28 26.56
N GLY G 143 -10.17 19.71 25.50
CA GLY G 143 -10.94 18.82 24.66
C GLY G 143 -10.06 18.26 23.55
N SER G 144 -10.46 17.15 22.93
CA SER G 144 -9.66 16.62 21.83
C SER G 144 -9.61 17.74 20.82
N TRP G 145 -8.59 17.71 19.97
CA TRP G 145 -8.44 18.75 18.98
C TRP G 145 -8.93 18.31 17.62
N THR G 146 -8.70 17.04 17.28
CA THR G 146 -9.09 16.51 15.98
C THR G 146 -10.05 15.31 15.95
N HIS G 147 -10.52 14.88 17.12
CA HIS G 147 -11.46 13.76 17.18
C HIS G 147 -12.79 14.20 17.78
N HIS G 148 -13.87 14.00 17.04
CA HIS G 148 -15.20 14.39 17.53
C HIS G 148 -15.85 13.37 18.47
N SER G 149 -17.04 13.70 18.94
CA SER G 149 -17.78 12.87 19.87
C SER G 149 -17.79 11.39 19.54
N ARG G 150 -18.04 11.05 18.28
CA ARG G 150 -18.12 9.65 17.93
C ARG G 150 -16.78 8.92 17.83
N GLU G 151 -15.67 9.66 17.83
CA GLU G 151 -14.35 9.06 17.76
C GLU G 151 -13.70 8.97 19.13
N LEU G 152 -13.81 10.03 19.91
CA LEU G 152 -13.24 10.11 21.25
C LEU G 152 -14.24 10.74 22.22
N ASP G 153 -14.69 9.94 23.18
CA ASP G 153 -15.64 10.37 24.19
C ASP G 153 -14.99 10.85 25.49
N LEU G 154 -14.89 12.17 25.64
CA LEU G 154 -14.28 12.76 26.83
C LEU G 154 -15.24 12.72 28.00
N GLN G 155 -14.83 12.01 29.06
CA GLN G 155 -15.64 11.90 30.26
C GLN G 155 -14.88 12.50 31.41
N MET G 156 -15.54 13.32 32.22
CA MET G 156 -14.87 13.92 33.35
C MET G 156 -14.92 13.01 34.55
N GLN G 157 -14.43 13.50 35.69
CA GLN G 157 -14.48 12.75 36.94
C GLN G 157 -13.94 13.59 38.07
N GLU G 158 -14.69 13.64 39.17
CA GLU G 158 -14.36 14.42 40.36
C GLU G 158 -12.98 15.04 40.39
N ALA G 159 -12.93 16.35 40.26
CA ALA G 159 -11.68 17.10 40.28
C ALA G 159 -11.13 17.12 41.69
N ASP G 160 -9.82 16.93 41.80
CA ASP G 160 -9.17 16.94 43.11
C ASP G 160 -8.73 18.36 43.43
N ILE G 161 -8.91 18.78 44.67
CA ILE G 161 -8.52 20.13 45.07
C ILE G 161 -7.56 20.15 46.26
N SER G 162 -7.21 18.97 46.74
CA SER G 162 -6.33 18.84 47.90
C SER G 162 -4.87 19.04 47.57
N GLY G 163 -4.59 19.18 46.28
CA GLY G 163 -3.20 19.38 45.89
C GLY G 163 -2.82 20.84 46.02
N TYR G 164 -3.83 21.70 46.10
CA TYR G 164 -3.60 23.14 46.17
C TYR G 164 -2.66 23.56 47.26
N ILE G 165 -1.67 24.37 46.87
CA ILE G 165 -0.64 24.90 47.78
C ILE G 165 -1.23 25.72 48.94
N PRO G 166 -0.89 25.32 50.18
CA PRO G 166 -1.35 25.96 51.42
C PRO G 166 -1.01 27.43 51.48
N TYR G 167 0.26 27.78 51.23
CA TYR G 167 0.65 29.19 51.23
C TYR G 167 0.03 29.77 49.95
N SER G 168 0.79 30.49 49.14
CA SER G 168 0.21 31.02 47.91
C SER G 168 -0.60 32.29 48.09
N ARG G 169 -0.31 33.25 47.25
CA ARG G 169 -0.95 34.53 47.29
C ARG G 169 -2.48 34.46 47.13
N PHE G 170 -2.97 33.37 46.53
CA PHE G 170 -4.42 33.21 46.29
C PHE G 170 -5.14 32.05 47.00
N GLU G 171 -6.42 32.26 47.32
CA GLU G 171 -7.22 31.23 47.98
C GLU G 171 -8.35 30.82 47.05
N LEU G 172 -8.70 29.55 47.07
CA LEU G 172 -9.76 29.04 46.21
C LEU G 172 -11.17 29.28 46.68
N VAL G 173 -11.86 30.24 46.06
CA VAL G 173 -13.21 30.53 46.44
C VAL G 173 -14.16 29.41 46.03
N GLY G 174 -13.89 28.80 44.87
CA GLY G 174 -14.74 27.72 44.38
C GLY G 174 -14.18 26.99 43.17
N VAL G 175 -14.63 25.77 42.96
CA VAL G 175 -14.18 24.96 41.82
C VAL G 175 -15.28 24.03 41.33
N THR G 176 -15.45 23.96 40.01
CA THR G 176 -16.46 23.10 39.40
C THR G 176 -15.91 22.53 38.09
N GLN G 177 -16.40 21.38 37.68
CA GLN G 177 -15.91 20.77 36.46
C GLN G 177 -17.10 20.14 35.74
N LYS G 178 -17.28 20.45 34.46
CA LYS G 178 -18.39 19.85 33.73
C LYS G 178 -18.06 19.62 32.26
N ARG G 179 -18.55 18.51 31.70
CA ARG G 179 -18.27 18.23 30.29
C ARG G 179 -19.43 18.71 29.44
N SER G 180 -19.11 19.14 28.22
CA SER G 180 -20.11 19.65 27.30
C SER G 180 -19.84 19.15 25.89
N GLU G 181 -20.77 19.44 24.98
CA GLU G 181 -20.62 19.05 23.59
C GLU G 181 -21.13 20.22 22.77
N ARG G 182 -20.42 20.59 21.71
CA ARG G 182 -20.82 21.74 20.89
C ARG G 182 -20.32 21.64 19.45
N PHE G 183 -20.90 22.45 18.57
CA PHE G 183 -20.46 22.47 17.17
C PHE G 183 -19.67 23.76 17.00
N TYR G 184 -18.57 23.70 16.25
CA TYR G 184 -17.76 24.89 16.01
C TYR G 184 -17.89 25.33 14.54
N GLU G 185 -17.45 26.55 14.23
CA GLU G 185 -17.43 27.10 12.85
C GLU G 185 -16.31 26.30 12.18
N CYS G 186 -16.67 25.48 11.21
CA CYS G 186 -15.74 24.58 10.53
C CYS G 186 -16.08 23.25 11.12
N CYS G 187 -15.27 22.25 10.80
CA CYS G 187 -15.46 20.96 11.40
C CYS G 187 -16.98 20.59 11.61
N LYS G 188 -17.45 19.73 10.72
CA LYS G 188 -18.82 19.27 10.66
C LYS G 188 -19.41 18.68 11.96
N GLU G 189 -18.70 17.78 12.63
CA GLU G 189 -19.22 17.14 13.83
C GLU G 189 -19.18 17.90 15.16
N PRO G 190 -19.81 17.33 16.22
CA PRO G 190 -19.89 17.86 17.58
C PRO G 190 -18.62 17.41 18.36
N TYR G 191 -18.07 18.29 19.20
CA TYR G 191 -16.85 18.02 19.94
C TYR G 191 -16.97 18.25 21.44
N PRO G 192 -16.85 17.18 22.23
CA PRO G 192 -16.92 17.21 23.69
C PRO G 192 -15.73 17.92 24.36
N ASP G 193 -15.98 18.64 25.45
CA ASP G 193 -14.92 19.36 26.18
C ASP G 193 -15.21 19.48 27.68
N VAL G 194 -14.19 19.22 28.51
CA VAL G 194 -14.37 19.36 29.96
C VAL G 194 -13.79 20.71 30.33
N THR G 195 -14.52 21.47 31.12
CA THR G 195 -14.04 22.80 31.51
C THR G 195 -13.93 22.98 33.01
N PHE G 196 -12.71 23.14 33.47
CA PHE G 196 -12.41 23.34 34.86
C PHE G 196 -12.57 24.83 35.17
N THR G 197 -13.57 25.20 35.97
CA THR G 197 -13.79 26.60 36.32
C THR G 197 -13.27 26.87 37.74
N VAL G 198 -12.35 27.83 37.87
CA VAL G 198 -11.77 28.18 39.16
C VAL G 198 -12.04 29.63 39.53
N THR G 199 -12.50 29.84 40.76
CA THR G 199 -12.72 31.19 41.26
C THR G 199 -11.74 31.37 42.43
N PHE G 200 -10.92 32.40 42.36
CA PHE G 200 -9.95 32.61 43.42
C PHE G 200 -9.79 34.10 43.69
N ARG G 201 -9.32 34.43 44.88
CA ARG G 201 -9.13 35.80 45.28
C ARG G 201 -7.83 35.90 46.06
N LYS G 202 -7.24 37.10 46.06
CA LYS G 202 -5.99 37.38 46.76
C LYS G 202 -6.20 37.34 48.27
N LYS G 203 -5.41 36.54 48.97
CA LYS G 203 -5.54 36.42 50.42
C LYS G 203 -5.32 37.78 51.08
N GLY G 204 -5.92 37.98 52.25
CA GLY G 204 -5.77 39.24 52.96
C GLY G 204 -6.33 40.41 52.17
N PHE H 2 -9.16 -0.29 14.10
CA PHE H 2 -9.93 -1.53 13.75
C PHE H 2 -9.80 -1.90 12.26
N GLN H 3 -9.10 -1.03 11.52
CA GLN H 3 -8.87 -1.21 10.08
C GLN H 3 -8.00 -0.05 9.56
N ARG H 4 -7.02 0.32 10.37
CA ARG H 4 -6.11 1.39 10.02
C ARG H 4 -4.80 0.87 9.46
N LYS H 5 -4.98 0.24 8.31
CA LYS H 5 -3.91 -0.31 7.52
C LYS H 5 -3.93 0.74 6.44
N LEU H 6 -4.75 1.75 6.70
CA LEU H 6 -4.92 2.90 5.82
C LEU H 6 -3.74 3.84 6.05
N TYR H 7 -3.28 3.93 7.30
CA TYR H 7 -2.14 4.79 7.58
C TYR H 7 -0.94 4.15 6.88
N LYS H 8 -0.81 2.83 6.98
CA LYS H 8 0.30 2.14 6.33
C LYS H 8 0.30 2.50 4.85
N GLU H 9 -0.89 2.57 4.27
CA GLU H 9 -1.05 2.90 2.85
C GLU H 9 -0.80 4.38 2.55
N LEU H 10 -1.48 5.25 3.29
CA LEU H 10 -1.36 6.68 3.10
C LEU H 10 0.07 7.21 3.20
N VAL H 11 0.94 6.46 3.86
CA VAL H 11 2.31 6.92 3.99
C VAL H 11 3.34 6.07 3.25
N LYS H 12 2.86 5.11 2.46
CA LYS H 12 3.76 4.23 1.72
C LYS H 12 4.71 4.99 0.80
N ASN H 13 4.27 5.28 -0.41
CA ASN H 13 5.11 6.03 -1.35
C ASN H 13 4.77 7.52 -1.22
N TYR H 14 4.92 8.02 0.00
CA TYR H 14 4.60 9.41 0.26
C TYR H 14 5.74 10.22 0.83
N ASN H 15 6.09 11.28 0.12
CA ASN H 15 7.14 12.19 0.52
C ASN H 15 6.48 13.52 0.88
N PRO H 16 6.48 13.87 2.17
CA PRO H 16 5.88 15.12 2.64
C PRO H 16 6.58 16.36 2.16
N ASP H 17 7.72 16.20 1.48
CA ASP H 17 8.46 17.35 0.95
C ASP H 17 7.99 17.72 -0.44
N VAL H 18 7.08 16.94 -0.99
CA VAL H 18 6.57 17.18 -2.34
C VAL H 18 5.21 17.84 -2.40
N ILE H 19 5.16 19.06 -2.90
CA ILE H 19 3.88 19.74 -3.02
C ILE H 19 3.05 18.92 -4.01
N PRO H 20 1.86 18.46 -3.58
CA PRO H 20 0.95 17.63 -4.40
C PRO H 20 0.22 18.32 -5.55
N THR H 21 0.95 19.04 -6.40
CA THR H 21 0.31 19.68 -7.55
C THR H 21 0.31 18.63 -8.65
N GLN H 22 -0.26 18.99 -9.78
CA GLN H 22 -0.29 18.11 -10.95
C GLN H 22 -0.08 19.01 -12.15
N ARG H 23 0.08 18.41 -13.31
CA ARG H 23 0.33 19.17 -14.54
C ARG H 23 -0.57 20.41 -14.71
N ASP H 24 0.07 21.58 -14.66
CA ASP H 24 -0.62 22.87 -14.81
C ASP H 24 -1.82 23.01 -13.87
N ARG H 25 -1.67 22.51 -12.65
CA ARG H 25 -2.74 22.56 -11.65
C ARG H 25 -2.14 22.91 -10.28
N PRO H 26 -2.00 24.20 -10.00
CA PRO H 26 -1.42 24.50 -8.71
C PRO H 26 -2.31 23.96 -7.59
N VAL H 27 -1.72 23.65 -6.44
CA VAL H 27 -2.48 23.18 -5.31
C VAL H 27 -3.08 24.44 -4.72
N THR H 28 -4.40 24.48 -4.60
CA THR H 28 -5.02 25.67 -4.03
C THR H 28 -5.29 25.43 -2.55
N VAL H 29 -4.76 26.30 -1.69
CA VAL H 29 -4.95 26.20 -0.26
C VAL H 29 -5.82 27.37 0.20
N TYR H 30 -6.86 27.06 0.97
CA TYR H 30 -7.76 28.09 1.48
C TYR H 30 -7.25 28.48 2.85
N PHE H 31 -7.03 29.78 3.01
CA PHE H 31 -6.49 30.37 4.22
C PHE H 31 -7.41 31.39 4.88
N SER H 32 -7.49 31.33 6.20
CA SER H 32 -8.31 32.27 6.95
C SER H 32 -7.80 32.41 8.38
N LEU H 33 -7.77 33.63 8.87
CA LEU H 33 -7.28 33.89 10.22
C LEU H 33 -8.39 34.36 11.19
N SER H 34 -8.51 33.66 12.32
CA SER H 34 -9.49 33.99 13.34
C SER H 34 -8.74 34.67 14.50
N LEU H 35 -8.84 36.00 14.58
CA LEU H 35 -8.16 36.74 15.65
C LEU H 35 -8.79 36.39 16.98
N LEU H 36 -8.00 35.92 17.93
CA LEU H 36 -8.53 35.57 19.25
C LEU H 36 -8.19 36.62 20.30
N GLN H 37 -6.99 37.16 20.24
CA GLN H 37 -6.57 38.16 21.22
C GLN H 37 -5.33 38.95 20.84
N ILE H 38 -5.28 40.18 21.32
CA ILE H 38 -4.12 41.03 21.08
C ILE H 38 -3.50 41.14 22.46
N MET H 39 -2.53 40.25 22.72
CA MET H 39 -1.85 40.17 24.00
C MET H 39 -1.18 41.44 24.46
N ASP H 40 -0.27 41.95 23.65
CA ASP H 40 0.40 43.15 24.05
C ASP H 40 0.76 44.00 22.85
N VAL H 41 1.26 45.20 23.13
CA VAL H 41 1.69 46.16 22.12
C VAL H 41 2.93 46.87 22.65
N ASP H 42 4.04 46.71 21.97
CA ASP H 42 5.27 47.37 22.38
C ASP H 42 5.36 48.64 21.55
N GLU H 43 5.06 49.77 22.19
CA GLU H 43 5.07 51.04 21.49
C GLU H 43 6.49 51.52 21.23
N LYS H 44 7.42 51.00 22.03
CA LYS H 44 8.81 51.38 21.91
C LYS H 44 9.50 50.68 20.76
N ASN H 45 9.17 49.42 20.54
CA ASN H 45 9.79 48.62 19.48
C ASN H 45 8.88 48.31 18.32
N GLN H 46 7.64 48.76 18.41
CA GLN H 46 6.66 48.57 17.35
C GLN H 46 6.37 47.11 17.00
N VAL H 47 5.73 46.40 17.93
CA VAL H 47 5.36 45.00 17.75
C VAL H 47 4.02 44.73 18.45
N VAL H 48 3.33 43.68 18.02
CA VAL H 48 2.08 43.27 18.63
C VAL H 48 2.19 41.78 18.88
N ASP H 49 1.72 41.36 20.05
CA ASP H 49 1.73 39.96 20.39
C ASP H 49 0.29 39.59 20.04
N VAL H 50 0.11 38.56 19.23
CA VAL H 50 -1.21 38.13 18.79
C VAL H 50 -1.45 36.63 18.93
N VAL H 51 -2.68 36.24 19.27
CA VAL H 51 -3.03 34.83 19.36
C VAL H 51 -4.17 34.61 18.36
N PHE H 52 -4.07 33.61 17.49
CA PHE H 52 -5.12 33.35 16.48
C PHE H 52 -5.25 31.87 16.01
N TRP H 53 -6.37 31.54 15.37
CA TRP H 53 -6.62 30.18 14.82
C TRP H 53 -6.22 30.37 13.36
N LEU H 54 -5.47 29.44 12.80
CA LEU H 54 -5.06 29.54 11.40
C LEU H 54 -5.82 28.44 10.71
N GLN H 55 -6.79 28.79 9.86
CA GLN H 55 -7.60 27.79 9.18
C GLN H 55 -7.13 27.52 7.76
N MET H 56 -6.51 26.37 7.56
CA MET H 56 -6.00 25.98 6.25
C MET H 56 -6.58 24.68 5.72
N SER H 57 -6.92 24.65 4.45
CA SER H 57 -7.44 23.43 3.86
C SER H 57 -6.97 23.39 2.40
N TRP H 58 -6.76 22.18 1.88
CA TRP H 58 -6.31 22.00 0.51
C TRP H 58 -6.60 20.56 0.12
N THR H 59 -6.22 20.16 -1.09
CA THR H 59 -6.46 18.79 -1.51
C THR H 59 -5.17 18.10 -1.95
N ASP H 60 -4.92 16.95 -1.35
CA ASP H 60 -3.72 16.17 -1.64
C ASP H 60 -4.24 14.93 -2.37
N HIS H 61 -4.10 14.88 -3.69
CA HIS H 61 -4.60 13.73 -4.42
C HIS H 61 -3.94 12.40 -4.00
N TYR H 62 -2.71 12.44 -3.49
CA TYR H 62 -2.03 11.22 -3.04
C TYR H 62 -2.72 10.65 -1.81
N LEU H 63 -3.54 11.47 -1.15
CA LEU H 63 -4.20 11.05 0.08
C LEU H 63 -5.67 10.65 0.01
N GLN H 64 -6.10 10.01 -1.06
CA GLN H 64 -7.50 9.61 -1.10
C GLN H 64 -7.55 8.10 -1.12
N TRP H 65 -8.71 7.53 -0.77
CA TRP H 65 -8.87 6.09 -0.75
C TRP H 65 -10.28 5.65 -1.13
N ASN H 66 -10.40 4.39 -1.51
CA ASN H 66 -11.70 3.80 -1.89
C ASN H 66 -12.44 3.52 -0.56
N VAL H 67 -13.45 4.33 -0.26
CA VAL H 67 -14.18 4.17 1.00
C VAL H 67 -14.67 2.76 1.26
N SER H 68 -14.65 1.93 0.20
CA SER H 68 -15.07 0.53 0.28
C SER H 68 -14.00 -0.27 1.00
N GLU H 69 -12.83 -0.36 0.36
CA GLU H 69 -11.67 -1.08 0.88
C GLU H 69 -11.35 -0.83 2.34
N TYR H 70 -11.86 0.28 2.88
CA TYR H 70 -11.66 0.65 4.28
C TYR H 70 -13.03 1.03 4.84
N PRO H 71 -13.81 0.02 5.26
CA PRO H 71 -15.17 0.07 5.83
C PRO H 71 -15.63 1.37 6.49
N GLY H 72 -15.49 1.44 7.81
CA GLY H 72 -15.95 2.62 8.52
C GLY H 72 -15.07 3.86 8.49
N VAL H 73 -13.88 3.75 7.92
CA VAL H 73 -12.95 4.89 7.87
C VAL H 73 -13.43 6.08 7.03
N LYS H 74 -13.95 7.10 7.71
CA LYS H 74 -14.44 8.31 7.04
C LYS H 74 -13.37 9.39 6.93
N GLN H 75 -12.58 9.53 7.98
CA GLN H 75 -11.50 10.51 8.01
C GLN H 75 -10.40 10.02 8.93
N VAL H 76 -9.22 10.62 8.82
CA VAL H 76 -8.10 10.22 9.67
C VAL H 76 -7.37 11.45 10.21
N SER H 77 -6.89 11.31 11.44
CA SER H 77 -6.15 12.38 12.12
C SER H 77 -4.66 12.03 12.02
N VAL H 78 -3.98 12.75 11.13
CA VAL H 78 -2.57 12.53 10.85
C VAL H 78 -1.64 13.65 11.37
N PRO H 79 -0.40 13.31 11.79
CA PRO H 79 0.56 14.30 12.29
C PRO H 79 1.05 15.09 11.09
N ILE H 80 1.11 16.42 11.19
CA ILE H 80 1.53 17.20 10.03
C ILE H 80 2.93 16.87 9.54
N SER H 81 3.70 16.20 10.37
CA SER H 81 5.05 15.81 10.00
C SER H 81 5.00 14.65 9.00
N SER H 82 3.85 14.01 8.93
CA SER H 82 3.64 12.87 8.07
C SER H 82 3.14 13.17 6.65
N LEU H 83 2.69 14.40 6.40
CA LEU H 83 2.21 14.76 5.09
C LEU H 83 2.66 16.19 4.68
N TRP H 84 2.44 16.55 3.42
CA TRP H 84 2.81 17.88 2.94
C TRP H 84 1.87 18.93 3.48
N VAL H 85 2.44 20.04 3.93
CA VAL H 85 1.67 21.16 4.47
C VAL H 85 2.18 22.47 3.89
N PRO H 86 1.27 23.41 3.60
CA PRO H 86 1.67 24.69 3.04
C PRO H 86 2.79 25.30 3.87
N ASP H 87 3.86 25.75 3.22
CA ASP H 87 4.97 26.36 3.92
C ASP H 87 4.65 27.84 4.11
N LEU H 88 3.50 28.15 4.69
CA LEU H 88 3.11 29.53 4.92
C LEU H 88 4.09 30.23 5.84
N ALA H 89 4.26 31.53 5.65
CA ALA H 89 5.17 32.30 6.48
C ALA H 89 4.56 33.64 6.80
N ALA H 90 4.82 34.13 8.00
CA ALA H 90 4.31 35.43 8.44
C ALA H 90 5.40 36.43 8.07
N TYR H 91 5.21 37.06 6.91
CA TYR H 91 6.14 38.04 6.37
C TYR H 91 6.65 39.09 7.30
N ASN H 92 5.79 39.61 8.17
CA ASN H 92 6.26 40.63 9.09
C ASN H 92 6.41 40.15 10.55
N ALA H 93 6.49 38.85 10.76
CA ALA H 93 6.64 38.36 12.12
C ALA H 93 8.07 38.61 12.58
N ILE H 94 8.25 38.95 13.86
CA ILE H 94 9.59 39.17 14.38
C ILE H 94 9.93 38.13 15.44
N SER H 95 9.17 37.04 15.46
CA SER H 95 9.42 35.95 16.41
C SER H 95 8.95 34.64 15.78
N LYS H 96 9.61 33.56 16.16
CA LYS H 96 9.25 32.24 15.67
C LYS H 96 7.78 32.03 16.07
N PRO H 97 7.01 31.25 15.29
CA PRO H 97 5.62 31.07 15.71
C PRO H 97 5.51 29.96 16.75
N GLU H 98 4.76 30.25 17.80
CA GLU H 98 4.54 29.30 18.90
C GLU H 98 3.17 28.62 18.68
N VAL H 99 3.17 27.41 18.13
CA VAL H 99 1.92 26.69 17.89
C VAL H 99 1.42 26.02 19.19
N LEU H 100 0.25 26.47 19.63
CA LEU H 100 -0.35 26.01 20.89
C LEU H 100 -1.16 24.74 20.92
N THR H 101 -1.57 24.25 19.75
CA THR H 101 -2.37 23.02 19.69
C THR H 101 -1.64 21.84 19.06
N PRO H 102 -2.20 20.62 19.21
CA PRO H 102 -1.58 19.41 18.65
C PRO H 102 -1.43 19.59 17.14
N GLN H 103 -0.23 19.31 16.65
CA GLN H 103 0.03 19.44 15.22
C GLN H 103 -0.47 18.24 14.45
N LEU H 104 -1.78 18.20 14.32
CA LEU H 104 -2.51 17.16 13.62
C LEU H 104 -3.38 17.77 12.56
N ALA H 105 -3.52 17.07 11.44
CA ALA H 105 -4.35 17.52 10.34
C ALA H 105 -5.41 16.43 10.21
N LEU H 106 -6.54 16.78 9.60
CA LEU H 106 -7.65 15.85 9.36
C LEU H 106 -7.67 15.54 7.87
N VAL H 107 -7.77 14.28 7.48
CA VAL H 107 -7.78 13.95 6.06
C VAL H 107 -9.03 13.17 5.61
N ASN H 108 -9.71 13.75 4.61
CA ASN H 108 -10.94 13.26 3.96
C ASN H 108 -10.67 12.02 3.12
N SER H 109 -11.71 11.26 2.79
CA SER H 109 -11.50 10.07 1.98
C SER H 109 -11.28 10.47 0.55
N SER H 110 -11.50 11.75 0.25
CA SER H 110 -11.31 12.26 -1.10
C SER H 110 -10.00 13.04 -1.20
N GLY H 111 -9.21 13.00 -0.12
CA GLY H 111 -7.94 13.69 -0.11
C GLY H 111 -7.99 15.13 0.36
N HIS H 112 -9.10 15.54 0.95
CA HIS H 112 -9.17 16.91 1.43
C HIS H 112 -8.55 17.03 2.82
N VAL H 113 -7.51 17.84 2.94
CA VAL H 113 -6.83 18.04 4.21
C VAL H 113 -7.21 19.34 4.90
N GLN H 114 -7.21 19.31 6.23
CA GLN H 114 -7.55 20.47 7.03
C GLN H 114 -6.59 20.57 8.25
N TYR H 115 -5.78 21.63 8.30
CA TYR H 115 -4.82 21.87 9.39
C TYR H 115 -5.31 23.12 10.10
N LEU H 116 -5.60 23.03 11.41
CA LEU H 116 -6.17 24.16 12.13
C LEU H 116 -5.44 24.62 13.40
N PRO H 117 -4.14 24.89 13.30
CA PRO H 117 -3.33 25.33 14.45
C PRO H 117 -3.67 26.65 15.09
N SER H 118 -3.62 26.69 16.42
CA SER H 118 -3.80 27.92 17.18
C SER H 118 -2.38 28.41 17.37
N ILE H 119 -2.14 29.68 17.13
CA ILE H 119 -0.77 30.20 17.22
C ILE H 119 -0.63 31.52 17.96
N ARG H 120 0.52 31.71 18.57
CA ARG H 120 0.83 32.96 19.25
C ARG H 120 2.10 33.43 18.57
N GLN H 121 2.13 34.67 18.10
CA GLN H 121 3.30 35.16 17.41
C GLN H 121 3.37 36.67 17.49
N ARG H 122 4.58 37.20 17.39
CA ARG H 122 4.78 38.64 17.45
C ARG H 122 5.04 39.21 16.07
N PHE H 123 4.40 40.32 15.74
CA PHE H 123 4.57 40.95 14.43
C PHE H 123 5.07 42.40 14.49
N SER H 124 5.75 42.81 13.45
CA SER H 124 6.24 44.17 13.38
C SER H 124 5.02 44.99 13.03
N CYS H 125 4.71 45.99 13.83
CA CYS H 125 3.55 46.80 13.56
C CYS H 125 3.65 48.22 14.16
N ASP H 126 3.13 49.19 13.42
CA ASP H 126 3.14 50.57 13.87
C ASP H 126 1.99 50.76 14.86
N VAL H 127 2.28 50.56 16.15
CA VAL H 127 1.24 50.70 17.17
C VAL H 127 1.20 52.09 17.77
N SER H 128 1.45 53.10 16.95
CA SER H 128 1.46 54.49 17.39
C SER H 128 0.15 54.92 18.00
N GLY H 129 -0.88 55.00 17.16
CA GLY H 129 -2.18 55.45 17.62
C GLY H 129 -3.07 54.43 18.29
N VAL H 130 -2.50 53.59 19.15
CA VAL H 130 -3.29 52.57 19.84
C VAL H 130 -4.18 53.22 20.88
N ASP H 131 -3.88 54.49 21.21
CA ASP H 131 -4.65 55.23 22.19
C ASP H 131 -5.56 56.28 21.59
N THR H 132 -5.39 56.54 20.29
CA THR H 132 -6.23 57.52 19.61
C THR H 132 -7.56 56.85 19.27
N GLU H 133 -8.56 57.63 18.87
CA GLU H 133 -9.82 57.02 18.53
C GLU H 133 -9.64 56.26 17.22
N SER H 134 -8.70 56.73 16.40
CA SER H 134 -8.41 56.11 15.11
C SER H 134 -7.90 54.70 15.32
N GLY H 135 -7.09 54.55 16.37
CA GLY H 135 -6.52 53.26 16.71
C GLY H 135 -5.28 52.94 15.90
N ALA H 136 -4.67 51.79 16.17
CA ALA H 136 -3.49 51.35 15.45
C ALA H 136 -3.92 50.29 14.44
N THR H 137 -3.23 50.22 13.32
CA THR H 137 -3.56 49.24 12.31
C THR H 137 -2.40 48.29 12.03
N CYS H 138 -2.61 46.99 12.26
CA CYS H 138 -1.57 46.00 12.01
C CYS H 138 -1.93 45.17 10.81
N LYS H 139 -0.93 44.92 9.97
CA LYS H 139 -1.12 44.10 8.77
C LYS H 139 -0.38 42.79 8.94
N LEU H 140 -1.13 41.72 9.13
CA LEU H 140 -0.54 40.40 9.30
C LEU H 140 -0.53 39.75 7.92
N LYS H 141 0.63 39.76 7.28
CA LYS H 141 0.78 39.20 5.95
C LYS H 141 1.32 37.76 5.94
N PHE H 142 0.57 36.86 5.31
CA PHE H 142 1.00 35.46 5.22
C PHE H 142 1.09 35.07 3.76
N GLY H 143 1.91 34.07 3.47
CA GLY H 143 2.04 33.62 2.10
C GLY H 143 3.00 32.48 2.01
N SER H 144 2.90 31.67 0.96
CA SER H 144 3.84 30.57 0.80
C SER H 144 5.21 31.19 0.80
N TRP H 145 6.23 30.46 1.26
CA TRP H 145 7.57 31.00 1.30
C TRP H 145 8.37 30.62 0.05
N THR H 146 8.26 29.37 -0.41
CA THR H 146 9.02 28.95 -1.60
C THR H 146 8.22 28.55 -2.86
N HIS H 147 6.89 28.55 -2.77
CA HIS H 147 6.06 28.20 -3.93
C HIS H 147 5.33 29.41 -4.49
N HIS H 148 5.54 29.68 -5.78
CA HIS H 148 4.89 30.82 -6.42
C HIS H 148 3.47 30.54 -6.89
N SER H 149 2.82 31.55 -7.45
CA SER H 149 1.44 31.46 -7.93
C SER H 149 1.07 30.23 -8.69
N ARG H 150 1.93 29.80 -9.61
CA ARG H 150 1.61 28.62 -10.39
C ARG H 150 1.80 27.27 -9.68
N GLU H 151 2.45 27.27 -8.53
CA GLU H 151 2.67 26.04 -7.77
C GLU H 151 1.64 25.90 -6.63
N LEU H 152 1.42 27.00 -5.90
CA LEU H 152 0.50 27.01 -4.77
C LEU H 152 -0.38 28.25 -4.83
N ASP H 153 -1.67 28.05 -5.04
CA ASP H 153 -2.62 29.15 -5.14
C ASP H 153 -3.30 29.46 -3.81
N LEU H 154 -2.86 30.53 -3.16
CA LEU H 154 -3.43 30.93 -1.88
C LEU H 154 -4.74 31.65 -2.11
N GLN H 155 -5.82 31.12 -1.55
CA GLN H 155 -7.14 31.73 -1.66
C GLN H 155 -7.63 32.04 -0.26
N MET H 156 -8.18 33.23 -0.05
CA MET H 156 -8.66 33.56 1.28
C MET H 156 -10.09 33.10 1.45
N GLN H 157 -10.69 33.47 2.58
CA GLN H 157 -12.09 33.16 2.85
C GLN H 157 -12.52 33.76 4.18
N GLU H 158 -13.67 34.43 4.13
CA GLU H 158 -14.26 35.14 5.27
C GLU H 158 -13.58 34.94 6.63
N ALA H 159 -12.90 35.97 7.09
CA ALA H 159 -12.21 35.92 8.37
C ALA H 159 -13.23 35.94 9.48
N ASP H 160 -13.03 35.08 10.48
CA ASP H 160 -13.93 35.00 11.62
C ASP H 160 -13.45 36.00 12.70
N ILE H 161 -14.40 36.69 13.33
CA ILE H 161 -14.03 37.65 14.35
C ILE H 161 -14.74 37.40 15.69
N SER H 162 -15.57 36.36 15.73
CA SER H 162 -16.34 36.01 16.92
C SER H 162 -15.50 35.31 17.97
N GLY H 163 -14.26 34.97 17.64
CA GLY H 163 -13.43 34.30 18.61
C GLY H 163 -12.79 35.32 19.53
N TYR H 164 -12.81 36.59 19.12
CA TYR H 164 -12.18 37.65 19.90
C TYR H 164 -12.65 37.73 21.35
N ILE H 165 -11.67 37.72 22.25
CA ILE H 165 -11.89 37.78 23.70
C ILE H 165 -12.70 39.02 24.11
N PRO H 166 -13.83 38.81 24.82
CA PRO H 166 -14.74 39.84 25.31
C PRO H 166 -14.07 40.88 26.21
N TYR H 167 -13.33 40.41 27.22
CA TYR H 167 -12.60 41.35 28.10
C TYR H 167 -11.46 41.91 27.24
N SER H 168 -10.23 41.85 27.71
CA SER H 168 -9.14 42.35 26.85
C SER H 168 -9.03 43.85 26.82
N ARG H 169 -7.80 44.31 27.03
CA ARG H 169 -7.49 45.72 27.07
C ARG H 169 -7.84 46.43 25.76
N PHE H 170 -7.94 45.70 24.65
CA PHE H 170 -8.24 46.30 23.35
C PHE H 170 -9.57 45.91 22.70
N GLU H 171 -10.12 46.82 21.91
CA GLU H 171 -11.37 46.56 21.19
C GLU H 171 -11.10 46.65 19.71
N LEU H 172 -11.78 45.83 18.93
CA LEU H 172 -11.60 45.80 17.49
C LEU H 172 -12.34 46.88 16.72
N VAL H 173 -11.62 47.89 16.24
CA VAL H 173 -12.24 48.94 15.47
C VAL H 173 -12.64 48.43 14.10
N GLY H 174 -11.82 47.56 13.50
CA GLY H 174 -12.13 47.04 12.19
C GLY H 174 -11.23 45.90 11.74
N VAL H 175 -11.72 45.09 10.81
CA VAL H 175 -10.96 43.97 10.30
C VAL H 175 -11.24 43.70 8.82
N THR H 176 -10.20 43.45 8.03
CA THR H 176 -10.37 43.18 6.61
C THR H 176 -9.33 42.16 6.19
N GLN H 177 -9.61 41.40 5.14
CA GLN H 177 -8.70 40.36 4.68
C GLN H 177 -8.72 40.35 3.18
N LYS H 178 -7.56 40.42 2.54
CA LYS H 178 -7.53 40.38 1.09
C LYS H 178 -6.29 39.72 0.54
N ARG H 179 -6.43 38.94 -0.54
CA ARG H 179 -5.26 38.29 -1.11
C ARG H 179 -4.70 39.14 -2.24
N SER H 180 -3.39 39.05 -2.42
CA SER H 180 -2.70 39.81 -3.46
C SER H 180 -1.64 38.95 -4.13
N GLU H 181 -1.05 39.50 -5.18
CA GLU H 181 0.00 38.81 -5.91
C GLU H 181 1.05 39.88 -6.17
N ARG H 182 2.29 39.62 -5.79
CA ARG H 182 3.33 40.62 -5.96
C ARG H 182 4.63 40.04 -6.48
N PHE H 183 5.55 40.92 -6.82
CA PHE H 183 6.86 40.50 -7.30
C PHE H 183 7.89 40.93 -6.28
N TYR H 184 8.90 40.09 -6.07
CA TYR H 184 9.93 40.40 -5.10
C TYR H 184 11.29 40.42 -5.79
N GLU H 185 12.20 41.21 -5.22
CA GLU H 185 13.58 41.34 -5.68
C GLU H 185 14.15 39.94 -5.47
N CYS H 186 14.45 39.27 -6.56
CA CYS H 186 14.94 37.90 -6.55
C CYS H 186 13.76 37.13 -7.03
N CYS H 187 13.84 35.81 -6.98
CA CYS H 187 12.70 35.00 -7.30
C CYS H 187 11.89 35.57 -8.51
N LYS H 188 12.10 34.97 -9.67
CA LYS H 188 11.50 35.34 -10.94
C LYS H 188 9.96 35.45 -10.97
N GLU H 189 9.25 34.46 -10.43
CA GLU H 189 7.78 34.46 -10.42
C GLU H 189 7.06 35.33 -9.39
N PRO H 190 5.73 35.46 -9.50
CA PRO H 190 4.91 36.25 -8.59
C PRO H 190 4.37 35.40 -7.40
N TYR H 191 4.43 35.94 -6.19
CA TYR H 191 3.98 35.21 -5.00
C TYR H 191 2.71 35.75 -4.35
N PRO H 192 1.65 34.93 -4.28
CA PRO H 192 0.40 35.39 -3.67
C PRO H 192 0.46 35.45 -2.13
N ASP H 193 -0.34 36.33 -1.56
CA ASP H 193 -0.35 36.50 -0.12
C ASP H 193 -1.68 37.03 0.44
N VAL H 194 -2.15 36.43 1.53
CA VAL H 194 -3.37 36.92 2.17
C VAL H 194 -2.92 37.81 3.31
N THR H 195 -3.53 38.99 3.42
CA THR H 195 -3.17 39.93 4.48
C THR H 195 -4.35 40.31 5.36
N PHE H 196 -4.24 39.91 6.62
CA PHE H 196 -5.25 40.18 7.64
C PHE H 196 -4.94 41.57 8.23
N THR H 197 -5.81 42.54 8.00
CA THR H 197 -5.57 43.88 8.53
C THR H 197 -6.48 44.11 9.72
N VAL H 198 -5.89 44.44 10.87
CA VAL H 198 -6.66 44.68 12.09
C VAL H 198 -6.48 46.07 12.62
N THR H 199 -7.58 46.74 12.96
CA THR H 199 -7.51 48.06 13.54
C THR H 199 -8.09 47.92 14.95
N PHE H 200 -7.34 48.34 15.96
CA PHE H 200 -7.80 48.22 17.34
C PHE H 200 -7.36 49.43 18.13
N ARG H 201 -8.07 49.69 19.23
CA ARG H 201 -7.77 50.82 20.10
C ARG H 201 -7.95 50.36 21.56
N LYS H 202 -7.26 51.05 22.46
CA LYS H 202 -7.33 50.75 23.89
C LYS H 202 -8.70 51.11 24.46
N LYS H 203 -9.35 50.16 25.11
CA LYS H 203 -10.67 50.42 25.69
C LYS H 203 -10.57 51.55 26.70
N GLY H 204 -11.69 52.26 26.89
CA GLY H 204 -11.73 53.36 27.84
C GLY H 204 -10.76 54.47 27.45
N GLU I 1 2.50 18.38 -10.42
CA GLU I 1 3.16 17.76 -11.60
C GLU I 1 3.54 16.30 -11.28
N PHE I 2 3.69 15.99 -9.99
CA PHE I 2 4.14 14.68 -9.50
C PHE I 2 5.52 14.42 -10.13
N GLN I 3 5.76 13.22 -10.65
CA GLN I 3 7.06 12.88 -11.22
C GLN I 3 8.16 13.36 -10.28
N ARG I 4 7.85 13.36 -8.98
CA ARG I 4 8.83 13.75 -7.99
C ARG I 4 9.47 12.50 -7.45
N LYS I 5 10.11 11.83 -8.39
CA LYS I 5 10.90 10.64 -8.19
C LYS I 5 12.26 11.31 -8.31
N LEU I 6 12.20 12.63 -8.45
CA LEU I 6 13.36 13.49 -8.57
C LEU I 6 13.93 13.68 -7.17
N TYR I 7 13.06 13.76 -6.17
CA TYR I 7 13.56 13.91 -4.81
C TYR I 7 14.28 12.62 -4.46
N LYS I 8 13.69 11.48 -4.83
CA LYS I 8 14.32 10.18 -4.56
C LYS I 8 15.72 10.17 -5.15
N GLU I 9 15.85 10.76 -6.33
CA GLU I 9 17.15 10.84 -7.02
C GLU I 9 18.09 11.85 -6.39
N LEU I 10 17.64 13.09 -6.24
CA LEU I 10 18.44 14.16 -5.67
C LEU I 10 19.03 13.84 -4.29
N VAL I 11 18.45 12.88 -3.58
CA VAL I 11 18.96 12.57 -2.26
C VAL I 11 19.55 11.16 -2.17
N LYS I 12 19.66 10.48 -3.30
CA LYS I 12 20.21 9.12 -3.29
C LYS I 12 21.63 9.05 -2.72
N ASN I 13 22.63 9.32 -3.56
CA ASN I 13 24.03 9.30 -3.08
C ASN I 13 24.43 10.72 -2.71
N TYR I 14 23.66 11.29 -1.79
CA TYR I 14 23.91 12.66 -1.37
C TYR I 14 24.13 12.80 0.12
N ASN I 15 25.28 13.36 0.47
CA ASN I 15 25.67 13.62 1.85
C ASN I 15 25.70 15.12 2.02
N PRO I 16 24.76 15.68 2.80
CA PRO I 16 24.69 17.12 3.04
C PRO I 16 25.85 17.67 3.84
N ASP I 17 26.71 16.77 4.35
CA ASP I 17 27.87 17.21 5.11
C ASP I 17 29.07 17.51 4.20
N VAL I 18 28.91 17.23 2.91
CA VAL I 18 29.98 17.43 1.94
C VAL I 18 29.86 18.69 1.10
N ILE I 19 30.78 19.63 1.29
CA ILE I 19 30.77 20.86 0.50
C ILE I 19 31.04 20.46 -0.95
N PRO I 20 30.14 20.85 -1.89
CA PRO I 20 30.24 20.54 -3.32
C PRO I 20 31.33 21.19 -4.18
N THR I 21 32.59 21.12 -3.76
CA THR I 21 33.69 21.71 -4.54
C THR I 21 33.97 20.95 -5.82
N GLN I 22 34.58 21.64 -6.77
CA GLN I 22 34.88 21.08 -8.08
C GLN I 22 36.37 20.93 -8.39
N ARG I 23 37.09 20.24 -7.51
CA ARG I 23 38.51 19.99 -7.68
C ARG I 23 39.25 21.29 -8.07
N ASP I 24 40.02 21.83 -7.13
CA ASP I 24 40.74 23.08 -7.37
C ASP I 24 39.76 24.08 -7.98
N ARG I 25 38.60 24.20 -7.32
CA ARG I 25 37.52 25.10 -7.70
C ARG I 25 36.61 25.18 -6.47
N PRO I 26 36.67 26.31 -5.74
CA PRO I 26 35.85 26.50 -4.54
C PRO I 26 34.39 26.77 -4.88
N VAL I 27 33.49 26.39 -3.98
CA VAL I 27 32.07 26.65 -4.19
C VAL I 27 31.90 28.13 -3.89
N THR I 28 31.38 28.90 -4.83
CA THR I 28 31.20 30.29 -4.56
C THR I 28 29.75 30.53 -4.14
N VAL I 29 29.57 31.14 -2.96
CA VAL I 29 28.24 31.45 -2.45
C VAL I 29 28.04 32.96 -2.45
N TYR I 30 26.92 33.41 -3.00
CA TYR I 30 26.61 34.82 -3.05
C TYR I 30 25.78 35.16 -1.82
N PHE I 31 26.25 36.15 -1.07
CA PHE I 31 25.64 36.56 0.19
C PHE I 31 25.21 38.02 0.16
N SER I 32 24.06 38.30 0.77
CA SER I 32 23.53 39.66 0.83
C SER I 32 22.55 39.79 1.98
N LEU I 33 22.65 40.90 2.72
CA LEU I 33 21.78 41.12 3.86
C LEU I 33 20.80 42.27 3.67
N SER I 34 19.52 41.97 3.89
CA SER I 34 18.46 42.97 3.77
C SER I 34 18.00 43.34 5.18
N LEU I 35 18.45 44.49 5.67
CA LEU I 35 18.08 44.94 7.00
C LEU I 35 16.59 45.25 7.02
N LEU I 36 15.85 44.64 7.94
CA LEU I 36 14.40 44.89 8.03
C LEU I 36 14.04 45.74 9.22
N GLN I 37 14.73 45.53 10.34
CA GLN I 37 14.43 46.31 11.53
C GLN I 37 15.48 46.22 12.60
N ILE I 38 15.63 47.31 13.36
CA ILE I 38 16.57 47.33 14.47
C ILE I 38 15.64 47.37 15.67
N MET I 39 15.38 46.19 16.21
CA MET I 39 14.47 46.00 17.34
C MET I 39 14.80 46.79 18.57
N ASP I 40 16.01 46.60 19.09
CA ASP I 40 16.40 47.30 20.28
C ASP I 40 17.88 47.58 20.29
N VAL I 41 18.32 48.32 21.31
CA VAL I 41 19.73 48.65 21.50
C VAL I 41 19.98 48.69 22.99
N ASP I 42 20.87 47.82 23.46
CA ASP I 42 21.20 47.78 24.89
C ASP I 42 22.44 48.63 25.06
N GLU I 43 22.27 49.84 25.58
CA GLU I 43 23.39 50.74 25.75
C GLU I 43 24.27 50.31 26.89
N LYS I 44 23.66 49.60 27.85
CA LYS I 44 24.38 49.10 29.02
C LYS I 44 25.29 47.91 28.71
N ASN I 45 24.82 47.02 27.84
CA ASN I 45 25.59 45.83 27.49
C ASN I 45 26.15 45.84 26.08
N GLN I 46 25.88 46.90 25.34
CA GLN I 46 26.40 47.04 23.99
C GLN I 46 25.96 45.94 23.03
N VAL I 47 24.66 45.89 22.73
CA VAL I 47 24.11 44.91 21.80
C VAL I 47 22.95 45.51 20.99
N VAL I 48 22.69 44.93 19.82
CA VAL I 48 21.58 45.36 18.97
C VAL I 48 20.78 44.12 18.63
N ASP I 49 19.47 44.27 18.64
CA ASP I 49 18.61 43.17 18.28
C ASP I 49 18.27 43.57 16.84
N VAL I 50 18.48 42.65 15.90
CA VAL I 50 18.25 42.96 14.50
C VAL I 50 17.43 41.91 13.78
N VAL I 51 16.55 42.35 12.90
CA VAL I 51 15.78 41.39 12.11
C VAL I 51 16.24 41.61 10.68
N PHE I 52 16.84 40.58 10.10
CA PHE I 52 17.32 40.70 8.76
C PHE I 52 16.85 39.53 7.92
N TRP I 53 17.26 39.58 6.67
CA TRP I 53 16.85 38.61 5.67
C TRP I 53 18.11 38.27 4.91
N LEU I 54 18.62 37.07 5.08
CA LEU I 54 19.83 36.69 4.37
C LEU I 54 19.48 36.12 3.04
N GLN I 55 20.19 36.56 2.01
CA GLN I 55 20.00 36.05 0.68
C GLN I 55 21.26 35.29 0.26
N MET I 56 21.17 33.97 0.25
CA MET I 56 22.30 33.13 -0.14
C MET I 56 21.98 32.26 -1.34
N SER I 57 22.95 32.14 -2.24
CA SER I 57 22.78 31.31 -3.43
C SER I 57 24.13 30.75 -3.79
N TRP I 58 24.14 29.55 -4.37
CA TRP I 58 25.37 28.89 -4.76
C TRP I 58 25.00 27.79 -5.74
N THR I 59 25.99 27.02 -6.19
CA THR I 59 25.71 25.94 -7.12
C THR I 59 26.19 24.59 -6.60
N ASP I 60 25.28 23.64 -6.55
CA ASP I 60 25.59 22.29 -6.09
C ASP I 60 25.55 21.39 -7.32
N HIS I 61 26.71 21.04 -7.88
CA HIS I 61 26.68 20.20 -9.08
C HIS I 61 25.97 18.85 -8.89
N TYR I 62 25.97 18.33 -7.67
CA TYR I 62 25.30 17.06 -7.41
C TYR I 62 23.79 17.22 -7.58
N LEU I 63 23.30 18.45 -7.53
CA LEU I 63 21.87 18.67 -7.62
C LEU I 63 21.29 19.13 -8.95
N GLN I 64 21.78 18.62 -10.07
CA GLN I 64 21.18 19.02 -11.33
C GLN I 64 20.55 17.78 -11.98
N TRP I 65 19.64 18.02 -12.92
CA TRP I 65 18.95 16.92 -13.59
C TRP I 65 18.60 17.25 -15.04
N ASN I 66 18.37 16.20 -15.84
CA ASN I 66 18.03 16.35 -17.25
C ASN I 66 16.56 16.79 -17.28
N VAL I 67 16.30 18.05 -17.61
CA VAL I 67 14.94 18.56 -17.61
C VAL I 67 13.98 17.71 -18.43
N SER I 68 14.54 16.81 -19.25
CA SER I 68 13.75 15.91 -20.09
C SER I 68 13.16 14.81 -19.22
N GLU I 69 14.03 13.97 -18.68
CA GLU I 69 13.65 12.85 -17.82
C GLU I 69 12.63 13.20 -16.74
N TYR I 70 12.46 14.48 -16.43
CA TYR I 70 11.51 14.94 -15.43
C TYR I 70 10.75 16.10 -16.06
N PRO I 71 9.71 15.79 -16.87
CA PRO I 71 8.81 16.66 -17.62
C PRO I 71 8.65 18.11 -17.16
N GLY I 72 7.61 18.38 -16.38
CA GLY I 72 7.37 19.74 -15.95
C GLY I 72 8.20 20.29 -14.79
N VAL I 73 9.00 19.44 -14.15
CA VAL I 73 9.82 19.86 -13.01
C VAL I 73 10.87 20.92 -13.34
N LYS I 74 10.55 22.18 -13.02
CA LYS I 74 11.46 23.30 -13.26
C LYS I 74 12.36 23.56 -12.05
N GLN I 75 11.78 23.49 -10.86
CA GLN I 75 12.53 23.71 -9.62
C GLN I 75 11.89 22.90 -8.50
N VAL I 76 12.62 22.73 -7.41
CA VAL I 76 12.08 21.98 -6.29
C VAL I 76 12.36 22.71 -4.98
N SER I 77 11.43 22.56 -4.04
CA SER I 77 11.56 23.18 -2.74
C SER I 77 12.00 22.08 -1.77
N VAL I 78 13.27 22.12 -1.38
CA VAL I 78 13.86 21.13 -0.50
C VAL I 78 14.20 21.64 0.91
N PRO I 79 14.13 20.77 1.93
CA PRO I 79 14.44 21.16 3.31
C PRO I 79 15.96 21.32 3.44
N ILE I 80 16.44 22.44 4.00
CA ILE I 80 17.89 22.63 4.09
C ILE I 80 18.61 21.52 4.81
N SER I 81 17.88 20.71 5.56
CA SER I 81 18.47 19.58 6.29
C SER I 81 18.79 18.47 5.30
N SER I 82 18.23 18.57 4.11
CA SER I 82 18.41 17.56 3.09
C SER I 82 19.59 17.78 2.14
N LEU I 83 20.13 18.99 2.13
CA LEU I 83 21.26 19.30 1.26
C LEU I 83 22.33 20.13 1.98
N TRP I 84 23.48 20.31 1.32
CA TRP I 84 24.56 21.09 1.90
C TRP I 84 24.22 22.56 1.86
N VAL I 85 24.51 23.25 2.96
CA VAL I 85 24.28 24.68 3.06
C VAL I 85 25.50 25.38 3.68
N PRO I 86 25.83 26.58 3.19
CA PRO I 86 26.99 27.32 3.72
C PRO I 86 26.89 27.38 5.23
N ASP I 87 27.97 27.05 5.92
CA ASP I 87 27.97 27.09 7.38
C ASP I 87 28.33 28.51 7.80
N LEU I 88 27.59 29.50 7.30
CA LEU I 88 27.85 30.89 7.64
C LEU I 88 27.67 31.10 9.12
N ALA I 89 28.42 32.03 9.67
CA ALA I 89 28.34 32.32 11.09
C ALA I 89 28.43 33.82 11.30
N ALA I 90 27.71 34.32 12.31
CA ALA I 90 27.72 35.72 12.65
C ALA I 90 28.85 35.91 13.65
N TYR I 91 30.04 36.23 13.11
CA TYR I 91 31.25 36.41 13.90
C TYR I 91 31.11 37.21 15.18
N ASN I 92 30.17 38.15 15.23
CA ASN I 92 30.01 38.93 16.44
C ASN I 92 28.63 38.85 17.08
N ALA I 93 27.90 37.76 16.83
CA ALA I 93 26.58 37.58 17.40
C ALA I 93 26.74 37.10 18.84
N ILE I 94 25.88 37.59 19.74
CA ILE I 94 25.96 37.16 21.12
C ILE I 94 24.75 36.33 21.49
N SER I 95 24.01 35.88 20.48
CA SER I 95 22.83 35.03 20.69
C SER I 95 22.63 34.07 19.53
N LYS I 96 22.07 32.90 19.83
CA LYS I 96 21.83 31.90 18.80
C LYS I 96 20.92 32.58 17.77
N PRO I 97 21.02 32.21 16.48
CA PRO I 97 20.14 32.88 15.51
C PRO I 97 18.76 32.25 15.53
N GLU I 98 17.74 33.09 15.54
CA GLU I 98 16.34 32.65 15.56
C GLU I 98 15.79 32.78 14.14
N VAL I 99 15.74 31.67 13.40
CA VAL I 99 15.24 31.70 12.03
C VAL I 99 13.70 31.65 11.99
N LEU I 100 13.13 32.76 11.51
CA LEU I 100 11.70 32.99 11.45
C LEU I 100 10.90 32.35 10.31
N THR I 101 11.57 31.94 9.23
CA THR I 101 10.82 31.39 8.11
C THR I 101 11.06 29.91 7.92
N PRO I 102 10.26 29.25 7.05
CA PRO I 102 10.43 27.82 6.79
C PRO I 102 11.84 27.55 6.22
N GLN I 103 12.54 26.60 6.82
CA GLN I 103 13.88 26.28 6.38
C GLN I 103 13.90 25.42 5.12
N LEU I 104 13.56 26.08 4.02
CA LEU I 104 13.54 25.47 2.71
C LEU I 104 14.39 26.29 1.75
N ALA I 105 15.08 25.57 0.86
CA ALA I 105 15.92 26.15 -0.19
C ALA I 105 15.29 25.78 -1.50
N LEU I 106 15.46 26.60 -2.54
CA LEU I 106 14.91 26.24 -3.85
C LEU I 106 16.05 25.72 -4.70
N VAL I 107 15.78 24.72 -5.53
CA VAL I 107 16.84 24.16 -6.36
C VAL I 107 16.50 24.10 -7.86
N ASN I 108 17.38 24.71 -8.64
CA ASN I 108 17.32 24.82 -10.10
C ASN I 108 17.60 23.50 -10.75
N SER I 109 17.20 23.35 -12.02
CA SER I 109 17.46 22.10 -12.73
C SER I 109 18.94 22.02 -13.12
N SER I 110 19.66 23.14 -12.95
CA SER I 110 21.08 23.20 -13.28
C SER I 110 21.92 23.13 -12.01
N GLY I 111 21.25 22.94 -10.88
CA GLY I 111 21.95 22.82 -9.62
C GLY I 111 22.10 24.12 -8.85
N HIS I 112 21.41 25.17 -9.26
CA HIS I 112 21.52 26.43 -8.55
C HIS I 112 20.58 26.48 -7.34
N VAL I 113 21.15 26.58 -6.14
CA VAL I 113 20.37 26.62 -4.92
C VAL I 113 20.18 28.04 -4.41
N GLN I 114 18.99 28.31 -3.90
CA GLN I 114 18.68 29.61 -3.37
C GLN I 114 18.00 29.42 -2.00
N TYR I 115 18.57 30.04 -0.97
CA TYR I 115 18.03 29.94 0.40
C TYR I 115 17.97 31.36 1.01
N LEU I 116 16.76 31.86 1.30
CA LEU I 116 16.59 33.21 1.89
C LEU I 116 15.89 33.16 3.23
N PRO I 117 16.64 32.91 4.30
CA PRO I 117 15.95 32.86 5.59
C PRO I 117 15.82 34.21 6.24
N SER I 118 14.72 34.42 6.95
CA SER I 118 14.49 35.66 7.69
C SER I 118 15.02 35.33 9.08
N ILE I 119 15.85 36.20 9.65
CA ILE I 119 16.44 35.91 10.94
C ILE I 119 16.39 37.06 11.92
N ARG I 120 16.31 36.72 13.20
CA ARG I 120 16.36 37.71 14.27
C ARG I 120 17.54 37.27 15.11
N GLN I 121 18.49 38.18 15.35
CA GLN I 121 19.67 37.82 16.11
C GLN I 121 20.24 39.05 16.81
N ARG I 122 20.93 38.83 17.93
CA ARG I 122 21.54 39.91 18.68
C ARG I 122 23.03 39.97 18.44
N PHE I 123 23.56 41.17 18.20
CA PHE I 123 24.99 41.35 17.94
C PHE I 123 25.70 42.26 18.92
N SER I 124 26.99 42.02 19.14
CA SER I 124 27.77 42.87 20.01
C SER I 124 28.03 44.13 19.19
N CYS I 125 27.66 45.27 19.75
CA CYS I 125 27.85 46.51 19.02
C CYS I 125 27.99 47.71 19.93
N ASP I 126 28.85 48.65 19.56
CA ASP I 126 29.04 49.87 20.32
C ASP I 126 27.89 50.83 19.98
N VAL I 127 26.80 50.77 20.75
CA VAL I 127 25.66 51.64 20.50
C VAL I 127 25.71 52.93 21.31
N SER I 128 26.92 53.45 21.50
CA SER I 128 27.14 54.68 22.26
C SER I 128 26.36 55.86 21.72
N GLY I 129 26.78 56.30 20.54
CA GLY I 129 26.15 57.46 19.92
C GLY I 129 24.86 57.22 19.15
N VAL I 130 23.96 56.42 19.70
CA VAL I 130 22.71 56.14 19.03
C VAL I 130 21.81 57.37 19.12
N ASP I 131 22.16 58.30 20.00
CA ASP I 131 21.38 59.52 20.16
C ASP I 131 22.03 60.75 19.58
N THR I 132 23.29 60.64 19.17
CA THR I 132 24.00 61.75 18.58
C THR I 132 23.60 61.86 17.12
N GLU I 133 23.94 62.94 16.45
CA GLU I 133 23.57 63.06 15.05
C GLU I 133 24.42 62.10 14.25
N SER I 134 25.60 61.80 14.76
CA SER I 134 26.53 60.87 14.10
C SER I 134 25.93 59.49 14.06
N GLY I 135 25.25 59.13 15.15
CA GLY I 135 24.62 57.83 15.23
C GLY I 135 25.59 56.76 15.68
N ALA I 136 25.09 55.54 15.83
CA ALA I 136 25.90 54.40 16.23
C ALA I 136 26.17 53.59 14.98
N THR I 137 27.31 52.92 14.94
CA THR I 137 27.64 52.09 13.79
C THR I 137 27.82 50.62 14.18
N CYS I 138 27.04 49.72 13.59
CA CYS I 138 27.18 48.32 13.90
C CYS I 138 27.75 47.57 12.73
N LYS I 139 28.67 46.66 13.02
CA LYS I 139 29.27 45.87 11.99
C LYS I 139 28.82 44.43 12.14
N LEU I 140 27.96 44.00 11.22
CA LEU I 140 27.46 42.63 11.23
C LEU I 140 28.36 41.81 10.31
N LYS I 141 29.29 41.07 10.91
CA LYS I 141 30.23 40.25 10.16
C LYS I 141 29.80 38.79 10.04
N PHE I 142 29.73 38.30 8.80
CA PHE I 142 29.37 36.92 8.52
C PHE I 142 30.47 36.26 7.70
N GLY I 143 30.60 34.94 7.81
CA GLY I 143 31.61 34.22 7.05
C GLY I 143 31.53 32.75 7.34
N SER I 144 32.07 31.92 6.46
CA SER I 144 32.03 30.45 6.67
C SER I 144 32.82 30.11 7.92
N TRP I 145 32.28 29.21 8.74
CA TRP I 145 32.96 28.84 9.99
C TRP I 145 34.09 27.82 9.89
N THR I 146 34.10 26.99 8.86
CA THR I 146 35.14 25.99 8.78
C THR I 146 35.74 25.78 7.39
N HIS I 147 35.23 26.54 6.42
CA HIS I 147 35.76 26.44 5.09
C HIS I 147 36.51 27.71 4.72
N HIS I 148 37.79 27.58 4.38
CA HIS I 148 38.61 28.73 4.00
C HIS I 148 38.41 29.18 2.55
N SER I 149 39.11 30.25 2.17
CA SER I 149 39.01 30.82 0.84
C SER I 149 39.01 29.83 -0.31
N ARG I 150 39.92 28.86 -0.27
CA ARG I 150 39.99 27.91 -1.36
C ARG I 150 38.90 26.85 -1.41
N GLU I 151 38.12 26.73 -0.33
CA GLU I 151 37.02 25.76 -0.26
C GLU I 151 35.67 26.41 -0.54
N LEU I 152 35.45 27.58 0.07
CA LEU I 152 34.20 28.32 -0.10
C LEU I 152 34.49 29.80 -0.34
N ASP I 153 34.16 30.27 -1.53
CA ASP I 153 34.38 31.66 -1.90
C ASP I 153 33.15 32.53 -1.66
N LEU I 154 33.17 33.31 -0.57
CA LEU I 154 32.05 34.19 -0.21
C LEU I 154 32.10 35.45 -1.06
N GLN I 155 31.06 35.69 -1.83
CA GLN I 155 30.98 36.88 -2.66
C GLN I 155 29.79 37.66 -2.21
N MET I 156 29.90 38.97 -2.11
CA MET I 156 28.77 39.78 -1.69
C MET I 156 27.95 40.19 -2.91
N GLN I 157 26.97 41.05 -2.69
CA GLN I 157 26.15 41.60 -3.76
C GLN I 157 25.17 42.60 -3.23
N GLU I 158 25.09 43.76 -3.89
CA GLU I 158 24.24 44.87 -3.50
C GLU I 158 23.21 44.61 -2.41
N ALA I 159 23.47 45.19 -1.24
CA ALA I 159 22.58 45.02 -0.12
C ALA I 159 21.30 45.80 -0.37
N ASP I 160 20.17 45.20 -0.03
CA ASP I 160 18.88 45.85 -0.18
C ASP I 160 18.53 46.61 1.11
N ILE I 161 17.99 47.82 0.97
CA ILE I 161 17.64 48.62 2.14
C ILE I 161 16.17 49.06 2.13
N SER I 162 15.44 48.62 1.11
CA SER I 162 14.04 49.00 0.96
C SER I 162 13.13 48.18 1.86
N GLY I 163 13.69 47.18 2.52
CA GLY I 163 12.87 46.38 3.40
C GLY I 163 12.70 47.04 4.75
N TYR I 164 13.54 48.02 5.02
CA TYR I 164 13.51 48.70 6.31
C TYR I 164 12.15 49.28 6.69
N ILE I 165 11.71 48.93 7.89
CA ILE I 165 10.44 49.38 8.44
C ILE I 165 10.35 50.90 8.49
N PRO I 166 9.30 51.47 7.87
CA PRO I 166 9.00 52.91 7.80
C PRO I 166 8.90 53.57 9.16
N TYR I 167 8.09 53.00 10.08
CA TYR I 167 7.97 53.55 11.44
C TYR I 167 9.29 53.21 12.14
N SER I 168 9.28 52.60 13.30
CA SER I 168 10.57 52.27 13.92
C SER I 168 11.28 53.45 14.58
N ARG I 169 11.69 53.23 15.82
CA ARG I 169 12.37 54.20 16.63
C ARG I 169 13.65 54.74 15.98
N PHE I 170 14.26 53.95 15.09
CA PHE I 170 15.52 54.35 14.44
C PHE I 170 15.48 54.60 12.94
N GLU I 171 16.32 55.52 12.47
CA GLU I 171 16.41 55.84 11.04
C GLU I 171 17.82 55.50 10.54
N LEU I 172 17.91 54.99 9.33
CA LEU I 172 19.21 54.59 8.78
C LEU I 172 20.03 55.75 8.24
N VAL I 173 21.12 56.05 8.94
CA VAL I 173 22.02 57.12 8.51
C VAL I 173 22.90 56.68 7.35
N GLY I 174 23.35 55.42 7.37
CA GLY I 174 24.20 54.90 6.30
C GLY I 174 24.36 53.39 6.30
N VAL I 175 24.63 52.79 5.14
CA VAL I 175 24.76 51.34 5.04
C VAL I 175 25.79 50.99 3.98
N THR I 176 26.69 50.07 4.30
CA THR I 176 27.72 49.65 3.35
C THR I 176 27.98 48.15 3.54
N GLN I 177 28.44 47.48 2.49
CA GLN I 177 28.70 46.05 2.58
C GLN I 177 29.96 45.74 1.82
N LYS I 178 30.90 45.05 2.43
CA LYS I 178 32.13 44.72 1.71
C LYS I 178 32.72 43.39 2.16
N ARG I 179 33.27 42.62 1.23
CA ARG I 179 33.86 41.34 1.60
C ARG I 179 35.35 41.52 1.80
N SER I 180 35.91 40.71 2.69
CA SER I 180 37.31 40.78 3.03
C SER I 180 37.89 39.39 3.20
N GLU I 181 39.21 39.31 3.37
CA GLU I 181 39.88 38.04 3.56
C GLU I 181 40.89 38.31 4.65
N ARG I 182 40.90 37.48 5.68
CA ARG I 182 41.81 37.72 6.77
C ARG I 182 42.42 36.43 7.28
N PHE I 183 43.42 36.58 8.13
CA PHE I 183 44.06 35.43 8.76
C PHE I 183 43.65 35.46 10.21
N TYR I 184 43.65 34.30 10.84
CA TYR I 184 43.26 34.22 12.23
C TYR I 184 44.29 33.40 13.00
N GLU I 185 44.39 33.70 14.30
CA GLU I 185 45.28 33.00 15.23
C GLU I 185 44.73 31.57 15.23
N CYS I 186 45.48 30.64 14.66
CA CYS I 186 45.08 29.22 14.49
C CYS I 186 44.79 29.18 13.02
N CYS I 187 44.24 28.07 12.56
CA CYS I 187 43.80 28.03 11.19
C CYS I 187 44.82 28.64 10.22
N LYS I 188 45.60 27.78 9.58
CA LYS I 188 46.64 28.18 8.63
C LYS I 188 46.21 29.10 7.47
N GLU I 189 45.11 28.76 6.79
CA GLU I 189 44.60 29.55 5.65
C GLU I 189 43.83 30.84 5.98
N PRO I 190 43.58 31.71 4.97
CA PRO I 190 42.84 32.96 5.18
C PRO I 190 41.31 32.79 4.95
N TYR I 191 40.47 33.44 5.77
CA TYR I 191 39.01 33.32 5.63
C TYR I 191 38.24 34.56 5.14
N PRO I 192 37.41 34.38 4.09
CA PRO I 192 36.62 35.49 3.56
C PRO I 192 35.44 35.77 4.46
N ASP I 193 34.94 36.99 4.41
CA ASP I 193 33.79 37.38 5.21
C ASP I 193 33.15 38.64 4.70
N VAL I 194 31.83 38.63 4.57
CA VAL I 194 31.11 39.82 4.12
C VAL I 194 30.65 40.54 5.39
N THR I 195 30.86 41.84 5.45
CA THR I 195 30.48 42.61 6.63
C THR I 195 29.51 43.74 6.32
N PHE I 196 28.32 43.63 6.89
CA PHE I 196 27.27 44.60 6.70
C PHE I 196 27.46 45.65 7.79
N THR I 197 27.79 46.88 7.40
CA THR I 197 27.98 47.95 8.37
C THR I 197 26.79 48.91 8.32
N VAL I 198 26.11 49.07 9.45
CA VAL I 198 24.94 49.94 9.52
C VAL I 198 25.16 51.08 10.50
N THR I 199 24.81 52.28 10.08
CA THR I 199 24.90 53.43 10.96
C THR I 199 23.46 53.93 11.12
N PHE I 200 22.99 54.03 12.37
CA PHE I 200 21.63 54.48 12.62
C PHE I 200 21.56 55.41 13.83
N ARG I 201 20.53 56.23 13.88
CA ARG I 201 20.38 57.14 14.99
C ARG I 201 18.90 57.18 15.37
N LYS I 202 18.62 57.58 16.61
CA LYS I 202 17.26 57.65 17.12
C LYS I 202 16.53 58.82 16.47
N LYS I 203 15.35 58.55 15.91
CA LYS I 203 14.58 59.61 15.26
C LYS I 203 14.19 60.66 16.26
N GLY I 204 14.01 61.89 15.78
CA GLY I 204 13.65 62.98 16.67
C GLY I 204 14.73 63.29 17.69
N GLN J 3 35.02 13.24 -4.54
CA GLN J 3 35.84 12.19 -3.85
C GLN J 3 35.69 12.15 -2.33
N ARG J 4 34.48 12.44 -1.89
CA ARG J 4 34.18 12.37 -0.48
C ARG J 4 33.41 11.10 -0.22
N LYS J 5 34.15 10.01 -0.42
CA LYS J 5 33.70 8.66 -0.18
C LYS J 5 34.51 8.44 1.09
N LEU J 6 35.16 9.53 1.50
CA LEU J 6 35.96 9.58 2.70
C LEU J 6 35.03 9.71 3.91
N TYR J 7 33.93 10.42 3.74
CA TYR J 7 32.97 10.57 4.83
C TYR J 7 32.34 9.20 5.04
N LYS J 8 32.02 8.52 3.95
CA LYS J 8 31.44 7.19 4.04
C LYS J 8 32.37 6.32 4.89
N GLU J 9 33.66 6.46 4.64
CA GLU J 9 34.68 5.69 5.35
C GLU J 9 34.87 6.12 6.81
N LEU J 10 35.09 7.43 7.01
CA LEU J 10 35.30 7.99 8.34
C LEU J 10 34.19 7.69 9.32
N VAL J 11 33.00 7.35 8.84
CA VAL J 11 31.90 7.08 9.75
C VAL J 11 31.42 5.63 9.71
N LYS J 12 32.13 4.76 8.98
CA LYS J 12 31.75 3.37 8.86
C LYS J 12 31.66 2.66 10.21
N ASN J 13 32.80 2.16 10.69
CA ASN J 13 32.82 1.50 11.99
C ASN J 13 33.22 2.53 13.04
N TYR J 14 32.43 3.58 13.13
CA TYR J 14 32.71 4.65 14.08
C TYR J 14 31.56 4.96 15.02
N ASN J 15 31.87 4.85 16.31
CA ASN J 15 30.92 5.12 17.37
C ASN J 15 31.41 6.37 18.08
N PRO J 16 30.67 7.48 17.93
CA PRO J 16 31.03 8.76 18.56
C PRO J 16 30.95 8.76 20.09
N ASP J 17 30.41 7.69 20.66
CA ASP J 17 30.29 7.56 22.11
C ASP J 17 31.57 6.97 22.73
N VAL J 18 32.50 6.56 21.87
CA VAL J 18 33.75 5.94 22.31
C VAL J 18 34.96 6.85 22.33
N ILE J 19 35.45 7.18 23.52
CA ILE J 19 36.63 8.02 23.63
C ILE J 19 37.76 7.27 22.94
N PRO J 20 38.36 7.88 21.90
CA PRO J 20 39.44 7.35 21.08
C PRO J 20 40.79 7.13 21.73
N THR J 21 40.82 6.41 22.84
CA THR J 21 42.08 6.13 23.50
C THR J 21 42.64 4.85 22.90
N GLN J 22 43.85 4.48 23.31
CA GLN J 22 44.48 3.26 22.82
C GLN J 22 45.47 2.63 23.80
N ARG J 23 44.98 1.65 24.56
CA ARG J 23 45.75 0.89 25.56
C ARG J 23 46.77 1.69 26.35
N ASP J 24 46.41 2.04 27.58
CA ASP J 24 47.28 2.78 28.49
C ASP J 24 47.81 4.08 27.93
N ARG J 25 46.97 4.80 27.19
CA ARG J 25 47.36 6.09 26.59
C ARG J 25 46.13 6.98 26.53
N PRO J 26 46.03 7.96 27.44
CA PRO J 26 44.87 8.84 27.44
C PRO J 26 44.85 9.77 26.24
N VAL J 27 43.64 10.14 25.81
CA VAL J 27 43.49 11.08 24.69
C VAL J 27 43.78 12.44 25.29
N THR J 28 44.75 13.15 24.74
CA THR J 28 45.05 14.47 25.27
C THR J 28 44.37 15.54 24.42
N VAL J 29 43.54 16.35 25.09
CA VAL J 29 42.82 17.42 24.42
C VAL J 29 43.38 18.77 24.88
N TYR J 30 43.71 19.63 23.93
CA TYR J 30 44.24 20.94 24.24
C TYR J 30 43.07 21.91 24.33
N PHE J 31 43.00 22.60 25.45
CA PHE J 31 41.92 23.53 25.73
C PHE J 31 42.40 24.95 25.97
N SER J 32 41.68 25.92 25.43
CA SER J 32 42.01 27.34 25.61
C SER J 32 40.78 28.21 25.45
N LEU J 33 40.63 29.20 26.34
CA LEU J 33 39.47 30.06 26.27
C LEU J 33 39.81 31.51 25.87
N SER J 34 39.13 32.01 24.85
CA SER J 34 39.34 33.37 24.38
C SER J 34 38.16 34.20 24.83
N LEU J 35 38.35 35.02 25.85
CA LEU J 35 37.28 35.86 26.39
C LEU J 35 36.93 36.92 25.36
N LEU J 36 35.65 37.01 24.98
CA LEU J 36 35.22 38.02 24.00
C LEU J 36 34.45 39.14 24.63
N GLN J 37 33.63 38.81 25.63
CA GLN J 37 32.85 39.85 26.29
C GLN J 37 32.23 39.42 27.62
N ILE J 38 32.07 40.39 28.51
CA ILE J 38 31.42 40.14 29.77
C ILE J 38 30.13 40.92 29.62
N MET J 39 29.08 40.21 29.20
CA MET J 39 27.76 40.78 28.96
C MET J 39 27.14 41.49 30.13
N ASP J 40 26.98 40.77 31.23
CA ASP J 40 26.37 41.37 32.39
C ASP J 40 26.93 40.78 33.67
N VAL J 41 26.52 41.38 34.79
CA VAL J 41 26.92 40.94 36.11
C VAL J 41 25.72 41.13 37.03
N ASP J 42 25.23 40.04 37.60
CA ASP J 42 24.09 40.11 38.52
C ASP J 42 24.68 40.17 39.92
N GLU J 43 24.70 41.35 40.51
CA GLU J 43 25.28 41.53 41.84
C GLU J 43 24.38 40.94 42.90
N LYS J 44 23.10 40.84 42.59
CA LYS J 44 22.12 40.31 43.52
C LYS J 44 22.19 38.79 43.62
N ASN J 45 22.39 38.13 42.47
CA ASN J 45 22.43 36.67 42.43
C ASN J 45 23.81 36.07 42.20
N GLN J 46 24.79 36.94 42.05
CA GLN J 46 26.17 36.50 41.87
C GLN J 46 26.39 35.63 40.63
N VAL J 47 26.24 36.24 39.45
CA VAL J 47 26.46 35.54 38.16
C VAL J 47 27.06 36.50 37.13
N VAL J 48 27.74 35.95 36.13
CA VAL J 48 28.31 36.75 35.05
C VAL J 48 27.87 36.11 33.75
N ASP J 49 27.49 36.94 32.80
CA ASP J 49 27.07 36.43 31.52
C ASP J 49 28.35 36.65 30.74
N VAL J 50 28.84 35.61 30.08
CA VAL J 50 30.08 35.69 29.35
C VAL J 50 30.00 35.11 27.93
N VAL J 51 30.71 35.73 27.00
CA VAL J 51 30.74 35.22 25.63
C VAL J 51 32.20 34.86 25.36
N PHE J 52 32.47 33.58 25.17
CA PHE J 52 33.84 33.16 24.94
C PHE J 52 33.95 32.23 23.75
N TRP J 53 35.19 31.98 23.33
CA TRP J 53 35.47 31.17 22.15
C TRP J 53 36.39 30.01 22.58
N LEU J 54 35.80 28.86 22.89
CA LEU J 54 36.62 27.72 23.29
C LEU J 54 37.38 27.14 22.11
N GLN J 55 38.65 26.87 22.33
CA GLN J 55 39.53 26.28 21.33
C GLN J 55 39.95 24.89 21.81
N MET J 56 39.40 23.86 21.19
CA MET J 56 39.73 22.49 21.55
C MET J 56 40.31 21.72 20.39
N SER J 57 41.31 20.89 20.67
CA SER J 57 41.93 20.06 19.65
C SER J 57 42.41 18.80 20.31
N TRP J 58 42.40 17.70 19.57
CA TRP J 58 42.83 16.40 20.07
C TRP J 58 43.07 15.50 18.87
N THR J 59 43.46 14.25 19.12
CA THR J 59 43.72 13.32 18.02
C THR J 59 42.88 12.06 18.12
N ASP J 60 42.15 11.78 17.05
CA ASP J 60 41.29 10.61 17.00
C ASP J 60 41.96 9.68 16.01
N HIS J 61 42.65 8.64 16.48
CA HIS J 61 43.32 7.75 15.55
C HIS J 61 42.37 7.05 14.56
N TYR J 62 41.11 6.86 14.93
CA TYR J 62 40.14 6.24 14.03
C TYR J 62 39.87 7.15 12.83
N LEU J 63 40.23 8.43 12.94
CA LEU J 63 39.95 9.39 11.88
C LEU J 63 41.08 9.81 10.97
N GLN J 64 42.00 8.91 10.63
CA GLN J 64 43.05 9.31 9.71
C GLN J 64 42.90 8.52 8.42
N TRP J 65 43.52 9.00 7.35
CA TRP J 65 43.43 8.33 6.07
C TRP J 65 44.70 8.48 5.24
N ASN J 66 44.86 7.59 4.26
CA ASN J 66 46.02 7.61 3.36
C ASN J 66 45.76 8.76 2.39
N VAL J 67 46.50 9.86 2.53
CA VAL J 67 46.30 11.01 1.66
C VAL J 67 46.34 10.68 0.17
N SER J 68 46.85 9.48 -0.16
CA SER J 68 46.94 9.00 -1.54
C SER J 68 45.56 8.60 -2.02
N GLU J 69 45.00 7.56 -1.39
CA GLU J 69 43.68 7.02 -1.70
C GLU J 69 42.60 8.07 -1.86
N TYR J 70 42.84 9.27 -1.32
CA TYR J 70 41.89 10.37 -1.42
C TYR J 70 42.69 11.60 -1.86
N PRO J 71 42.92 11.73 -3.18
CA PRO J 71 43.64 12.79 -3.90
C PRO J 71 43.80 14.14 -3.23
N GLY J 72 42.92 15.09 -3.56
CA GLY J 72 43.02 16.42 -3.00
C GLY J 72 42.52 16.65 -1.59
N VAL J 73 41.89 15.64 -0.99
CA VAL J 73 41.34 15.77 0.36
C VAL J 73 42.38 16.00 1.47
N LYS J 74 42.54 17.27 1.87
CA LYS J 74 43.49 17.65 2.92
C LYS J 74 42.85 17.64 4.30
N GLN J 75 41.62 18.10 4.38
CA GLN J 75 40.88 18.14 5.63
C GLN J 75 39.39 18.06 5.35
N VAL J 76 38.61 17.71 6.37
CA VAL J 76 37.17 17.64 6.20
C VAL J 76 36.45 18.34 7.34
N SER J 77 35.30 18.94 7.02
CA SER J 77 34.47 19.64 7.98
C SER J 77 33.30 18.70 8.33
N VAL J 78 33.37 18.13 9.54
CA VAL J 78 32.40 17.17 10.03
C VAL J 78 31.53 17.69 11.17
N PRO J 79 30.27 17.24 11.25
CA PRO J 79 29.34 17.68 12.30
C PRO J 79 29.78 17.03 13.62
N ILE J 80 29.88 17.78 14.71
CA ILE J 80 30.34 17.16 15.96
C ILE J 80 29.49 15.99 16.43
N SER J 81 28.29 15.88 15.88
CA SER J 81 27.39 14.79 16.25
C SER J 81 27.86 13.50 15.61
N SER J 82 28.70 13.65 14.61
CA SER J 82 29.25 12.54 13.85
C SER J 82 30.54 11.90 14.39
N LEU J 83 31.20 12.56 15.33
CA LEU J 83 32.42 12.03 15.90
C LEU J 83 32.50 12.29 17.41
N TRP J 84 33.49 11.68 18.07
CA TRP J 84 33.65 11.84 19.50
C TRP J 84 34.21 13.21 19.82
N VAL J 85 33.64 13.86 20.82
CA VAL J 85 34.07 15.19 21.27
C VAL J 85 34.20 15.21 22.79
N PRO J 86 35.22 15.90 23.30
CA PRO J 86 35.43 15.99 24.75
C PRO J 86 34.14 16.40 25.43
N ASP J 87 33.75 15.68 26.47
CA ASP J 87 32.54 16.00 27.18
C ASP J 87 32.89 17.03 28.25
N LEU J 88 33.48 18.16 27.82
CA LEU J 88 33.83 19.22 28.75
C LEU J 88 32.60 19.79 29.40
N ALA J 89 32.76 20.28 30.62
CA ALA J 89 31.64 20.86 31.34
C ALA J 89 32.12 22.08 32.12
N ALA J 90 31.24 23.08 32.24
CA ALA J 90 31.57 24.27 32.99
C ALA J 90 31.11 23.97 34.40
N TYR J 91 32.04 23.46 35.20
CA TYR J 91 31.79 23.10 36.58
C TYR J 91 30.98 24.10 37.40
N ASN J 92 31.03 25.37 37.04
CA ASN J 92 30.28 26.31 37.85
C ASN J 92 29.35 27.21 37.05
N ALA J 93 28.85 26.68 35.95
CA ALA J 93 27.90 27.41 35.12
C ALA J 93 26.54 27.22 35.75
N ILE J 94 25.70 28.24 35.68
CA ILE J 94 24.36 28.13 36.23
C ILE J 94 23.32 28.19 35.11
N SER J 95 23.77 27.95 33.88
CA SER J 95 22.89 27.95 32.72
C SER J 95 23.43 27.04 31.63
N LYS J 96 22.53 26.45 30.87
CA LYS J 96 22.92 25.57 29.79
C LYS J 96 23.80 26.41 28.86
N PRO J 97 24.77 25.79 28.17
CA PRO J 97 25.59 26.64 27.30
C PRO J 97 24.87 26.87 25.97
N GLU J 98 24.89 28.11 25.50
CA GLU J 98 24.25 28.48 24.24
C GLU J 98 25.35 28.61 23.19
N VAL J 99 25.51 27.59 22.36
CA VAL J 99 26.54 27.60 21.31
C VAL J 99 26.07 28.43 20.07
N LEU J 100 26.78 29.52 19.82
CA LEU J 100 26.50 30.48 18.77
C LEU J 100 26.99 30.18 17.35
N THR J 101 27.91 29.24 17.19
CA THR J 101 28.41 28.94 15.85
C THR J 101 28.03 27.56 15.36
N PRO J 102 28.24 27.28 14.06
CA PRO J 102 27.92 25.97 13.51
C PRO J 102 28.72 24.88 14.24
N GLN J 103 28.04 23.82 14.66
CA GLN J 103 28.72 22.74 15.38
C GLN J 103 29.44 21.78 14.43
N LEU J 104 30.55 22.28 13.88
CA LEU J 104 31.38 21.54 12.94
C LEU J 104 32.81 21.48 13.44
N ALA J 105 33.47 20.36 13.17
CA ALA J 105 34.85 20.17 13.58
C ALA J 105 35.72 19.87 12.36
N LEU J 106 36.93 20.41 12.34
CA LEU J 106 37.85 20.17 11.25
C LEU J 106 38.74 18.97 11.51
N VAL J 107 38.79 18.02 10.57
CA VAL J 107 39.59 16.83 10.75
C VAL J 107 40.72 16.67 9.74
N ASN J 108 41.94 16.54 10.30
CA ASN J 108 43.22 16.38 9.60
C ASN J 108 43.34 15.00 8.96
N SER J 109 44.24 14.86 8.00
CA SER J 109 44.41 13.54 7.37
C SER J 109 45.16 12.60 8.32
N SER J 110 45.69 13.16 9.41
CA SER J 110 46.42 12.36 10.39
C SER J 110 45.56 12.12 11.62
N GLY J 111 44.29 12.54 11.53
CA GLY J 111 43.38 12.34 12.63
C GLY J 111 43.35 13.45 13.66
N HIS J 112 43.89 14.62 13.33
CA HIS J 112 43.86 15.71 14.27
C HIS J 112 42.56 16.49 14.14
N VAL J 113 41.79 16.54 15.22
CA VAL J 113 40.52 17.26 15.22
C VAL J 113 40.64 18.63 15.89
N GLN J 114 39.94 19.61 15.32
CA GLN J 114 39.92 20.97 15.83
C GLN J 114 38.42 21.31 15.92
N TYR J 115 37.99 21.90 17.05
CA TYR J 115 36.59 22.27 17.29
C TYR J 115 36.57 23.57 18.06
N LEU J 116 36.22 24.65 17.37
CA LEU J 116 36.22 25.99 17.94
C LEU J 116 34.86 26.61 18.11
N PRO J 117 34.14 26.24 19.17
CA PRO J 117 32.80 26.82 19.37
C PRO J 117 32.70 28.13 20.12
N SER J 118 31.94 29.07 19.57
CA SER J 118 31.73 30.35 20.25
C SER J 118 30.56 30.07 21.18
N ILE J 119 30.68 30.45 22.46
CA ILE J 119 29.62 30.16 23.41
C ILE J 119 29.25 31.30 24.34
N ARG J 120 27.98 31.34 24.72
CA ARG J 120 27.51 32.35 25.68
C ARG J 120 26.99 31.51 26.83
N GLN J 121 27.41 31.83 28.04
CA GLN J 121 26.97 31.05 29.19
C GLN J 121 27.06 31.88 30.45
N ARG J 122 26.24 31.55 31.45
CA ARG J 122 26.25 32.27 32.72
C ARG J 122 26.92 31.43 33.79
N PHE J 123 27.80 32.07 34.56
CA PHE J 123 28.54 31.39 35.63
C PHE J 123 28.27 31.96 37.01
N SER J 124 28.41 31.12 38.03
CA SER J 124 28.24 31.57 39.40
C SER J 124 29.54 32.28 39.71
N CYS J 125 29.45 33.53 40.13
CA CYS J 125 30.66 34.26 40.43
C CYS J 125 30.42 35.36 41.45
N ASP J 126 31.43 35.62 42.29
CA ASP J 126 31.32 36.67 43.31
C ASP J 126 31.66 38.00 42.65
N VAL J 127 30.64 38.68 42.15
CA VAL J 127 30.86 39.95 41.47
C VAL J 127 30.73 41.13 42.41
N SER J 128 31.13 40.95 43.67
CA SER J 128 31.06 41.99 44.68
C SER J 128 31.76 43.29 44.28
N GLY J 129 33.09 43.21 44.22
CA GLY J 129 33.89 44.38 43.90
C GLY J 129 34.07 44.70 42.45
N VAL J 130 33.00 44.62 41.67
CA VAL J 130 33.09 44.92 40.26
C VAL J 130 33.24 46.42 40.07
N ASP J 131 32.98 47.17 41.15
CA ASP J 131 33.10 48.63 41.13
C ASP J 131 34.31 49.17 41.85
N THR J 132 35.01 48.30 42.59
CA THR J 132 36.20 48.70 43.31
C THR J 132 37.38 48.73 42.32
N GLU J 133 38.51 49.29 42.72
CA GLU J 133 39.64 49.30 41.80
C GLU J 133 40.19 47.89 41.70
N SER J 134 39.97 47.11 42.75
CA SER J 134 40.45 45.72 42.81
C SER J 134 39.72 44.90 41.76
N GLY J 135 38.44 45.21 41.60
CA GLY J 135 37.60 44.51 40.63
C GLY J 135 37.07 43.18 41.17
N ALA J 136 36.29 42.49 40.33
CA ALA J 136 35.73 41.20 40.70
C ALA J 136 36.52 40.14 39.98
N THR J 137 36.61 38.96 40.58
CA THR J 137 37.36 37.86 39.97
C THR J 137 36.48 36.66 39.76
N CYS J 138 36.34 36.25 38.50
CA CYS J 138 35.53 35.08 38.19
C CYS J 138 36.40 33.93 37.77
N LYS J 139 36.05 32.74 38.24
CA LYS J 139 36.79 31.56 37.90
C LYS J 139 35.92 30.67 37.03
N LEU J 140 36.27 30.57 35.75
CA LEU J 140 35.53 29.71 34.83
C LEU J 140 36.25 28.36 34.77
N LYS J 141 35.73 27.38 35.50
CA LYS J 141 36.34 26.06 35.55
C LYS J 141 35.72 25.05 34.58
N PHE J 142 36.56 24.47 33.73
CA PHE J 142 36.09 23.49 32.77
C PHE J 142 36.84 22.20 32.99
N GLY J 143 36.25 21.09 32.57
CA GLY J 143 36.89 19.80 32.74
C GLY J 143 36.00 18.71 32.20
N SER J 144 36.57 17.53 31.98
CA SER J 144 35.79 16.41 31.46
C SER J 144 34.82 16.02 32.54
N TRP J 145 33.58 15.70 32.15
CA TRP J 145 32.58 15.34 33.14
C TRP J 145 32.62 13.82 33.49
N THR J 146 32.94 12.96 32.53
CA THR J 146 32.97 11.54 32.85
C THR J 146 34.33 10.82 32.73
N HIS J 147 35.30 11.45 32.11
CA HIS J 147 36.61 10.83 31.93
C HIS J 147 37.71 11.39 32.85
N HIS J 148 38.34 10.50 33.62
CA HIS J 148 39.39 10.91 34.55
C HIS J 148 40.76 11.09 33.89
N SER J 149 41.73 11.52 34.68
CA SER J 149 43.09 11.75 34.21
C SER J 149 43.63 10.73 33.23
N ARG J 150 43.50 9.45 33.57
CA ARG J 150 44.04 8.39 32.72
C ARG J 150 43.29 8.11 31.43
N GLU J 151 42.07 8.65 31.29
CA GLU J 151 41.27 8.47 30.08
C GLU J 151 41.37 9.68 29.15
N LEU J 152 41.26 10.87 29.73
CA LEU J 152 41.34 12.11 28.99
C LEU J 152 42.24 13.11 29.72
N ASP J 153 43.35 13.46 29.06
CA ASP J 153 44.33 14.40 29.60
C ASP J 153 44.11 15.81 29.08
N LEU J 154 43.50 16.65 29.92
CA LEU J 154 43.23 18.05 29.59
C LEU J 154 44.51 18.88 29.75
N GLN J 155 44.94 19.49 28.65
CA GLN J 155 46.14 20.31 28.66
C GLN J 155 45.72 21.69 28.24
N MET J 156 46.20 22.72 28.94
CA MET J 156 45.83 24.07 28.57
C MET J 156 46.79 24.61 27.52
N GLN J 157 46.66 25.89 27.20
CA GLN J 157 47.54 26.57 26.25
C GLN J 157 47.17 28.04 26.15
N GLU J 158 48.20 28.88 26.24
CA GLU J 158 48.07 30.33 26.21
C GLU J 158 46.72 30.86 25.82
N ALA J 159 46.04 31.46 26.79
CA ALA J 159 44.72 32.02 26.57
C ALA J 159 44.84 33.30 25.76
N ASP J 160 43.97 33.48 24.78
CA ASP J 160 43.98 34.68 23.95
C ASP J 160 43.10 35.76 24.59
N ILE J 161 43.58 36.99 24.60
CA ILE J 161 42.82 38.08 25.19
C ILE J 161 42.57 39.24 24.21
N SER J 162 43.02 39.06 22.98
CA SER J 162 42.85 40.08 21.96
C SER J 162 41.47 40.09 21.33
N GLY J 163 40.63 39.14 21.70
CA GLY J 163 39.29 39.12 21.15
C GLY J 163 38.36 40.01 21.95
N TYR J 164 38.80 40.38 23.15
CA TYR J 164 37.99 41.21 24.04
C TYR J 164 37.49 42.48 23.40
N ILE J 165 36.19 42.70 23.53
CA ILE J 165 35.53 43.87 22.97
C ILE J 165 36.10 45.20 23.51
N PRO J 166 36.52 46.10 22.59
CA PRO J 166 37.10 47.41 22.90
C PRO J 166 36.17 48.27 23.73
N TYR J 167 34.91 48.41 23.31
CA TYR J 167 33.95 49.21 24.09
C TYR J 167 33.64 48.34 25.31
N SER J 168 32.37 48.13 25.63
CA SER J 168 32.09 47.29 26.79
C SER J 168 32.21 48.03 28.12
N ARG J 169 31.20 47.86 28.95
CA ARG J 169 31.12 48.48 30.25
C ARG J 169 32.30 48.08 31.16
N PHE J 170 32.92 46.92 30.89
CA PHE J 170 34.03 46.42 31.74
C PHE J 170 35.42 46.35 31.10
N GLU J 171 36.46 46.58 31.91
CA GLU J 171 37.83 46.49 31.44
C GLU J 171 38.55 45.34 32.15
N LEU J 172 39.40 44.62 31.42
CA LEU J 172 40.11 43.49 31.97
C LEU J 172 41.29 43.86 32.84
N VAL J 173 41.14 43.68 34.15
CA VAL J 173 42.23 43.97 35.08
C VAL J 173 43.31 42.88 35.03
N GLY J 174 42.92 41.60 34.91
CA GLY J 174 43.89 40.52 34.85
C GLY J 174 43.32 39.20 34.34
N VAL J 175 44.17 38.33 33.80
CA VAL J 175 43.71 37.05 33.27
C VAL J 175 44.79 36.01 33.43
N THR J 176 44.40 34.82 33.88
CA THR J 176 45.34 33.72 34.06
C THR J 176 44.60 32.43 33.74
N GLN J 177 45.34 31.40 33.36
CA GLN J 177 44.73 30.11 33.02
C GLN J 177 45.65 29.01 33.53
N LYS J 178 45.13 28.06 34.29
CA LYS J 178 45.99 27.00 34.79
C LYS J 178 45.24 25.68 34.92
N ARG J 179 45.90 24.56 34.61
CA ARG J 179 45.24 23.27 34.74
C ARG J 179 45.60 22.65 36.09
N SER J 180 44.67 21.87 36.62
CA SER J 180 44.85 21.23 37.91
C SER J 180 44.28 19.81 37.89
N GLU J 181 44.54 19.08 38.96
CA GLU J 181 44.04 17.72 39.06
C GLU J 181 43.54 17.61 40.48
N ARG J 182 42.32 17.12 40.63
CA ARG J 182 41.76 16.97 41.96
C ARG J 182 41.01 15.66 42.15
N PHE J 183 40.56 15.47 43.38
CA PHE J 183 39.81 14.29 43.74
C PHE J 183 38.46 14.83 44.17
N TYR J 184 37.42 14.05 43.92
CA TYR J 184 36.09 14.49 44.28
C TYR J 184 35.38 13.48 45.18
N GLU J 185 34.45 13.98 46.00
CA GLU J 185 33.63 13.13 46.88
C GLU J 185 32.86 12.27 45.89
N CYS J 186 33.18 10.97 45.82
CA CYS J 186 32.58 10.01 44.88
C CYS J 186 33.72 9.84 43.94
N CYS J 187 33.46 9.16 42.82
CA CYS J 187 34.49 9.07 41.80
C CYS J 187 35.89 8.79 42.39
N LYS J 188 36.30 7.53 42.34
CA LYS J 188 37.59 7.08 42.85
C LYS J 188 38.83 7.82 42.32
N GLU J 189 38.92 8.00 41.00
CA GLU J 189 40.06 8.65 40.36
C GLU J 189 40.11 10.18 40.41
N PRO J 190 41.23 10.78 39.97
CA PRO J 190 41.35 12.25 39.98
C PRO J 190 40.96 12.85 38.62
N TYR J 191 40.30 14.00 38.63
CA TYR J 191 39.88 14.67 37.40
C TYR J 191 40.57 16.01 37.16
N PRO J 192 41.17 16.19 35.97
CA PRO J 192 41.87 17.43 35.60
C PRO J 192 40.89 18.51 35.17
N ASP J 193 41.27 19.77 35.38
CA ASP J 193 40.44 20.90 35.01
C ASP J 193 41.23 22.19 34.74
N VAL J 194 40.93 22.86 33.63
CA VAL J 194 41.58 24.12 33.33
C VAL J 194 40.67 25.23 33.84
N THR J 195 41.21 26.18 34.59
CA THR J 195 40.40 27.26 35.15
C THR J 195 40.83 28.63 34.68
N PHE J 196 39.96 29.29 33.93
CA PHE J 196 40.19 30.62 33.41
C PHE J 196 39.76 31.63 34.49
N THR J 197 40.72 32.36 35.06
CA THR J 197 40.37 33.33 36.08
C THR J 197 40.44 34.74 35.50
N VAL J 198 39.35 35.48 35.61
CA VAL J 198 39.30 36.84 35.05
C VAL J 198 39.00 37.84 36.13
N THR J 199 39.72 38.95 36.13
CA THR J 199 39.48 40.01 37.09
C THR J 199 39.10 41.23 36.24
N PHE J 200 37.95 41.82 36.51
CA PHE J 200 37.49 42.95 35.72
C PHE J 200 36.82 43.97 36.62
N ARG J 201 36.77 45.21 36.16
CA ARG J 201 36.15 46.30 36.91
C ARG J 201 35.39 47.20 35.95
N LYS J 202 34.40 47.90 36.47
CA LYS J 202 33.58 48.80 35.66
C LYS J 202 34.39 50.02 35.23
N LYS J 203 34.43 50.30 33.93
CA LYS J 203 35.16 51.45 33.42
C LYS J 203 34.63 52.74 34.01
N GLY J 204 35.51 53.73 34.16
CA GLY J 204 35.10 55.01 34.72
C GLY J 204 34.68 54.91 36.18
#